data_4R61
# 
_entry.id   4R61 
# 
_audit_conform.dict_name       mmcif_pdbx.dic 
_audit_conform.dict_version    5.379 
_audit_conform.dict_location   http://mmcif.pdb.org/dictionaries/ascii/mmcif_pdbx.dic 
# 
loop_
_database_2.database_id 
_database_2.database_code 
_database_2.pdbx_database_accession 
_database_2.pdbx_DOI 
PDB   4R61         pdb_00004r61 10.2210/pdb4r61/pdb 
RCSB  RCSB086943   ?            ?                   
WWPDB D_1000086943 ?            ?                   
# 
_pdbx_database_status.entry_id                        4R61 
_pdbx_database_status.status_code                     REL 
_pdbx_database_status.deposit_site                    RCSB 
_pdbx_database_status.process_site                    RCSB 
_pdbx_database_status.recvd_initial_deposition_date   2014-08-22 
_pdbx_database_status.status_code_sf                  REL 
_pdbx_database_status.status_code_mr                  ? 
_pdbx_database_status.SG_entry                        ? 
_pdbx_database_status.status_code_cs                  ? 
_pdbx_database_status.methods_development_category    ? 
_pdbx_database_status.pdb_format_compatible           Y 
_pdbx_database_status.status_code_nmr_data            ? 
# 
loop_
_audit_author.name 
_audit_author.pdbx_ordinal 
'Camara-Artigas, A.' 1 
'Conejero-Lara, F.'  2 
'Crespillo, S.'      3 
'Casares, S.'        4 
# 
_citation.id                        primary 
_citation.title                     
'Single-chain protein mimetics of the N-terminal heptad-repeat region of gp41 with potential as anti-HIV-1 drugs.' 
_citation.journal_abbrev            Proc.Natl.Acad.Sci.USA 
_citation.journal_volume            111 
_citation.page_first                18207 
_citation.page_last                 18212 
_citation.year                      2014 
_citation.journal_id_ASTM           PNASA6 
_citation.country                   US 
_citation.journal_id_ISSN           0027-8424 
_citation.journal_id_CSD            0040 
_citation.book_publisher            ? 
_citation.pdbx_database_id_PubMed   25489108 
_citation.pdbx_database_id_DOI      10.1073/pnas.1413592112 
# 
loop_
_citation_author.citation_id 
_citation_author.name 
_citation_author.ordinal 
_citation_author.identifier_ORCID 
primary 'Crespillo, S.'      1  ? 
primary 'Camara-Artigas, A.' 2  ? 
primary 'Casares, S.'        3  ? 
primary 'Morel, B.'          4  ? 
primary 'Cobos, E.S.'        5  ? 
primary 'Mateo, P.L.'        6  ? 
primary 'Mouz, N.'           7  ? 
primary 'Martin, C.E.'       8  ? 
primary 'Roger, M.G.'        9  ? 
primary 'El Habib, R.'       10 ? 
primary 'Su, B.'             11 ? 
primary 'Moog, C.'           12 ? 
primary 'Conejero-Lara, F.'  13 ? 
# 
_cell.length_a           57.956 
_cell.length_b           57.956 
_cell.length_c           257.671 
_cell.angle_alpha        90.000 
_cell.angle_beta         90.000 
_cell.angle_gamma        120.000 
_cell.entry_id           4R61 
_cell.pdbx_unique_axis   ? 
_cell.Z_PDB              18 
_cell.length_a_esd       ? 
_cell.length_b_esd       ? 
_cell.length_c_esd       ? 
_cell.angle_alpha_esd    ? 
_cell.angle_beta_esd     ? 
_cell.angle_gamma_esd    ? 
# 
_symmetry.space_group_name_H-M             'H 3 2' 
_symmetry.entry_id                         4R61 
_symmetry.Int_Tables_number                155 
_symmetry.pdbx_full_space_group_name_H-M   ? 
_symmetry.cell_setting                     ? 
_symmetry.space_group_name_Hall            ? 
# 
_entity.id                         1 
_entity.type                       polymer 
_entity.src_method                 man 
_entity.pdbx_description           'gp41-based construct covNHR3-ABC' 
_entity.formula_weight             20265.139 
_entity.pdbx_number_of_molecules   1 
_entity.pdbx_ec                    ? 
_entity.pdbx_mutation              ? 
_entity.pdbx_fragment              ? 
_entity.details                    ? 
# 
_entity_poly.entity_id                      1 
_entity_poly.type                           'polypeptide(L)' 
_entity_poly.nstd_linkage                   no 
_entity_poly.nstd_monomer                   no 
_entity_poly.pdbx_seq_one_letter_code       
;MARQELSGIEQKQNNLLRQIEAQQHLLQLTVSKIKQLQARILAVERYLKDQQLGKGNQPQQDKLYREVALIRAQLQKIES
ETLQLLHQQAEIERELNNQEQEIGSLKQRGLIDGPLLSGIDQRQNNLKRAIEAQKHLLQLTVWGIKQLQARILAVERYLK
DQQLGGGGSHHHHHH
;
_entity_poly.pdbx_seq_one_letter_code_can   
;MARQELSGIEQKQNNLLRQIEAQQHLLQLTVSKIKQLQARILAVERYLKDQQLGKGNQPQQDKLYREVALIRAQLQKIES
ETLQLLHQQAEIERELNNQEQEIGSLKQRGLIDGPLLSGIDQRQNNLKRAIEAQKHLLQLTVWGIKQLQARILAVERYLK
DQQLGGGGSHHHHHH
;
_entity_poly.pdbx_strand_id                 A 
_entity_poly.pdbx_target_identifier         ? 
# 
loop_
_entity_poly_seq.entity_id 
_entity_poly_seq.num 
_entity_poly_seq.mon_id 
_entity_poly_seq.hetero 
1 1   MET n 
1 2   ALA n 
1 3   ARG n 
1 4   GLN n 
1 5   GLU n 
1 6   LEU n 
1 7   SER n 
1 8   GLY n 
1 9   ILE n 
1 10  GLU n 
1 11  GLN n 
1 12  LYS n 
1 13  GLN n 
1 14  ASN n 
1 15  ASN n 
1 16  LEU n 
1 17  LEU n 
1 18  ARG n 
1 19  GLN n 
1 20  ILE n 
1 21  GLU n 
1 22  ALA n 
1 23  GLN n 
1 24  GLN n 
1 25  HIS n 
1 26  LEU n 
1 27  LEU n 
1 28  GLN n 
1 29  LEU n 
1 30  THR n 
1 31  VAL n 
1 32  SER n 
1 33  LYS n 
1 34  ILE n 
1 35  LYS n 
1 36  GLN n 
1 37  LEU n 
1 38  GLN n 
1 39  ALA n 
1 40  ARG n 
1 41  ILE n 
1 42  LEU n 
1 43  ALA n 
1 44  VAL n 
1 45  GLU n 
1 46  ARG n 
1 47  TYR n 
1 48  LEU n 
1 49  LYS n 
1 50  ASP n 
1 51  GLN n 
1 52  GLN n 
1 53  LEU n 
1 54  GLY n 
1 55  LYS n 
1 56  GLY n 
1 57  ASN n 
1 58  GLN n 
1 59  PRO n 
1 60  GLN n 
1 61  GLN n 
1 62  ASP n 
1 63  LYS n 
1 64  LEU n 
1 65  TYR n 
1 66  ARG n 
1 67  GLU n 
1 68  VAL n 
1 69  ALA n 
1 70  LEU n 
1 71  ILE n 
1 72  ARG n 
1 73  ALA n 
1 74  GLN n 
1 75  LEU n 
1 76  GLN n 
1 77  LYS n 
1 78  ILE n 
1 79  GLU n 
1 80  SER n 
1 81  GLU n 
1 82  THR n 
1 83  LEU n 
1 84  GLN n 
1 85  LEU n 
1 86  LEU n 
1 87  HIS n 
1 88  GLN n 
1 89  GLN n 
1 90  ALA n 
1 91  GLU n 
1 92  ILE n 
1 93  GLU n 
1 94  ARG n 
1 95  GLU n 
1 96  LEU n 
1 97  ASN n 
1 98  ASN n 
1 99  GLN n 
1 100 GLU n 
1 101 GLN n 
1 102 GLU n 
1 103 ILE n 
1 104 GLY n 
1 105 SER n 
1 106 LEU n 
1 107 LYS n 
1 108 GLN n 
1 109 ARG n 
1 110 GLY n 
1 111 LEU n 
1 112 ILE n 
1 113 ASP n 
1 114 GLY n 
1 115 PRO n 
1 116 LEU n 
1 117 LEU n 
1 118 SER n 
1 119 GLY n 
1 120 ILE n 
1 121 ASP n 
1 122 GLN n 
1 123 ARG n 
1 124 GLN n 
1 125 ASN n 
1 126 ASN n 
1 127 LEU n 
1 128 LYS n 
1 129 ARG n 
1 130 ALA n 
1 131 ILE n 
1 132 GLU n 
1 133 ALA n 
1 134 GLN n 
1 135 LYS n 
1 136 HIS n 
1 137 LEU n 
1 138 LEU n 
1 139 GLN n 
1 140 LEU n 
1 141 THR n 
1 142 VAL n 
1 143 TRP n 
1 144 GLY n 
1 145 ILE n 
1 146 LYS n 
1 147 GLN n 
1 148 LEU n 
1 149 GLN n 
1 150 ALA n 
1 151 ARG n 
1 152 ILE n 
1 153 LEU n 
1 154 ALA n 
1 155 VAL n 
1 156 GLU n 
1 157 ARG n 
1 158 TYR n 
1 159 LEU n 
1 160 LYS n 
1 161 ASP n 
1 162 GLN n 
1 163 GLN n 
1 164 LEU n 
1 165 GLY n 
1 166 GLY n 
1 167 GLY n 
1 168 GLY n 
1 169 SER n 
1 170 HIS n 
1 171 HIS n 
1 172 HIS n 
1 173 HIS n 
1 174 HIS n 
1 175 HIS n 
# 
_entity_src_gen.entity_id                          1 
_entity_src_gen.pdbx_src_id                        1 
_entity_src_gen.pdbx_alt_source_flag               sample 
_entity_src_gen.pdbx_seq_type                      ? 
_entity_src_gen.pdbx_beg_seq_num                   ? 
_entity_src_gen.pdbx_end_seq_num                   ? 
_entity_src_gen.gene_src_common_name               HIV-1 
_entity_src_gen.gene_src_genus                     ? 
_entity_src_gen.pdbx_gene_src_gene                 ? 
_entity_src_gen.gene_src_species                   ? 
_entity_src_gen.gene_src_strain                    ? 
_entity_src_gen.gene_src_tissue                    ? 
_entity_src_gen.gene_src_tissue_fraction           ? 
_entity_src_gen.gene_src_details                   ? 
_entity_src_gen.pdbx_gene_src_fragment             ? 
_entity_src_gen.pdbx_gene_src_scientific_name      'Human immunodeficiency virus 1' 
_entity_src_gen.pdbx_gene_src_ncbi_taxonomy_id     11676 
_entity_src_gen.pdbx_gene_src_variant              ? 
_entity_src_gen.pdbx_gene_src_cell_line            ? 
_entity_src_gen.pdbx_gene_src_atcc                 ? 
_entity_src_gen.pdbx_gene_src_organ                ? 
_entity_src_gen.pdbx_gene_src_organelle            ? 
_entity_src_gen.pdbx_gene_src_cell                 ? 
_entity_src_gen.pdbx_gene_src_cellular_location    ? 
_entity_src_gen.host_org_common_name               ? 
_entity_src_gen.pdbx_host_org_scientific_name      'Escherichia coli' 
_entity_src_gen.pdbx_host_org_ncbi_taxonomy_id     562 
_entity_src_gen.host_org_genus                     ? 
_entity_src_gen.pdbx_host_org_gene                 ? 
_entity_src_gen.pdbx_host_org_organ                ? 
_entity_src_gen.host_org_species                   ? 
_entity_src_gen.pdbx_host_org_tissue               ? 
_entity_src_gen.pdbx_host_org_tissue_fraction      ? 
_entity_src_gen.pdbx_host_org_strain               ? 
_entity_src_gen.pdbx_host_org_variant              ? 
_entity_src_gen.pdbx_host_org_cell_line            ? 
_entity_src_gen.pdbx_host_org_atcc                 ? 
_entity_src_gen.pdbx_host_org_culture_collection   ? 
_entity_src_gen.pdbx_host_org_cell                 ? 
_entity_src_gen.pdbx_host_org_organelle            ? 
_entity_src_gen.pdbx_host_org_cellular_location    ? 
_entity_src_gen.pdbx_host_org_vector_type          ? 
_entity_src_gen.pdbx_host_org_vector               ? 
_entity_src_gen.host_org_details                   ? 
_entity_src_gen.expression_system_id               ? 
_entity_src_gen.plasmid_name                       ? 
_entity_src_gen.plasmid_details                    ? 
_entity_src_gen.pdbx_description                   ? 
# 
_struct_ref.id                         1 
_struct_ref.db_name                    PDB 
_struct_ref.db_code                    4R61 
_struct_ref.pdbx_db_accession          4R61 
_struct_ref.entity_id                  1 
_struct_ref.pdbx_align_begin           1 
_struct_ref.pdbx_seq_one_letter_code   
;MARQELSGIEQKQNNLLRQIEAQQHLLQLTVSKIKQLQARILAVERYLKDQQLGKGNQPQQDKLYREVALIRAQLQKIES
ETLQLLHQQAEIERELNNQEQEIGSLKQRGLIDGPLLSGIDQRQNNLKRAIEAQKHLLQLTVWGIKQLQARILAVERYLK
DQQLGGGGSHHHHHH
;
_struct_ref.pdbx_db_isoform            ? 
# 
_struct_ref_seq.align_id                      1 
_struct_ref_seq.ref_id                        1 
_struct_ref_seq.pdbx_PDB_id_code              4R61 
_struct_ref_seq.pdbx_strand_id                A 
_struct_ref_seq.seq_align_beg                 1 
_struct_ref_seq.pdbx_seq_align_beg_ins_code   ? 
_struct_ref_seq.seq_align_end                 175 
_struct_ref_seq.pdbx_seq_align_end_ins_code   ? 
_struct_ref_seq.pdbx_db_accession             4R61 
_struct_ref_seq.db_align_beg                  1 
_struct_ref_seq.pdbx_db_align_beg_ins_code    ? 
_struct_ref_seq.db_align_end                  175 
_struct_ref_seq.pdbx_db_align_end_ins_code    ? 
_struct_ref_seq.pdbx_auth_seq_align_beg       1 
_struct_ref_seq.pdbx_auth_seq_align_end       175 
# 
loop_
_chem_comp.id 
_chem_comp.type 
_chem_comp.mon_nstd_flag 
_chem_comp.name 
_chem_comp.pdbx_synonyms 
_chem_comp.formula 
_chem_comp.formula_weight 
ALA 'L-peptide linking' y ALANINE         ? 'C3 H7 N O2'     89.093  
ARG 'L-peptide linking' y ARGININE        ? 'C6 H15 N4 O2 1' 175.209 
ASN 'L-peptide linking' y ASPARAGINE      ? 'C4 H8 N2 O3'    132.118 
ASP 'L-peptide linking' y 'ASPARTIC ACID' ? 'C4 H7 N O4'     133.103 
GLN 'L-peptide linking' y GLUTAMINE       ? 'C5 H10 N2 O3'   146.144 
GLU 'L-peptide linking' y 'GLUTAMIC ACID' ? 'C5 H9 N O4'     147.129 
GLY 'peptide linking'   y GLYCINE         ? 'C2 H5 N O2'     75.067  
HIS 'L-peptide linking' y HISTIDINE       ? 'C6 H10 N3 O2 1' 156.162 
ILE 'L-peptide linking' y ISOLEUCINE      ? 'C6 H13 N O2'    131.173 
LEU 'L-peptide linking' y LEUCINE         ? 'C6 H13 N O2'    131.173 
LYS 'L-peptide linking' y LYSINE          ? 'C6 H15 N2 O2 1' 147.195 
MET 'L-peptide linking' y METHIONINE      ? 'C5 H11 N O2 S'  149.211 
PRO 'L-peptide linking' y PROLINE         ? 'C5 H9 N O2'     115.130 
SER 'L-peptide linking' y SERINE          ? 'C3 H7 N O3'     105.093 
THR 'L-peptide linking' y THREONINE       ? 'C4 H9 N O3'     119.119 
TRP 'L-peptide linking' y TRYPTOPHAN      ? 'C11 H12 N2 O2'  204.225 
TYR 'L-peptide linking' y TYROSINE        ? 'C9 H11 N O3'    181.189 
VAL 'L-peptide linking' y VALINE          ? 'C5 H11 N O2'    117.146 
# 
_exptl.crystals_number   1 
_exptl.entry_id          4R61 
_exptl.method            'X-RAY DIFFRACTION' 
# 
_exptl_crystal.id                    1 
_exptl_crystal.density_Matthews      2.05 
_exptl_crystal.density_meas          ? 
_exptl_crystal.density_percent_sol   40.14 
_exptl_crystal.description           ? 
_exptl_crystal.F_000                 ? 
_exptl_crystal.preparation           ? 
# 
_exptl_crystal_grow.crystal_id      1 
_exptl_crystal_grow.method          'VAPOR DIFFUSION, SITTING DROP' 
_exptl_crystal_grow.pH              4.6 
_exptl_crystal_grow.temp            298 
_exptl_crystal_grow.pdbx_details    
'2 M sodium chloride, 0.1 M sodium acetate trihydrate, pH 4.6, VAPOR DIFFUSION, SITTING DROP, temperature 298K' 
_exptl_crystal_grow.temp_details    ? 
_exptl_crystal_grow.pdbx_pH_range   ? 
# 
loop_
_diffrn.id 
_diffrn.ambient_temp 
_diffrn.ambient_temp_details 
_diffrn.crystal_id 
1 100 ? 1 
2 100 ? 1 
# 
loop_
_diffrn_detector.diffrn_id 
_diffrn_detector.detector 
_diffrn_detector.type 
_diffrn_detector.pdbx_collection_date 
_diffrn_detector.details 
1 PIXEL 'DECTRIS PILATUS 6M' 2014-02-10 'cylindrical grazing incidence mirror' 
2 PIXEL 'DECTRIS PILATUS 6M' 2013-10-24 'KB focusing mirrors'                  
# 
loop_
_diffrn_radiation.diffrn_id 
_diffrn_radiation.pdbx_diffrn_protocol 
_diffrn_radiation.monochromator 
_diffrn_radiation.wavelength_id 
_diffrn_radiation.pdbx_monochromatic_or_laue_m_l 
_diffrn_radiation.pdbx_scattering_type 
1 'SINGLE WAVELENGTH' 'liquid nitrogen-cooled channel-cut Si(111)' 1 M x-ray 
2 'SINGLE WAVELENGTH' 'channel-cut Si(111)'                        1 M x-ray 
# 
loop_
_diffrn_radiation_wavelength.id 
_diffrn_radiation_wavelength.wavelength 
_diffrn_radiation_wavelength.wt 
1 0.96869 1.0 
2 0.97926 1.0 
# 
loop_
_diffrn_source.diffrn_id 
_diffrn_source.source 
_diffrn_source.type 
_diffrn_source.pdbx_wavelength_list 
_diffrn_source.pdbx_wavelength 
_diffrn_source.pdbx_synchrotron_site 
_diffrn_source.pdbx_synchrotron_beamline 
1 SYNCHROTRON 'ESRF BEAMLINE ID29'  0.96869 ? ESRF ID29  
2 SYNCHROTRON 'ALBA BEAMLINE XALOC' 0.97926 ? ALBA XALOC 
# 
_reflns.entry_id                     4R61 
_reflns.d_resolution_high            3.100 
_reflns.d_resolution_low             19.8 
_reflns.number_obs                   3278 
_reflns.pdbx_scaling_rejects         634 
_reflns.pdbx_Rmerge_I_obs            0.090 
_reflns.pdbx_netI_over_sigmaI        130.8 
_reflns.pdbx_redundancy              8.6 
_reflns.percent_possible_obs         99.6 
_reflns.B_iso_Wilson_estimate        44.52 
_reflns.observed_criterion_sigma_F   0 
_reflns.observed_criterion_sigma_I   0 
_reflns.number_all                   5202 
_reflns.pdbx_Rsym_value              ? 
_reflns.R_free_details               ? 
_reflns.limit_h_max                  ? 
_reflns.limit_h_min                  ? 
_reflns.limit_k_max                  ? 
_reflns.limit_k_min                  ? 
_reflns.limit_l_max                  ? 
_reflns.limit_l_min                  ? 
_reflns.observed_criterion_F_max     ? 
_reflns.observed_criterion_F_min     ? 
_reflns.pdbx_chi_squared             ? 
_reflns.pdbx_ordinal                 1 
_reflns.pdbx_diffrn_id               1,2 
# 
loop_
_reflns_shell.d_res_high 
_reflns_shell.d_res_low 
_reflns_shell.number_measured_obs 
_reflns_shell.number_measured_all 
_reflns_shell.number_unique_obs 
_reflns_shell.Rmerge_I_obs 
_reflns_shell.meanI_over_sigI_obs 
_reflns_shell.pdbx_Rsym_value 
_reflns_shell.pdbx_chi_squared 
_reflns_shell.pdbx_redundancy 
_reflns_shell.percent_possible_obs 
_reflns_shell.number_unique_all 
_reflns_shell.percent_possible_all 
_reflns_shell.pdbx_ordinal 
_reflns_shell.pdbx_diffrn_id 
3.100 3.310  ? 4637 ? 0.327 41.9  ? ? 8.0 ? 582 100.0 1 1,2 
8.770 19.800 ? 1430 ? 0.024 357.2 ? ? 9.1 ? 158 91.7  2 1,2 
# 
_refine.entry_id                                 4R61 
_refine.ls_d_res_high                            3.100 
_refine.ls_d_res_low                             17.803 
_refine.pdbx_ls_sigma_F                          1.91 
_refine.pdbx_data_cutoff_high_absF               ? 
_refine.pdbx_data_cutoff_low_absF                ? 
_refine.ls_percent_reflns_obs                    96.76 
_refine.ls_number_reflns_obs                     3211 
_refine.ls_number_reflns_all                     ? 
_refine.pdbx_ls_cross_valid_method               THROUGHOUT 
_refine.pdbx_R_Free_selection_details            RANDOM 
_refine.details                                  ? 
_refine.ls_R_factor_all                          0.2495 
_refine.ls_R_factor_obs                          ? 
_refine.ls_R_factor_R_work                       0.2469 
_refine.ls_wR_factor_R_work                      ? 
_refine.ls_R_factor_R_free                       0.2893 
_refine.ls_wR_factor_R_free                      ? 
_refine.ls_percent_reflns_R_free                 5.54 
_refine.ls_number_reflns_R_free                  314 
_refine.ls_R_factor_R_free_error                 ? 
_refine.B_iso_mean                               72.45 
_refine.solvent_model_param_bsol                 ? 
_refine.solvent_model_param_ksol                 ? 
_refine.pdbx_isotropic_thermal_model             ? 
_refine.aniso_B[1][1]                            ? 
_refine.aniso_B[2][2]                            ? 
_refine.aniso_B[3][3]                            ? 
_refine.aniso_B[1][2]                            ? 
_refine.aniso_B[1][3]                            ? 
_refine.aniso_B[2][3]                            ? 
_refine.correlation_coeff_Fo_to_Fc               ? 
_refine.correlation_coeff_Fo_to_Fc_free          ? 
_refine.overall_SU_R_Cruickshank_DPI             ? 
_refine.overall_SU_R_free                        ? 
_refine.pdbx_overall_ESU_R                       ? 
_refine.pdbx_overall_ESU_R_Free                  ? 
_refine.overall_SU_ML                            0.3100 
_refine.overall_SU_B                             ? 
_refine.solvent_model_details                    'FLAT BULK SOLVENT MODEL' 
_refine.pdbx_solvent_vdw_probe_radii             1.1100 
_refine.pdbx_solvent_ion_probe_radii             ? 
_refine.pdbx_solvent_shrinkage_radii             0.9000 
_refine.ls_number_parameters                     ? 
_refine.ls_number_restraints                     ? 
_refine.pdbx_starting_model                      'PDB ENTRY 2XRA' 
_refine.pdbx_method_to_determine_struct          'MOLECULAR REPLACEMENT' 
_refine.pdbx_stereochemistry_target_values       ML 
_refine.pdbx_stereochem_target_val_spec_case     ? 
_refine.overall_FOM_work_R_set                   ? 
_refine.B_iso_max                                198.970 
_refine.B_iso_min                                12.990 
_refine.pdbx_overall_phase_error                 30.8300 
_refine.occupancy_max                            ? 
_refine.occupancy_min                            ? 
_refine.pdbx_ls_sigma_I                          0 
_refine.ls_redundancy_reflns_obs                 ? 
_refine.ls_R_factor_R_free_error_details         ? 
_refine.pdbx_data_cutoff_high_rms_absF           ? 
_refine.overall_FOM_free_R_set                   ? 
_refine.pdbx_diffrn_id                           1,2 
_refine.pdbx_refine_id                           'X-RAY DIFFRACTION' 
_refine.pdbx_TLS_residual_ADP_flag               ? 
_refine.pdbx_overall_SU_R_free_Cruickshank_DPI   ? 
_refine.pdbx_overall_SU_R_Blow_DPI               ? 
_refine.pdbx_overall_SU_R_free_Blow_DPI          ? 
# 
_refine_hist.pdbx_refine_id                   'X-RAY DIFFRACTION' 
_refine_hist.cycle_id                         LAST 
_refine_hist.pdbx_number_atoms_protein        1141 
_refine_hist.pdbx_number_atoms_nucleic_acid   0 
_refine_hist.pdbx_number_atoms_ligand         0 
_refine_hist.number_atoms_solvent             0 
_refine_hist.number_atoms_total               1141 
_refine_hist.d_res_high                       3.100 
_refine_hist.d_res_low                        17.803 
# 
loop_
_refine_ls_restr.type 
_refine_ls_restr.number 
_refine_ls_restr.dev_ideal 
_refine_ls_restr.dev_ideal_target 
_refine_ls_restr.weight 
_refine_ls_restr.pdbx_restraint_function 
_refine_ls_restr.pdbx_refine_id 
f_bond_d           1147 0.005  ? ? ? 'X-RAY DIFFRACTION' 
f_angle_d          1538 0.586  ? ? ? 'X-RAY DIFFRACTION' 
f_chiral_restr     179  0.027  ? ? ? 'X-RAY DIFFRACTION' 
f_plane_restr      201  0.002  ? ? ? 'X-RAY DIFFRACTION' 
f_dihedral_angle_d 456  14.109 ? ? ? 'X-RAY DIFFRACTION' 
# 
loop_
_refine_ls_shell.d_res_high 
_refine_ls_shell.d_res_low 
_refine_ls_shell.pdbx_total_number_of_bins_used 
_refine_ls_shell.percent_reflns_obs 
_refine_ls_shell.number_reflns_R_work 
_refine_ls_shell.R_factor_all 
_refine_ls_shell.R_factor_R_work 
_refine_ls_shell.R_factor_R_free 
_refine_ls_shell.percent_reflns_R_free 
_refine_ls_shell.number_reflns_R_free 
_refine_ls_shell.R_factor_R_free_error 
_refine_ls_shell.number_reflns_all 
_refine_ls_shell.number_reflns_obs 
_refine_ls_shell.redundancy_reflns_obs 
_refine_ls_shell.pdbx_refine_id 
3.100  3.8990  2 95.0 2642 . 0.2922 0.3117 . 152 . 2794 . . 'X-RAY DIFFRACTION' 
3.8990 17.8029 2 98.0 2712 . 0.2165 0.2730 . 162 . 2874 . . 'X-RAY DIFFRACTION' 
# 
_struct.entry_id                  4R61 
_struct.title                     
'Crystal structure of a rationally designed single-chain protein mimicking a trimeric gp41 N-terminal heptad-repeat region' 
_struct.pdbx_model_details        ? 
_struct.pdbx_CASP_flag            ? 
_struct.pdbx_model_type_details   ? 
# 
_struct_keywords.entry_id        4R61 
_struct_keywords.text            'coiled-coil, VIRAL PROTEIN' 
_struct_keywords.pdbx_keywords   'VIRAL PROTEIN' 
# 
_struct_asym.id                            A 
_struct_asym.pdbx_blank_PDB_chainid_flag   N 
_struct_asym.pdbx_modified                 N 
_struct_asym.entity_id                     1 
_struct_asym.details                       ? 
# 
_struct_biol.id        1 
_struct_biol.details   ? 
# 
loop_
_struct_conf.conf_type_id 
_struct_conf.id 
_struct_conf.pdbx_PDB_helix_id 
_struct_conf.beg_label_comp_id 
_struct_conf.beg_label_asym_id 
_struct_conf.beg_label_seq_id 
_struct_conf.pdbx_beg_PDB_ins_code 
_struct_conf.end_label_comp_id 
_struct_conf.end_label_asym_id 
_struct_conf.end_label_seq_id 
_struct_conf.pdbx_end_PDB_ins_code 
_struct_conf.beg_auth_comp_id 
_struct_conf.beg_auth_asym_id 
_struct_conf.beg_auth_seq_id 
_struct_conf.end_auth_comp_id 
_struct_conf.end_auth_asym_id 
_struct_conf.end_auth_seq_id 
_struct_conf.pdbx_PDB_helix_class 
_struct_conf.details 
_struct_conf.pdbx_PDB_helix_length 
HELX_P HELX_P1 1 ILE A 9   ? ASP A 50  ? ILE A 9   ASP A 50  1 ? 42 
HELX_P HELX_P2 2 PRO A 59  ? SER A 105 ? PRO A 59  SER A 105 1 ? 47 
HELX_P HELX_P3 3 ILE A 120 ? LYS A 160 ? ILE A 120 LYS A 160 1 ? 41 
# 
_struct_conf_type.id          HELX_P 
_struct_conf_type.criteria    ? 
_struct_conf_type.reference   ? 
# 
_atom_sites.entry_id                    4R61 
_atom_sites.fract_transf_matrix[1][1]   0.01969122 
_atom_sites.fract_transf_matrix[1][2]   -0.00209358 
_atom_sites.fract_transf_matrix[1][3]   -0.00220212 
_atom_sites.fract_transf_matrix[2][1]   0.00959875 
_atom_sites.fract_transf_matrix[2][2]   -0.01459809 
_atom_sites.fract_transf_matrix[2][3]   0.00957735 
_atom_sites.fract_transf_matrix[3][1]   -0.00058926 
_atom_sites.fract_transf_matrix[3][2]   -0.00236759 
_atom_sites.fract_transf_matrix[3][3]   -0.00301819 
_atom_sites.fract_transf_vector[1]      -0.456241 
_atom_sites.fract_transf_vector[2]      -0.370637 
_atom_sites.fract_transf_vector[3]      0.079670 
# 
loop_
_atom_type.symbol 
C 
N 
O 
# 
loop_
_atom_site.group_PDB 
_atom_site.id 
_atom_site.type_symbol 
_atom_site.label_atom_id 
_atom_site.label_alt_id 
_atom_site.label_comp_id 
_atom_site.label_asym_id 
_atom_site.label_entity_id 
_atom_site.label_seq_id 
_atom_site.pdbx_PDB_ins_code 
_atom_site.Cartn_x 
_atom_site.Cartn_y 
_atom_site.Cartn_z 
_atom_site.occupancy 
_atom_site.B_iso_or_equiv 
_atom_site.pdbx_formal_charge 
_atom_site.auth_seq_id 
_atom_site.auth_comp_id 
_atom_site.auth_asym_id 
_atom_site.auth_atom_id 
_atom_site.pdbx_PDB_model_num 
ATOM 1    N N   . GLY A 1 8   ? 0.811   -9.156  -31.762 1.00 80.44  ? 8   GLY A N   1 
ATOM 2    C CA  . GLY A 1 8   ? 1.211   -7.762  -31.685 1.00 83.27  ? 8   GLY A CA  1 
ATOM 3    C C   . GLY A 1 8   ? 0.824   -7.107  -30.371 1.00 84.88  ? 8   GLY A C   1 
ATOM 4    O O   . GLY A 1 8   ? 1.568   -6.286  -29.831 1.00 82.63  ? 8   GLY A O   1 
ATOM 5    N N   . ILE A 1 9   ? -0.346  -7.473  -29.856 1.00 177.03 ? 9   ILE A N   1 
ATOM 6    C CA  . ILE A 1 9   ? -0.844  -6.914  -28.604 1.00 176.30 ? 9   ILE A CA  1 
ATOM 7    C C   . ILE A 1 9   ? -0.388  -7.727  -27.398 1.00 177.29 ? 9   ILE A C   1 
ATOM 8    O O   . ILE A 1 9   ? -0.426  -7.244  -26.266 1.00 178.28 ? 9   ILE A O   1 
ATOM 9    C CB  . ILE A 1 9   ? -2.383  -6.841  -28.588 1.00 73.67  ? 9   ILE A CB  1 
ATOM 10   C CG1 . ILE A 1 9   ? -2.980  -8.245  -28.456 1.00 74.06  ? 9   ILE A CG1 1 
ATOM 11   C CG2 . ILE A 1 9   ? -2.899  -6.130  -29.831 1.00 73.53  ? 9   ILE A CG2 1 
ATOM 12   C CD1 . ILE A 1 9   ? -4.492  -8.264  -28.376 1.00 73.19  ? 9   ILE A CD1 1 
ATOM 13   N N   . GLU A 1 10  ? 0.031   -8.964  -27.646 1.00 137.45 ? 10  GLU A N   1 
ATOM 14   C CA  . GLU A 1 10  ? 0.502   -9.843  -26.582 1.00 137.81 ? 10  GLU A CA  1 
ATOM 15   C C   . GLU A 1 10  ? 1.663   -9.210  -25.823 1.00 139.16 ? 10  GLU A C   1 
ATOM 16   O O   . GLU A 1 10  ? 1.810   -9.408  -24.617 1.00 139.56 ? 10  GLU A O   1 
ATOM 17   C CB  . GLU A 1 10  ? 0.921   -11.199 -27.151 1.00 46.18  ? 10  GLU A CB  1 
ATOM 18   N N   . GLN A 1 11  ? 2.483   -8.446  -26.538 1.00 197.72 ? 11  GLN A N   1 
ATOM 19   C CA  . GLN A 1 11  ? 3.616   -7.758  -25.931 1.00 198.40 ? 11  GLN A CA  1 
ATOM 20   C C   . GLN A 1 11  ? 3.136   -6.800  -24.849 1.00 197.26 ? 11  GLN A C   1 
ATOM 21   O O   . GLN A 1 11  ? 3.698   -6.746  -23.753 1.00 198.97 ? 11  GLN A O   1 
ATOM 22   C CB  . GLN A 1 11  ? 4.421   -7.003  -26.990 1.00 106.93 ? 11  GLN A CB  1 
ATOM 23   N N   . LYS A 1 12  ? 2.084   -6.052  -25.167 1.00 125.12 ? 12  LYS A N   1 
ATOM 24   C CA  . LYS A 1 12  ? 1.495   -5.110  -24.225 1.00 126.05 ? 12  LYS A CA  1 
ATOM 25   C C   . LYS A 1 12  ? 0.969   -5.838  -22.991 1.00 125.69 ? 12  LYS A C   1 
ATOM 26   O O   . LYS A 1 12  ? 1.194   -5.405  -21.858 1.00 126.52 ? 12  LYS A O   1 
ATOM 27   C CB  . LYS A 1 12  ? 0.369   -4.322  -24.897 1.00 60.04  ? 12  LYS A CB  1 
ATOM 28   N N   . GLN A 1 13  ? 0.273   -6.947  -23.222 1.00 101.24 ? 13  GLN A N   1 
ATOM 29   C CA  . GLN A 1 13  ? -0.255  -7.769  -22.138 1.00 101.34 ? 13  GLN A CA  1 
ATOM 30   C C   . GLN A 1 13  ? 0.866   -8.298  -21.241 1.00 104.50 ? 13  GLN A C   1 
ATOM 31   O O   . GLN A 1 13  ? 0.764   -8.248  -20.013 1.00 104.32 ? 13  GLN A O   1 
ATOM 32   C CB  . GLN A 1 13  ? -1.074  -8.932  -22.706 1.00 86.14  ? 13  GLN A CB  1 
ATOM 33   C CG  . GLN A 1 13  ? -2.350  -8.503  -23.423 1.00 86.67  ? 13  GLN A CG  1 
ATOM 34   C CD  . GLN A 1 13  ? -3.136  -9.682  -23.978 1.00 85.10  ? 13  GLN A CD  1 
ATOM 35   O OE1 . GLN A 1 13  ? -2.572  -10.578 -24.605 1.00 84.05  ? 13  GLN A OE1 1 
ATOM 36   N NE2 . GLN A 1 13  ? -4.445  -9.685  -23.745 1.00 83.52  ? 13  GLN A NE2 1 
ATOM 37   N N   . ASN A 1 14  ? 1.934   -8.801  -21.856 1.00 186.49 ? 14  ASN A N   1 
ATOM 38   C CA  . ASN A 1 14  ? 3.102   -9.269  -21.110 1.00 184.87 ? 14  ASN A CA  1 
ATOM 39   C C   . ASN A 1 14  ? 3.734   -8.145  -20.292 1.00 184.46 ? 14  ASN A C   1 
ATOM 40   O O   . ASN A 1 14  ? 4.054   -8.318  -19.109 1.00 184.93 ? 14  ASN A O   1 
ATOM 41   C CB  . ASN A 1 14  ? 4.139   -9.867  -22.063 1.00 133.10 ? 14  ASN A CB  1 
ATOM 42   C CG  . ASN A 1 14  ? 3.701   -11.200 -22.646 1.00 134.13 ? 14  ASN A CG  1 
ATOM 43   O OD1 . ASN A 1 14  ? 2.508   -11.496 -22.725 1.00 132.66 ? 14  ASN A OD1 1 
ATOM 44   N ND2 . ASN A 1 14  ? 4.670   -12.014 -23.054 1.00 134.04 ? 14  ASN A ND2 1 
ATOM 45   N N   . ASN A 1 15  ? 3.917   -6.997  -20.937 1.00 146.61 ? 15  ASN A N   1 
ATOM 46   C CA  . ASN A 1 15  ? 4.426   -5.806  -20.268 1.00 146.72 ? 15  ASN A CA  1 
ATOM 47   C C   . ASN A 1 15  ? 3.592   -5.495  -19.025 1.00 145.83 ? 15  ASN A C   1 
ATOM 48   O O   . ASN A 1 15  ? 4.121   -5.369  -17.912 1.00 146.32 ? 15  ASN A O   1 
ATOM 49   C CB  . ASN A 1 15  ? 4.418   -4.616  -21.237 1.00 129.10 ? 15  ASN A CB  1 
ATOM 50   C CG  . ASN A 1 15  ? 5.360   -3.501  -20.815 1.00 131.59 ? 15  ASN A CG  1 
ATOM 51   O OD1 . ASN A 1 15  ? 6.428   -3.749  -20.255 1.00 133.72 ? 15  ASN A OD1 1 
ATOM 52   N ND2 . ASN A 1 15  ? 4.969   -2.261  -21.093 1.00 130.53 ? 15  ASN A ND2 1 
ATOM 53   N N   . LEU A 1 16  ? 2.279   -5.403  -19.222 1.00 81.12  ? 16  LEU A N   1 
ATOM 54   C CA  . LEU A 1 16  ? 1.354   -5.122  -18.131 1.00 79.43  ? 16  LEU A CA  1 
ATOM 55   C C   . LEU A 1 16  ? 1.454   -6.180  -17.031 1.00 78.33  ? 16  LEU A C   1 
ATOM 56   O O   . LEU A 1 16  ? 1.430   -5.858  -15.840 1.00 79.58  ? 16  LEU A O   1 
ATOM 57   C CB  . LEU A 1 16  ? -0.080  -5.050  -18.658 1.00 68.57  ? 16  LEU A CB  1 
ATOM 58   C CG  . LEU A 1 16  ? -1.083  -4.302  -17.778 1.00 66.34  ? 16  LEU A CG  1 
ATOM 59   C CD1 . LEU A 1 16  ? -0.845  -2.799  -17.844 1.00 65.33  ? 16  LEU A CD1 1 
ATOM 60   C CD2 . LEU A 1 16  ? -2.507  -4.643  -18.187 1.00 65.40  ? 16  LEU A CD2 1 
ATOM 61   N N   . LEU A 1 17  ? 1.565   -7.441  -17.436 1.00 76.10  ? 17  LEU A N   1 
ATOM 62   C CA  . LEU A 1 17  ? 1.733   -8.547  -16.495 1.00 77.48  ? 17  LEU A CA  1 
ATOM 63   C C   . LEU A 1 17  ? 2.968   -8.345  -15.604 1.00 77.72  ? 17  LEU A C   1 
ATOM 64   O O   . LEU A 1 17  ? 2.885   -8.412  -14.366 1.00 77.80  ? 17  LEU A O   1 
ATOM 65   C CB  . LEU A 1 17  ? 1.830   -9.870  -17.266 1.00 96.47  ? 17  LEU A CB  1 
ATOM 66   C CG  . LEU A 1 17  ? 1.981   -11.172 -16.479 1.00 96.17  ? 17  LEU A CG  1 
ATOM 67   C CD1 . LEU A 1 17  ? 1.099   -12.252 -17.082 1.00 96.45  ? 17  LEU A CD1 1 
ATOM 68   C CD2 . LEU A 1 17  ? 3.433   -11.623 -16.470 1.00 96.40  ? 17  LEU A CD2 1 
ATOM 69   N N   . ARG A 1 18  ? 4.112   -8.090  -16.234 1.00 88.39  ? 18  ARG A N   1 
ATOM 70   C CA  . ARG A 1 18  ? 5.343   -7.837  -15.488 1.00 87.85  ? 18  ARG A CA  1 
ATOM 71   C C   . ARG A 1 18  ? 5.191   -6.624  -14.561 1.00 85.42  ? 18  ARG A C   1 
ATOM 72   O O   . ARG A 1 18  ? 5.647   -6.642  -13.406 1.00 86.27  ? 18  ARG A O   1 
ATOM 73   C CB  . ARG A 1 18  ? 6.513   -7.639  -16.454 1.00 116.75 ? 18  ARG A CB  1 
ATOM 74   C CG  . ARG A 1 18  ? 6.873   -8.900  -17.242 1.00 117.63 ? 18  ARG A CG  1 
ATOM 75   C CD  . ARG A 1 18  ? 7.972   -8.646  -18.263 1.00 119.95 ? 18  ARG A CD  1 
ATOM 76   N NE  . ARG A 1 18  ? 7.523   -7.791  -19.358 1.00 120.59 ? 18  ARG A NE  1 
ATOM 77   C CZ  . ARG A 1 18  ? 8.319   -7.313  -20.311 1.00 121.86 ? 18  ARG A CZ  1 
ATOM 78   N NH1 . ARG A 1 18  ? 9.614   -7.599  -20.304 1.00 123.51 ? 18  ARG A NH1 1 
ATOM 79   N NH2 . ARG A 1 18  ? 7.821   -6.543  -21.269 1.00 120.71 ? 18  ARG A NH2 1 
ATOM 80   N N   . GLN A 1 19  ? 4.541   -5.576  -15.062 1.00 58.27  ? 19  GLN A N   1 
ATOM 81   C CA  . GLN A 1 19  ? 4.249   -4.408  -14.230 1.00 59.45  ? 19  GLN A CA  1 
ATOM 82   C C   . GLN A 1 19  ? 3.428   -4.778  -12.988 1.00 57.44  ? 19  GLN A C   1 
ATOM 83   O O   . GLN A 1 19  ? 3.739   -4.337  -11.873 1.00 56.90  ? 19  GLN A O   1 
ATOM 84   C CB  . GLN A 1 19  ? 3.516   -3.344  -15.046 1.00 99.44  ? 19  GLN A CB  1 
ATOM 85   C CG  . GLN A 1 19  ? 4.435   -2.502  -15.913 1.00 99.30  ? 19  GLN A CG  1 
ATOM 86   C CD  . GLN A 1 19  ? 3.689   -1.424  -16.670 1.00 101.11 ? 19  GLN A CD  1 
ATOM 87   O OE1 . GLN A 1 19  ? 2.544   -1.618  -17.078 1.00 101.11 ? 19  GLN A OE1 1 
ATOM 88   N NE2 . GLN A 1 19  ? 4.332   -0.277  -16.856 1.00 100.95 ? 19  GLN A NE2 1 
ATOM 89   N N   . ILE A 1 20  ? 2.383   -5.579  -13.177 1.00 63.50  ? 20  ILE A N   1 
ATOM 90   C CA  . ILE A 1 20  ? 1.613   -6.085  -12.045 1.00 63.11  ? 20  ILE A CA  1 
ATOM 91   C C   . ILE A 1 20  ? 2.525   -6.815  -11.068 1.00 64.85  ? 20  ILE A C   1 
ATOM 92   O O   . ILE A 1 20  ? 2.457   -6.575  -9.860  1.00 65.76  ? 20  ILE A O   1 
ATOM 93   C CB  . ILE A 1 20  ? 0.480   -7.039  -12.488 1.00 50.21  ? 20  ILE A CB  1 
ATOM 94   C CG1 . ILE A 1 20  ? -0.644  -6.240  -13.151 1.00 49.57  ? 20  ILE A CG1 1 
ATOM 95   C CG2 . ILE A 1 20  ? -0.077  -7.825  -11.288 1.00 50.48  ? 20  ILE A CG2 1 
ATOM 96   C CD1 . ILE A 1 20  ? -1.794  -7.083  -13.676 1.00 48.65  ? 20  ILE A CD1 1 
ATOM 97   N N   . GLU A 1 21  ? 3.363   -7.712  -11.586 1.00 64.73  ? 21  GLU A N   1 
ATOM 98   C CA  . GLU A 1 21  ? 4.307   -8.443  -10.733 1.00 65.14  ? 21  GLU A CA  1 
ATOM 99   C C   . GLU A 1 21  ? 5.139   -7.490  -9.862  1.00 62.21  ? 21  GLU A C   1 
ATOM 100  O O   . GLU A 1 21  ? 5.206   -7.646  -8.628  1.00 60.69  ? 21  GLU A O   1 
ATOM 101  C CB  . GLU A 1 21  ? 5.227   -9.323  -11.584 1.00 114.14 ? 21  GLU A CB  1 
ATOM 102  C CG  . GLU A 1 21  ? 4.509   -10.469 -12.289 1.00 114.30 ? 21  GLU A CG  1 
ATOM 103  C CD  . GLU A 1 21  ? 5.402   -11.233 -13.254 1.00 117.23 ? 21  GLU A CD  1 
ATOM 104  O OE1 . GLU A 1 21  ? 5.057   -12.383 -13.597 1.00 117.71 ? 21  GLU A OE1 1 
ATOM 105  O OE2 . GLU A 1 21  ? 6.442   -10.684 -13.674 1.00 117.68 ? 21  GLU A OE2 1 
ATOM 106  N N   . ALA A 1 22  ? 5.760   -6.501  -10.498 1.00 52.98  ? 22  ALA A N   1 
ATOM 107  C CA  . ALA A 1 22  ? 6.513   -5.489  -9.758  1.00 54.37  ? 22  ALA A CA  1 
ATOM 108  C C   . ALA A 1 22  ? 5.646   -4.826  -8.684  1.00 53.63  ? 22  ALA A C   1 
ATOM 109  O O   . ALA A 1 22  ? 6.064   -4.663  -7.522  1.00 52.55  ? 22  ALA A O   1 
ATOM 110  C CB  . ALA A 1 22  ? 7.060   -4.443  -10.709 1.00 83.07  ? 22  ALA A CB  1 
ATOM 111  N N   . GLN A 1 23  ? 4.435   -4.443  -9.083  1.00 93.95  ? 23  GLN A N   1 
ATOM 112  C CA  . GLN A 1 23  ? 3.482   -3.839  -8.159  1.00 93.89  ? 23  GLN A CA  1 
ATOM 113  C C   . GLN A 1 23  ? 3.252   -4.728  -6.939  1.00 92.40  ? 23  GLN A C   1 
ATOM 114  O O   . GLN A 1 23  ? 3.241   -4.250  -5.801  1.00 91.78  ? 23  GLN A O   1 
ATOM 115  C CB  . GLN A 1 23  ? 2.154   -3.574  -8.869  1.00 96.53  ? 23  GLN A CB  1 
ATOM 116  C CG  . GLN A 1 23  ? 1.303   -2.500  -8.215  1.00 97.23  ? 23  GLN A CG  1 
ATOM 117  C CD  . GLN A 1 23  ? 1.977   -1.132  -8.167  1.00 102.17 ? 23  GLN A CD  1 
ATOM 118  O OE1 . GLN A 1 23  ? 1.601   -0.284  -7.359  1.00 98.73  ? 23  GLN A OE1 1 
ATOM 119  N NE2 . GLN A 1 23  ? 2.969   -0.912  -9.028  1.00 98.12  ? 23  GLN A NE2 1 
ATOM 120  N N   . GLN A 1 24  ? 3.070   -6.023  -7.183  1.00 67.36  ? 24  GLN A N   1 
ATOM 121  C CA  . GLN A 1 24  ? 2.881   -6.989  -6.107  1.00 66.04  ? 24  GLN A CA  1 
ATOM 122  C C   . GLN A 1 24  ? 4.088   -7.028  -5.176  1.00 66.58  ? 24  GLN A C   1 
ATOM 123  O O   . GLN A 1 24  ? 3.925   -7.010  -3.948  1.00 68.38  ? 24  GLN A O   1 
ATOM 124  C CB  . GLN A 1 24  ? 2.609   -8.377  -6.683  1.00 87.39  ? 24  GLN A CB  1 
ATOM 125  C CG  . GLN A 1 24  ? 1.262   -8.488  -7.377  1.00 88.82  ? 24  GLN A CG  1 
ATOM 126  C CD  . GLN A 1 24  ? 1.130   -9.742  -8.221  1.00 88.48  ? 24  GLN A CD  1 
ATOM 127  O OE1 . GLN A 1 24  ? 2.126   -10.345 -8.625  1.00 87.44  ? 24  GLN A OE1 1 
ATOM 128  N NE2 . GLN A 1 24  ? -0.107  -10.144 -8.488  1.00 88.62  ? 24  GLN A NE2 1 
ATOM 129  N N   . HIS A 1 25  ? 5.290   -7.082  -5.751  1.00 57.74  ? 25  HIS A N   1 
ATOM 130  C CA  . HIS A 1 25  ? 6.509   -6.986  -4.938  1.00 56.91  ? 25  HIS A CA  1 
ATOM 131  C C   . HIS A 1 25  ? 6.441   -5.792  -3.984  1.00 56.28  ? 25  HIS A C   1 
ATOM 132  O O   . HIS A 1 25  ? 6.466   -5.948  -2.741  1.00 59.03  ? 25  HIS A O   1 
ATOM 133  C CB  . HIS A 1 25  ? 7.757   -6.856  -5.819  1.00 88.33  ? 25  HIS A CB  1 
ATOM 134  C CG  . HIS A 1 25  ? 8.042   -8.061  -6.657  1.00 90.29  ? 25  HIS A CG  1 
ATOM 135  N ND1 . HIS A 1 25  ? 9.195   -8.196  -7.400  1.00 91.72  ? 25  HIS A ND1 1 
ATOM 136  C CD2 . HIS A 1 25  ? 7.325   -9.192  -6.868  1.00 92.15  ? 25  HIS A CD2 1 
ATOM 137  C CE1 . HIS A 1 25  ? 9.176   -9.355  -8.034  1.00 93.33  ? 25  HIS A CE1 1 
ATOM 138  N NE2 . HIS A 1 25  ? 8.053   -9.977  -7.729  1.00 92.80  ? 25  HIS A NE2 1 
ATOM 139  N N   . LEU A 1 26  ? 6.342   -4.600  -4.572  1.00 48.02  ? 26  LEU A N   1 
ATOM 140  C CA  . LEU A 1 26  ? 6.332   -3.371  -3.780  1.00 48.16  ? 26  LEU A CA  1 
ATOM 141  C C   . LEU A 1 26  ? 5.232   -3.400  -2.719  1.00 48.83  ? 26  LEU A C   1 
ATOM 142  O O   . LEU A 1 26  ? 5.441   -3.008  -1.559  1.00 49.31  ? 26  LEU A O   1 
ATOM 143  C CB  . LEU A 1 26  ? 6.145   -2.150  -4.679  1.00 76.74  ? 26  LEU A CB  1 
ATOM 144  C CG  . LEU A 1 26  ? 7.122   -1.970  -5.842  1.00 78.03  ? 26  LEU A CG  1 
ATOM 145  C CD1 . LEU A 1 26  ? 6.977   -0.572  -6.422  1.00 78.51  ? 26  LEU A CD1 1 
ATOM 146  C CD2 . LEU A 1 26  ? 8.565   -2.234  -5.423  1.00 78.79  ? 26  LEU A CD2 1 
ATOM 147  N N   . LEU A 1 27  ? 4.058   -3.872  -3.120  1.00 67.93  ? 27  LEU A N   1 
ATOM 148  C CA  . LEU A 1 27  ? 2.930   -3.955  -2.209  1.00 66.74  ? 27  LEU A CA  1 
ATOM 149  C C   . LEU A 1 27  ? 3.276   -4.808  -0.992  1.00 65.91  ? 27  LEU A C   1 
ATOM 150  O O   . LEU A 1 27  ? 3.163   -4.346  0.147   1.00 64.98  ? 27  LEU A O   1 
ATOM 151  C CB  . LEU A 1 27  ? 1.707   -4.521  -2.930  1.00 58.97  ? 27  LEU A CB  1 
ATOM 152  C CG  . LEU A 1 27  ? 0.390   -4.545  -2.152  1.00 57.05  ? 27  LEU A CG  1 
ATOM 153  C CD1 . LEU A 1 27  ? 0.071   -3.188  -1.544  1.00 55.52  ? 27  LEU A CD1 1 
ATOM 154  C CD2 . LEU A 1 27  ? -0.733  -4.980  -3.077  1.00 56.77  ? 27  LEU A CD2 1 
ATOM 155  N N   . GLN A 1 28  ? 3.716   -6.042  -1.227  1.00 58.27  ? 28  GLN A N   1 
ATOM 156  C CA  . GLN A 1 28  ? 4.044   -6.931  -0.115  1.00 58.08  ? 28  GLN A CA  1 
ATOM 157  C C   . GLN A 1 28  ? 5.078   -6.282  0.807   1.00 56.96  ? 28  GLN A C   1 
ATOM 158  O O   . GLN A 1 28  ? 4.948   -6.351  2.046   1.00 57.08  ? 28  GLN A O   1 
ATOM 159  C CB  . GLN A 1 28  ? 4.550   -8.284  -0.626  1.00 107.94 ? 28  GLN A CB  1 
ATOM 160  C CG  . GLN A 1 28  ? 3.497   -9.104  -1.382  1.00 109.13 ? 28  GLN A CG  1 
ATOM 161  C CD  . GLN A 1 28  ? 2.323   -9.536  -0.512  1.00 110.55 ? 28  GLN A CD  1 
ATOM 162  O OE1 . GLN A 1 28  ? 2.332   -9.354  0.706   1.00 109.27 ? 28  GLN A OE1 1 
ATOM 163  N NE2 . GLN A 1 28  ? 1.304   -10.112 -1.140  1.00 110.90 ? 28  GLN A NE2 1 
ATOM 164  N N   . LEU A 1 29  ? 6.085   -5.636  0.218   1.00 60.89  ? 29  LEU A N   1 
ATOM 165  C CA  . LEU A 1 29  ? 7.049   -4.887  1.033   1.00 62.17  ? 29  LEU A CA  1 
ATOM 166  C C   . LEU A 1 29  ? 6.340   -3.881  1.947   1.00 62.25  ? 29  LEU A C   1 
ATOM 167  O O   . LEU A 1 29  ? 6.573   -3.850  3.171   1.00 62.56  ? 29  LEU A O   1 
ATOM 168  C CB  . LEU A 1 29  ? 8.066   -4.163  0.149   1.00 115.69 ? 29  LEU A CB  1 
ATOM 169  C CG  . LEU A 1 29  ? 8.975   -3.154  0.864   1.00 121.40 ? 29  LEU A CG  1 
ATOM 170  C CD1 . LEU A 1 29  ? 9.753   -3.813  1.997   1.00 117.04 ? 29  LEU A CD1 1 
ATOM 171  C CD2 . LEU A 1 29  ? 9.927   -2.498  -0.122  1.00 118.34 ? 29  LEU A CD2 1 
ATOM 172  N N   . THR A 1 30  ? 5.476   -3.063  1.351   1.00 54.45  ? 30  THR A N   1 
ATOM 173  C CA  . THR A 1 30  ? 4.681   -2.110  2.121   1.00 52.45  ? 30  THR A CA  1 
ATOM 174  C C   . THR A 1 30  ? 3.940   -2.787  3.274   1.00 50.82  ? 30  THR A C   1 
ATOM 175  O O   . THR A 1 30  ? 4.005   -2.327  4.419   1.00 50.19  ? 30  THR A O   1 
ATOM 176  C CB  . THR A 1 30  ? 3.656   -1.394  1.231   1.00 43.00  ? 30  THR A CB  1 
ATOM 177  O OG1 . THR A 1 30  ? 4.324   -0.813  0.105   1.00 45.18  ? 30  THR A OG1 1 
ATOM 178  C CG2 . THR A 1 30  ? 2.941   -0.303  2.009   1.00 42.42  ? 30  THR A CG2 1 
ATOM 179  N N   . VAL A 1 31  ? 3.242   -3.878  2.966   1.00 46.97  ? 31  VAL A N   1 
ATOM 180  C CA  . VAL A 1 31  ? 2.517   -4.638  3.983   1.00 46.10  ? 31  VAL A CA  1 
ATOM 181  C C   . VAL A 1 31  ? 3.429   -4.983  5.164   1.00 45.44  ? 31  VAL A C   1 
ATOM 182  O O   . VAL A 1 31  ? 3.103   -4.678  6.326   1.00 44.33  ? 31  VAL A O   1 
ATOM 183  C CB  . VAL A 1 31  ? 1.915   -5.939  3.393   1.00 28.37  ? 31  VAL A CB  1 
ATOM 184  C CG1 . VAL A 1 31  ? 1.241   -6.790  4.480   1.00 29.18  ? 31  VAL A CG1 1 
ATOM 185  C CG2 . VAL A 1 31  ? 0.911   -5.606  2.310   1.00 27.56  ? 31  VAL A CG2 1 
ATOM 186  N N   . SER A 1 32  ? 4.569   -5.611  4.865   1.00 44.84  ? 32  SER A N   1 
ATOM 187  C CA  . SER A 1 32  ? 5.521   -5.976  5.917   1.00 45.66  ? 32  SER A CA  1 
ATOM 188  C C   . SER A 1 32  ? 5.894   -4.761  6.767   1.00 44.68  ? 32  SER A C   1 
ATOM 189  O O   . SER A 1 32  ? 5.805   -4.803  8.010   1.00 45.82  ? 32  SER A O   1 
ATOM 190  C CB  . SER A 1 32  ? 6.781   -6.602  5.316   1.00 112.69 ? 32  SER A CB  1 
ATOM 191  O OG  . SER A 1 32  ? 6.495   -7.863  4.734   1.00 116.79 ? 32  SER A OG  1 
ATOM 192  N N   . LYS A 1 33  ? 6.293   -3.678  6.100   1.00 47.02  ? 33  LYS A N   1 
ATOM 193  C CA  . LYS A 1 33  ? 6.619   -2.439  6.809   1.00 47.56  ? 33  LYS A CA  1 
ATOM 194  C C   . LYS A 1 33  ? 5.495   -2.003  7.758   1.00 45.56  ? 33  LYS A C   1 
ATOM 195  O O   . LYS A 1 33  ? 5.738   -1.658  8.930   1.00 43.19  ? 33  LYS A O   1 
ATOM 196  C CB  . LYS A 1 33  ? 6.909   -1.316  5.815   1.00 93.11  ? 33  LYS A CB  1 
ATOM 197  C CG  . LYS A 1 33  ? 8.223   -1.460  5.076   1.00 93.91  ? 33  LYS A CG  1 
ATOM 198  C CD  . LYS A 1 33  ? 8.558   -0.179  4.333   1.00 97.15  ? 33  LYS A CD  1 
ATOM 199  C CE  . LYS A 1 33  ? 9.946   -0.226  3.722   1.00 105.05 ? 33  LYS A CE  1 
ATOM 200  N NZ  . LYS A 1 33  ? 10.311  1.059   3.062   1.00 99.78  ? 33  LYS A NZ  1 
ATOM 201  N N   . ILE A 1 34  ? 4.267   -2.024  7.244   1.00 41.06  ? 34  ILE A N   1 
ATOM 202  C CA  . ILE A 1 34  ? 3.100   -1.660  8.041   1.00 39.84  ? 34  ILE A CA  1 
ATOM 203  C C   . ILE A 1 34  ? 2.951   -2.549  9.273   1.00 40.76  ? 34  ILE A C   1 
ATOM 204  O O   . ILE A 1 34  ? 2.720   -2.045  10.368  1.00 41.21  ? 34  ILE A O   1 
ATOM 205  C CB  . ILE A 1 34  ? 1.808   -1.730  7.211   1.00 32.41  ? 34  ILE A CB  1 
ATOM 206  C CG1 . ILE A 1 34  ? 1.843   -0.666  6.112   1.00 34.00  ? 34  ILE A CG1 1 
ATOM 207  C CG2 . ILE A 1 34  ? 0.583   -1.499  8.100   1.00 32.79  ? 34  ILE A CG2 1 
ATOM 208  C CD1 . ILE A 1 34  ? 0.717   -0.779  5.085   1.00 33.43  ? 34  ILE A CD1 1 
ATOM 209  N N   . LYS A 1 35  ? 3.067   -3.862  9.108   1.00 48.30  ? 35  LYS A N   1 
ATOM 210  C CA  . LYS A 1 35  ? 2.972   -4.752  10.269  1.00 48.60  ? 35  LYS A CA  1 
ATOM 211  C C   . LYS A 1 35  ? 4.078   -4.483  11.313  1.00 48.35  ? 35  LYS A C   1 
ATOM 212  O O   . LYS A 1 35  ? 3.831   -4.512  12.538  1.00 47.90  ? 35  LYS A O   1 
ATOM 213  C CB  . LYS A 1 35  ? 3.010   -6.211  9.814   1.00 75.93  ? 35  LYS A CB  1 
ATOM 214  C CG  . LYS A 1 35  ? 1.820   -6.588  8.936   1.00 76.61  ? 35  LYS A CG  1 
ATOM 215  C CD  . LYS A 1 35  ? 1.737   -8.085  8.692   1.00 77.00  ? 35  LYS A CD  1 
ATOM 216  C CE  . LYS A 1 35  ? 0.544   -8.429  7.813   1.00 80.51  ? 35  LYS A CE  1 
ATOM 217  N NZ  . LYS A 1 35  ? 0.314   -9.897  7.721   1.00 85.36  ? 35  LYS A NZ  1 
ATOM 218  N N   . GLN A 1 36  ? 5.292   -4.220  10.839  1.00 45.84  ? 36  GLN A N   1 
ATOM 219  C CA  . GLN A 1 36  ? 6.379   -3.836  11.743  1.00 46.31  ? 36  GLN A CA  1 
ATOM 220  C C   . GLN A 1 36  ? 6.024   -2.582  12.556  1.00 45.04  ? 36  GLN A C   1 
ATOM 221  O O   . GLN A 1 36  ? 6.151   -2.550  13.803  1.00 44.67  ? 36  GLN A O   1 
ATOM 222  C CB  . GLN A 1 36  ? 7.659   -3.604  10.943  1.00 85.02  ? 36  GLN A CB  1 
ATOM 223  C CG  . GLN A 1 36  ? 8.911   -3.473  11.789  1.00 88.67  ? 36  GLN A CG  1 
ATOM 224  C CD  . GLN A 1 36  ? 10.179  -3.533  10.956  1.00 92.92  ? 36  GLN A CD  1 
ATOM 225  O OE1 . GLN A 1 36  ? 10.147  -3.894  9.778   1.00 91.89  ? 36  GLN A OE1 1 
ATOM 226  N NE2 . GLN A 1 36  ? 11.303  -3.179  11.566  1.00 94.73  ? 36  GLN A NE2 1 
ATOM 227  N N   . LEU A 1 37  ? 5.576   -1.547  11.849  1.00 41.11  ? 37  LEU A N   1 
ATOM 228  C CA  . LEU A 1 37  ? 5.179   -0.306  12.512  1.00 39.19  ? 37  LEU A CA  1 
ATOM 229  C C   . LEU A 1 37  ? 4.031   -0.564  13.490  1.00 38.49  ? 37  LEU A C   1 
ATOM 230  O O   . LEU A 1 37  ? 4.004   -0.015  14.602  1.00 37.74  ? 37  LEU A O   1 
ATOM 231  C CB  . LEU A 1 37  ? 4.779   0.748   11.478  1.00 56.81  ? 37  LEU A CB  1 
ATOM 232  C CG  . LEU A 1 37  ? 4.841   2.214   11.919  1.00 56.85  ? 37  LEU A CG  1 
ATOM 233  C CD1 . LEU A 1 37  ? 6.229   2.598   12.421  1.00 56.06  ? 37  LEU A CD1 1 
ATOM 234  C CD2 . LEU A 1 37  ? 4.445   3.121   10.770  1.00 57.35  ? 37  LEU A CD2 1 
ATOM 235  N N   . GLN A 1 38  ? 3.091   -1.408  13.072  1.00 26.05  ? 38  GLN A N   1 
ATOM 236  C CA  . GLN A 1 38  ? 2.022   -1.864  13.947  1.00 26.40  ? 38  GLN A CA  1 
ATOM 237  C C   . GLN A 1 38  ? 2.597   -2.333  15.275  1.00 31.77  ? 38  GLN A C   1 
ATOM 238  O O   . GLN A 1 38  ? 2.220   -1.820  16.332  1.00 31.47  ? 38  GLN A O   1 
ATOM 239  C CB  . GLN A 1 38  ? 1.228   -2.996  13.297  1.00 70.16  ? 38  GLN A CB  1 
ATOM 240  C CG  . GLN A 1 38  ? -0.076  -2.568  12.681  1.00 69.67  ? 38  GLN A CG  1 
ATOM 241  C CD  . GLN A 1 38  ? -0.811  -3.723  12.035  1.00 74.29  ? 38  GLN A CD  1 
ATOM 242  O OE1 . GLN A 1 38  ? -0.337  -4.858  12.050  1.00 78.20  ? 38  GLN A OE1 1 
ATOM 243  N NE2 . GLN A 1 38  ? -1.973  -3.439  11.459  1.00 81.16  ? 38  GLN A NE2 1 
ATOM 244  N N   . ALA A 1 39  ? 3.513   -3.300  15.216  1.00 35.90  ? 39  ALA A N   1 
ATOM 245  C CA  . ALA A 1 39  ? 4.173   -3.791  16.432  1.00 32.83  ? 39  ALA A CA  1 
ATOM 246  C C   . ALA A 1 39  ? 4.769   -2.657  17.273  1.00 31.33  ? 39  ALA A C   1 
ATOM 247  O O   . ALA A 1 39  ? 4.570   -2.605  18.502  1.00 32.07  ? 39  ALA A O   1 
ATOM 248  C CB  . ALA A 1 39  ? 5.254   -4.786  16.078  1.00 20.03  ? 39  ALA A CB  1 
ATOM 249  N N   . ARG A 1 40  ? 5.508   -1.763  16.616  1.00 23.22  ? 40  ARG A N   1 
ATOM 250  C CA  . ARG A 1 40  ? 6.099   -0.620  17.329  1.00 22.86  ? 40  ARG A CA  1 
ATOM 251  C C   . ARG A 1 40  ? 5.067   0.212   18.103  1.00 21.78  ? 40  ARG A C   1 
ATOM 252  O O   . ARG A 1 40  ? 5.240   0.497   19.307  1.00 23.23  ? 40  ARG A O   1 
ATOM 253  C CB  . ARG A 1 40  ? 6.849   0.281   16.349  1.00 49.45  ? 40  ARG A CB  1 
ATOM 254  C CG  . ARG A 1 40  ? 8.063   -0.380  15.733  1.00 50.37  ? 40  ARG A CG  1 
ATOM 255  C CD  . ARG A 1 40  ? 8.814   0.576   14.831  1.00 52.25  ? 40  ARG A CD  1 
ATOM 256  N NE  . ARG A 1 40  ? 9.526   1.604   15.583  1.00 51.30  ? 40  ARG A NE  1 
ATOM 257  C CZ  . ARG A 1 40  ? 10.398  2.449   15.043  1.00 53.06  ? 40  ARG A CZ  1 
ATOM 258  N NH1 . ARG A 1 40  ? 10.668  2.387   13.744  1.00 52.22  ? 40  ARG A NH1 1 
ATOM 259  N NH2 . ARG A 1 40  ? 11.003  3.356   15.797  1.00 54.92  ? 40  ARG A NH2 1 
ATOM 260  N N   . ILE A 1 41  ? 3.998   0.607   17.419  1.00 37.43  ? 41  ILE A N   1 
ATOM 261  C CA  . ILE A 1 41  ? 2.944   1.370   18.078  1.00 37.48  ? 41  ILE A CA  1 
ATOM 262  C C   . ILE A 1 41  ? 2.419   0.598   19.294  1.00 37.16  ? 41  ILE A C   1 
ATOM 263  O O   . ILE A 1 41  ? 2.301   1.153   20.392  1.00 41.21  ? 41  ILE A O   1 
ATOM 264  C CB  . ILE A 1 41  ? 1.778   1.683   17.121  1.00 52.49  ? 41  ILE A CB  1 
ATOM 265  C CG1 . ILE A 1 41  ? 2.286   2.422   15.881  1.00 54.02  ? 41  ILE A CG1 1 
ATOM 266  C CG2 . ILE A 1 41  ? 0.738   2.549   17.819  1.00 51.52  ? 41  ILE A CG2 1 
ATOM 267  C CD1 . ILE A 1 41  ? 1.343   2.354   14.701  1.00 56.51  ? 41  ILE A CD1 1 
ATOM 268  N N   . LEU A 1 42  ? 2.121   -0.685  19.089  1.00 21.88  ? 42  LEU A N   1 
ATOM 269  C CA  . LEU A 1 42  ? 1.602   -1.547  20.149  1.00 22.91  ? 42  LEU A CA  1 
ATOM 270  C C   . LEU A 1 42  ? 2.494   -1.511  21.382  1.00 21.38  ? 42  LEU A C   1 
ATOM 271  O O   . LEU A 1 42  ? 2.014   -1.338  22.513  1.00 25.54  ? 42  LEU A O   1 
ATOM 272  C CB  . LEU A 1 42  ? 1.464   -2.985  19.652  1.00 20.77  ? 42  LEU A CB  1 
ATOM 273  C CG  . LEU A 1 42  ? 1.042   -4.011  20.707  1.00 22.19  ? 42  LEU A CG  1 
ATOM 274  C CD1 . LEU A 1 42  ? -0.242  -3.575  21.398  1.00 21.67  ? 42  LEU A CD1 1 
ATOM 275  C CD2 . LEU A 1 42  ? 0.877   -5.382  20.072  1.00 23.56  ? 42  LEU A CD2 1 
ATOM 276  N N   . ALA A 1 43  ? 3.794   -1.676  21.158  1.00 32.01  ? 43  ALA A N   1 
ATOM 277  C CA  . ALA A 1 43  ? 4.760   -1.529  22.239  1.00 30.70  ? 43  ALA A CA  1 
ATOM 278  C C   . ALA A 1 43  ? 4.573   -0.185  22.952  1.00 30.81  ? 43  ALA A C   1 
ATOM 279  O O   . ALA A 1 43  ? 4.426   -0.140  24.185  1.00 32.73  ? 43  ALA A O   1 
ATOM 280  C CB  . ALA A 1 43  ? 6.172   -1.654  21.706  1.00 64.75  ? 43  ALA A CB  1 
ATOM 281  N N   . VAL A 1 44  ? 4.567   0.903   22.178  1.00 34.34  ? 44  VAL A N   1 
ATOM 282  C CA  . VAL A 1 44  ? 4.409   2.232   22.779  1.00 35.48  ? 44  VAL A CA  1 
ATOM 283  C C   . VAL A 1 44  ? 3.144   2.335   23.632  1.00 37.49  ? 44  VAL A C   1 
ATOM 284  O O   . VAL A 1 44  ? 3.178   2.880   24.735  1.00 37.14  ? 44  VAL A O   1 
ATOM 285  C CB  . VAL A 1 44  ? 4.370   3.347   21.716  1.00 24.23  ? 44  VAL A CB  1 
ATOM 286  C CG1 . VAL A 1 44  ? 4.191   4.706   22.371  1.00 26.10  ? 44  VAL A CG1 1 
ATOM 287  C CG2 . VAL A 1 44  ? 5.650   3.359   20.917  1.00 24.25  ? 44  VAL A CG2 1 
ATOM 288  N N   . GLU A 1 45  ? 2.028   1.824   23.119  1.00 38.87  ? 45  GLU A N   1 
ATOM 289  C CA  . GLU A 1 45  ? 0.766   1.856   23.858  1.00 38.60  ? 45  GLU A CA  1 
ATOM 290  C C   . GLU A 1 45  ? 0.889   1.090   25.176  1.00 38.68  ? 45  GLU A C   1 
ATOM 291  O O   . GLU A 1 45  ? 0.552   1.604   26.263  1.00 40.55  ? 45  GLU A O   1 
ATOM 292  C CB  . GLU A 1 45  ? -0.360  1.268   23.002  1.00 41.34  ? 45  GLU A CB  1 
ATOM 293  C CG  . GLU A 1 45  ? -0.648  2.073   21.736  1.00 41.02  ? 45  GLU A CG  1 
ATOM 294  C CD  . GLU A 1 45  ? -1.378  1.277   20.667  1.00 41.98  ? 45  GLU A CD  1 
ATOM 295  O OE1 . GLU A 1 45  ? -0.902  0.180   20.308  1.00 40.80  ? 45  GLU A OE1 1 
ATOM 296  O OE2 . GLU A 1 45  ? -2.424  1.756   20.177  1.00 47.84  ? 45  GLU A OE2 1 
ATOM 297  N N   . ARG A 1 46  ? 1.384   -0.140  25.065  1.00 28.60  ? 46  ARG A N   1 
ATOM 298  C CA  . ARG A 1 46  ? 1.586   -0.991  26.229  1.00 30.50  ? 46  ARG A CA  1 
ATOM 299  C C   . ARG A 1 46  ? 2.440   -0.292  27.282  1.00 30.70  ? 46  ARG A C   1 
ATOM 300  O O   . ARG A 1 46  ? 2.156   -0.389  28.473  1.00 31.32  ? 46  ARG A O   1 
ATOM 301  C CB  . ARG A 1 46  ? 2.227   -2.314  25.813  1.00 31.24  ? 46  ARG A CB  1 
ATOM 302  C CG  . ARG A 1 46  ? 1.230   -3.304  25.243  1.00 32.33  ? 46  ARG A CG  1 
ATOM 303  C CD  . ARG A 1 46  ? 1.903   -4.539  24.662  1.00 34.00  ? 46  ARG A CD  1 
ATOM 304  N NE  . ARG A 1 46  ? 0.921   -5.550  24.268  1.00 35.84  ? 46  ARG A NE  1 
ATOM 305  C CZ  . ARG A 1 46  ? 1.217   -6.673  23.620  1.00 35.90  ? 46  ARG A CZ  1 
ATOM 306  N NH1 . ARG A 1 46  ? 2.474   -6.938  23.288  1.00 37.96  ? 46  ARG A NH1 1 
ATOM 307  N NH2 . ARG A 1 46  ? 0.258   -7.533  23.302  1.00 36.43  ? 46  ARG A NH2 1 
ATOM 308  N N   . TYR A 1 47  ? 3.482   0.416   26.854  1.00 39.66  ? 47  TYR A N   1 
ATOM 309  C CA  . TYR A 1 47  ? 4.264   1.192   27.811  1.00 38.83  ? 47  TYR A CA  1 
ATOM 310  C C   . TYR A 1 47  ? 3.369   2.179   28.558  1.00 39.62  ? 47  TYR A C   1 
ATOM 311  O O   . TYR A 1 47  ? 3.389   2.241   29.787  1.00 42.98  ? 47  TYR A O   1 
ATOM 312  C CB  . TYR A 1 47  ? 5.399   1.950   27.124  1.00 63.36  ? 47  TYR A CB  1 
ATOM 313  C CG  . TYR A 1 47  ? 6.214   2.778   28.094  1.00 68.57  ? 47  TYR A CG  1 
ATOM 314  C CD1 . TYR A 1 47  ? 7.310   2.233   28.748  1.00 69.02  ? 47  TYR A CD1 1 
ATOM 315  C CD2 . TYR A 1 47  ? 5.879   4.100   28.368  1.00 67.85  ? 47  TYR A CD2 1 
ATOM 316  C CE1 . TYR A 1 47  ? 8.055   2.979   29.640  1.00 70.88  ? 47  TYR A CE1 1 
ATOM 317  C CE2 . TYR A 1 47  ? 6.619   4.855   29.261  1.00 68.00  ? 47  TYR A CE2 1 
ATOM 318  C CZ  . TYR A 1 47  ? 7.705   4.287   29.894  1.00 70.58  ? 47  TYR A CZ  1 
ATOM 319  O OH  . TYR A 1 47  ? 8.451   5.024   30.783  1.00 75.13  ? 47  TYR A OH  1 
ATOM 320  N N   . LEU A 1 48  ? 2.581   2.943   27.807  1.00 39.29  ? 48  LEU A N   1 
ATOM 321  C CA  . LEU A 1 48  ? 1.739   3.988   28.384  1.00 35.84  ? 48  LEU A CA  1 
ATOM 322  C C   . LEU A 1 48  ? 0.714   3.455   29.384  1.00 37.12  ? 48  LEU A C   1 
ATOM 323  O O   . LEU A 1 48  ? 0.503   4.062   30.435  1.00 39.69  ? 48  LEU A O   1 
ATOM 324  C CB  . LEU A 1 48  ? 1.016   4.758   27.279  1.00 27.92  ? 48  LEU A CB  1 
ATOM 325  C CG  . LEU A 1 48  ? 1.885   5.675   26.420  1.00 28.40  ? 48  LEU A CG  1 
ATOM 326  C CD1 . LEU A 1 48  ? 1.015   6.620   25.608  1.00 28.61  ? 48  LEU A CD1 1 
ATOM 327  C CD2 . LEU A 1 48  ? 2.853   6.453   27.288  1.00 30.80  ? 48  LEU A CD2 1 
ATOM 328  N N   . LYS A 1 49  ? 0.069   2.335   29.054  1.00 48.66  ? 49  LYS A N   1 
ATOM 329  C CA  . LYS A 1 49  ? -0.914  1.738   29.971  1.00 47.95  ? 49  LYS A CA  1 
ATOM 330  C C   . LYS A 1 49  ? -0.337  1.409   31.355  1.00 50.69  ? 49  LYS A C   1 
ATOM 331  O O   . LYS A 1 49  ? -1.083  1.293   32.325  1.00 51.46  ? 49  LYS A O   1 
ATOM 332  C CB  . LYS A 1 49  ? -1.527  0.468   29.362  1.00 50.69  ? 49  LYS A CB  1 
ATOM 333  C CG  . LYS A 1 49  ? -0.577  -0.721  29.270  1.00 53.12  ? 49  LYS A CG  1 
ATOM 334  C CD  . LYS A 1 49  ? -1.302  -2.055  29.433  1.00 52.42  ? 49  LYS A CD  1 
ATOM 335  C CE  . LYS A 1 49  ? -1.826  -2.227  30.856  1.00 57.29  ? 49  LYS A CE  1 
ATOM 336  N NZ  . LYS A 1 49  ? -2.487  -3.549  31.094  1.00 57.88  ? 49  LYS A NZ  1 
ATOM 337  N N   . ASP A 1 50  ? 0.983   1.264   31.447  1.00 60.08  ? 50  ASP A N   1 
ATOM 338  C CA  . ASP A 1 50  ? 1.619   0.850   32.699  1.00 61.42  ? 50  ASP A CA  1 
ATOM 339  C C   . ASP A 1 50  ? 1.726   1.986   33.712  1.00 63.60  ? 50  ASP A C   1 
ATOM 340  O O   . ASP A 1 50  ? 1.748   3.162   33.348  1.00 64.14  ? 50  ASP A O   1 
ATOM 341  C CB  . ASP A 1 50  ? 3.016   0.281   32.434  1.00 51.50  ? 50  ASP A CB  1 
ATOM 342  C CG  . ASP A 1 50  ? 2.981   -0.989  31.607  1.00 52.58  ? 50  ASP A CG  1 
ATOM 343  O OD1 . ASP A 1 50  ? 1.948   -1.696  31.630  1.00 52.26  ? 50  ASP A OD1 1 
ATOM 344  O OD2 . ASP A 1 50  ? 3.993   -1.283  30.934  1.00 55.83  ? 50  ASP A OD2 1 
ATOM 345  N N   . GLN A 1 51  ? 1.802   1.617   34.987  1.00 83.47  ? 51  GLN A N   1 
ATOM 346  C CA  . GLN A 1 51  ? 1.931   2.588   36.066  1.00 84.15  ? 51  GLN A CA  1 
ATOM 347  C C   . GLN A 1 51  ? 3.339   2.560   36.650  1.00 86.31  ? 51  GLN A C   1 
ATOM 348  O O   . GLN A 1 51  ? 3.623   1.799   37.578  1.00 87.26  ? 51  GLN A O   1 
ATOM 349  C CB  . GLN A 1 51  ? 0.899   2.317   37.165  1.00 89.62  ? 51  GLN A CB  1 
ATOM 350  C CG  . GLN A 1 51  ? -0.538  2.265   36.671  1.00 90.83  ? 51  GLN A CG  1 
ATOM 351  C CD  . GLN A 1 51  ? -1.513  1.861   37.760  1.00 92.04  ? 51  GLN A CD  1 
ATOM 352  O OE1 . GLN A 1 51  ? -1.152  1.796   38.934  1.00 100.25 ? 51  GLN A OE1 1 
ATOM 353  N NE2 . GLN A 1 51  ? -2.755  1.585   37.376  1.00 89.53  ? 51  GLN A NE2 1 
ATOM 354  N N   . GLN A 1 52  ? 4.218   3.387   36.094  1.00 60.01  ? 52  GLN A N   1 
ATOM 355  C CA  . GLN A 1 52  ? 5.581   3.511   36.598  1.00 61.35  ? 52  GLN A CA  1 
ATOM 356  C C   . GLN A 1 52  ? 5.619   4.389   37.851  1.00 60.38  ? 52  GLN A C   1 
ATOM 357  O O   . GLN A 1 52  ? 5.228   3.960   38.941  1.00 56.72  ? 52  GLN A O   1 
ATOM 358  C CB  . GLN A 1 52  ? 6.508   4.084   35.518  1.00 93.59  ? 52  GLN A CB  1 
ATOM 359  C CG  . GLN A 1 52  ? 6.885   3.103   34.405  1.00 92.61  ? 52  GLN A CG  1 
ATOM 360  C CD  . GLN A 1 52  ? 5.781   2.901   33.376  1.00 93.74  ? 52  GLN A CD  1 
ATOM 361  O OE1 . GLN A 1 52  ? 4.669   3.410   33.527  1.00 98.76  ? 52  GLN A OE1 1 
ATOM 362  N NE2 . GLN A 1 52  ? 6.089   2.158   32.317  1.00 89.40  ? 52  GLN A NE2 1 
ATOM 363  N N   . GLN A 1 58  ? 14.945  12.576  33.627  1.00 135.55 ? 58  GLN A N   1 
ATOM 364  C CA  . GLN A 1 58  ? 13.766  12.231  32.839  1.00 135.86 ? 58  GLN A CA  1 
ATOM 365  C C   . GLN A 1 58  ? 14.151  11.889  31.400  1.00 133.90 ? 58  GLN A C   1 
ATOM 366  O O   . GLN A 1 58  ? 13.707  12.553  30.463  1.00 132.75 ? 58  GLN A O   1 
ATOM 367  C CB  . GLN A 1 58  ? 12.760  13.384  32.860  1.00 139.92 ? 58  GLN A CB  1 
ATOM 368  C CG  . GLN A 1 58  ? 11.329  12.987  32.527  1.00 138.82 ? 58  GLN A CG  1 
ATOM 369  C CD  . GLN A 1 58  ? 10.676  12.167  33.626  1.00 138.86 ? 58  GLN A CD  1 
ATOM 370  O OE1 . GLN A 1 58  ? 11.222  11.158  34.075  1.00 139.25 ? 58  GLN A OE1 1 
ATOM 371  N NE2 . GLN A 1 58  ? 9.503   12.604  34.070  1.00 139.79 ? 58  GLN A NE2 1 
ATOM 372  N N   . PRO A 1 59  ? 14.984  10.849  31.223  1.00 132.06 ? 59  PRO A N   1 
ATOM 373  C CA  . PRO A 1 59  ? 15.498  10.435  29.913  1.00 130.70 ? 59  PRO A CA  1 
ATOM 374  C C   . PRO A 1 59  ? 14.631  9.379   29.235  1.00 129.89 ? 59  PRO A C   1 
ATOM 375  O O   . PRO A 1 59  ? 14.585  9.320   28.003  1.00 126.90 ? 59  PRO A O   1 
ATOM 376  C CB  . PRO A 1 59  ? 16.884  9.861   30.247  1.00 95.76  ? 59  PRO A CB  1 
ATOM 377  C CG  . PRO A 1 59  ? 16.953  9.785   31.780  1.00 95.71  ? 59  PRO A CG  1 
ATOM 378  C CD  . PRO A 1 59  ? 15.570  10.036  32.296  1.00 95.80  ? 59  PRO A CD  1 
ATOM 379  N N   . GLN A 1 60  ? 13.965  8.549   30.032  1.00 160.64 ? 60  GLN A N   1 
ATOM 380  C CA  . GLN A 1 60  ? 13.073  7.524   29.504  1.00 158.17 ? 60  GLN A CA  1 
ATOM 381  C C   . GLN A 1 60  ? 12.011  8.175   28.632  1.00 155.19 ? 60  GLN A C   1 
ATOM 382  O O   . GLN A 1 60  ? 11.675  7.679   27.550  1.00 154.82 ? 60  GLN A O   1 
ATOM 383  C CB  . GLN A 1 60  ? 12.422  6.735   30.640  1.00 106.90 ? 60  GLN A CB  1 
ATOM 384  C CG  . GLN A 1 60  ? 12.055  5.310   30.271  1.00 107.20 ? 60  GLN A CG  1 
ATOM 385  C CD  . GLN A 1 60  ? 13.277  4.442   30.040  1.00 107.30 ? 60  GLN A CD  1 
ATOM 386  O OE1 . GLN A 1 60  ? 14.408  4.865   30.278  1.00 107.18 ? 60  GLN A OE1 1 
ATOM 387  N NE2 . GLN A 1 60  ? 13.054  3.219   29.574  1.00 108.57 ? 60  GLN A NE2 1 
ATOM 388  N N   . GLN A 1 61  ? 11.491  9.299   29.114  1.00 144.01 ? 61  GLN A N   1 
ATOM 389  C CA  . GLN A 1 61  ? 10.552  10.099  28.346  1.00 144.17 ? 61  GLN A CA  1 
ATOM 390  C C   . GLN A 1 61  ? 11.187  10.512  27.022  1.00 144.05 ? 61  GLN A C   1 
ATOM 391  O O   . GLN A 1 61  ? 10.604  10.301  25.967  1.00 140.07 ? 61  GLN A O   1 
ATOM 392  C CB  . GLN A 1 61  ? 10.105  11.324  29.144  1.00 105.26 ? 61  GLN A CB  1 
ATOM 393  C CG  . GLN A 1 61  ? 9.554   10.993  30.525  1.00 108.61 ? 61  GLN A CG  1 
ATOM 394  C CD  . GLN A 1 61  ? 8.401   10.004  30.479  1.00 107.11 ? 61  GLN A CD  1 
ATOM 395  O OE1 . GLN A 1 61  ? 8.491   8.902   31.024  1.00 106.44 ? 61  GLN A OE1 1 
ATOM 396  N NE2 . GLN A 1 61  ? 7.307   10.399  29.836  1.00 106.78 ? 61  GLN A NE2 1 
ATOM 397  N N   . ASP A 1 62  ? 12.388  11.082  27.080  1.00 70.19  ? 62  ASP A N   1 
ATOM 398  C CA  . ASP A 1 62  ? 13.120  11.452  25.868  1.00 67.56  ? 62  ASP A CA  1 
ATOM 399  C C   . ASP A 1 62  ? 13.193  10.295  24.871  1.00 63.98  ? 62  ASP A C   1 
ATOM 400  O O   . ASP A 1 62  ? 12.923  10.470  23.679  1.00 61.56  ? 62  ASP A O   1 
ATOM 401  C CB  . ASP A 1 62  ? 14.530  11.926  26.220  1.00 91.16  ? 62  ASP A CB  1 
ATOM 402  C CG  . ASP A 1 62  ? 14.533  13.262  26.927  1.00 92.07  ? 62  ASP A CG  1 
ATOM 403  O OD1 . ASP A 1 62  ? 15.589  13.928  26.934  1.00 92.83  ? 62  ASP A OD1 1 
ATOM 404  O OD2 . ASP A 1 62  ? 13.476  13.650  27.467  1.00 91.00  ? 62  ASP A OD2 1 
ATOM 405  N N   . LYS A 1 63  ? 13.555  9.114   25.372  1.00 103.29 ? 63  LYS A N   1 
ATOM 406  C CA  . LYS A 1 63  ? 13.583  7.903   24.554  1.00 105.70 ? 63  LYS A CA  1 
ATOM 407  C C   . LYS A 1 63  ? 12.218  7.612   23.935  1.00 102.32 ? 63  LYS A C   1 
ATOM 408  O O   . LYS A 1 63  ? 12.118  7.271   22.752  1.00 99.35  ? 63  LYS A O   1 
ATOM 409  C CB  . LYS A 1 63  ? 14.037  6.704   25.388  1.00 101.15 ? 63  LYS A CB  1 
ATOM 410  C CG  . LYS A 1 63  ? 15.473  6.785   25.876  1.00 103.71 ? 63  LYS A CG  1 
ATOM 411  C CD  . LYS A 1 63  ? 15.851  5.544   26.671  1.00 106.00 ? 63  LYS A CD  1 
ATOM 412  C CE  . LYS A 1 63  ? 15.706  4.285   25.828  1.00 108.29 ? 63  LYS A CE  1 
ATOM 413  N NZ  . LYS A 1 63  ? 16.068  3.053   26.584  1.00 110.34 ? 63  LYS A NZ  1 
ATOM 414  N N   . LEU A 1 64  ? 11.174  7.738   24.749  1.00 53.88  ? 64  LEU A N   1 
ATOM 415  C CA  . LEU A 1 64  ? 9.800   7.548   24.290  1.00 51.23  ? 64  LEU A CA  1 
ATOM 416  C C   . LEU A 1 64  ? 9.413   8.527   23.169  1.00 49.91  ? 64  LEU A C   1 
ATOM 417  O O   . LEU A 1 64  ? 8.949   8.116   22.099  1.00 49.56  ? 64  LEU A O   1 
ATOM 418  C CB  . LEU A 1 64  ? 8.843   7.694   25.477  1.00 37.95  ? 64  LEU A CB  1 
ATOM 419  C CG  . LEU A 1 64  ? 7.355   7.439   25.241  1.00 33.86  ? 64  LEU A CG  1 
ATOM 420  C CD1 . LEU A 1 64  ? 7.085   5.976   24.894  1.00 32.52  ? 64  LEU A CD1 1 
ATOM 421  C CD2 . LEU A 1 64  ? 6.571   7.855   26.472  1.00 36.17  ? 64  LEU A CD2 1 
ATOM 422  N N   . TYR A 1 65  ? 9.599   9.820   23.416  1.00 41.00  ? 65  TYR A N   1 
ATOM 423  C CA  . TYR A 1 65  ? 9.264   10.845  22.429  1.00 39.98  ? 65  TYR A CA  1 
ATOM 424  C C   . TYR A 1 65  ? 10.081  10.655  21.155  1.00 37.22  ? 65  TYR A C   1 
ATOM 425  O O   . TYR A 1 65  ? 9.581   10.863  20.041  1.00 34.88  ? 65  TYR A O   1 
ATOM 426  C CB  . TYR A 1 65  ? 9.494   12.245  23.005  1.00 81.94  ? 65  TYR A CB  1 
ATOM 427  C CG  . TYR A 1 65  ? 8.408   12.717  23.957  1.00 79.54  ? 65  TYR A CG  1 
ATOM 428  C CD1 . TYR A 1 65  ? 8.377   12.292  25.278  1.00 80.40  ? 65  TYR A CD1 1 
ATOM 429  C CD2 . TYR A 1 65  ? 7.423   13.595  23.533  1.00 79.67  ? 65  TYR A CD2 1 
ATOM 430  C CE1 . TYR A 1 65  ? 7.396   12.722  26.147  1.00 80.87  ? 65  TYR A CE1 1 
ATOM 431  C CE2 . TYR A 1 65  ? 6.433   14.031  24.397  1.00 78.20  ? 65  TYR A CE2 1 
ATOM 432  C CZ  . TYR A 1 65  ? 6.426   13.591  25.702  1.00 77.85  ? 65  TYR A CZ  1 
ATOM 433  O OH  . TYR A 1 65  ? 5.445   14.025  26.563  1.00 78.40  ? 65  TYR A OH  1 
ATOM 434  N N   . ARG A 1 66  ? 11.338  10.254  21.326  1.00 39.83  ? 66  ARG A N   1 
ATOM 435  C CA  . ARG A 1 66  ? 12.175  9.862   20.196  1.00 38.90  ? 66  ARG A CA  1 
ATOM 436  C C   . ARG A 1 66  ? 11.510  8.742   19.398  1.00 37.58  ? 66  ARG A C   1 
ATOM 437  O O   . ARG A 1 66  ? 11.281  8.871   18.184  1.00 36.99  ? 66  ARG A O   1 
ATOM 438  C CB  . ARG A 1 66  ? 13.554  9.414   20.683  1.00 62.78  ? 66  ARG A CB  1 
ATOM 439  C CG  . ARG A 1 66  ? 14.517  9.054   19.565  1.00 63.22  ? 66  ARG A CG  1 
ATOM 440  C CD  . ARG A 1 66  ? 15.861  8.604   20.118  1.00 63.32  ? 66  ARG A CD  1 
ATOM 441  N NE  . ARG A 1 66  ? 16.829  8.330   19.058  1.00 63.97  ? 66  ARG A NE  1 
ATOM 442  C CZ  . ARG A 1 66  ? 17.713  9.216   18.605  1.00 67.22  ? 66  ARG A CZ  1 
ATOM 443  N NH1 . ARG A 1 66  ? 17.756  10.439  19.122  1.00 65.98  ? 66  ARG A NH1 1 
ATOM 444  N NH2 . ARG A 1 66  ? 18.556  8.881   17.636  1.00 64.34  ? 66  ARG A NH2 1 
ATOM 445  N N   . GLU A 1 67  ? 11.199  7.647   20.089  1.00 55.50  ? 67  GLU A N   1 
ATOM 446  C CA  . GLU A 1 67  ? 10.534  6.510   19.468  1.00 54.66  ? 67  GLU A CA  1 
ATOM 447  C C   . GLU A 1 67  ? 9.314   6.957   18.676  1.00 52.01  ? 67  GLU A C   1 
ATOM 448  O O   . GLU A 1 67  ? 9.164   6.594   17.508  1.00 54.84  ? 67  GLU A O   1 
ATOM 449  C CB  . GLU A 1 67  ? 10.131  5.477   20.528  1.00 38.98  ? 67  GLU A CB  1 
ATOM 450  C CG  . GLU A 1 67  ? 9.280   4.315   20.017  1.00 37.96  ? 67  GLU A CG  1 
ATOM 451  C CD  . GLU A 1 67  ? 9.985   3.468   18.968  1.00 39.10  ? 67  GLU A CD  1 
ATOM 452  O OE1 . GLU A 1 67  ? 11.198  3.674   18.741  1.00 39.83  ? 67  GLU A OE1 1 
ATOM 453  O OE2 . GLU A 1 67  ? 9.324   2.587   18.368  1.00 37.38  ? 67  GLU A OE2 1 
ATOM 454  N N   . VAL A 1 68  ? 8.453   7.758   19.299  1.00 39.87  ? 68  VAL A N   1 
ATOM 455  C CA  . VAL A 1 68  ? 7.239   8.205   18.618  1.00 40.45  ? 68  VAL A CA  1 
ATOM 456  C C   . VAL A 1 68  ? 7.561   9.050   17.384  1.00 39.67  ? 68  VAL A C   1 
ATOM 457  O O   . VAL A 1 68  ? 6.907   8.914   16.341  1.00 39.55  ? 68  VAL A O   1 
ATOM 458  C CB  . VAL A 1 68  ? 6.327   9.010   19.550  1.00 38.89  ? 68  VAL A CB  1 
ATOM 459  C CG1 . VAL A 1 68  ? 5.067   9.465   18.809  1.00 37.63  ? 68  VAL A CG1 1 
ATOM 460  C CG2 . VAL A 1 68  ? 5.935   8.170   20.743  1.00 38.32  ? 68  VAL A CG2 1 
ATOM 461  N N   . ALA A 1 69  ? 8.554   9.925   17.501  1.00 42.17  ? 69  ALA A N   1 
ATOM 462  C CA  . ALA A 1 69  ? 8.993   10.703  16.344  1.00 42.37  ? 69  ALA A CA  1 
ATOM 463  C C   . ALA A 1 69  ? 9.409   9.795   15.183  1.00 43.38  ? 69  ALA A C   1 
ATOM 464  O O   . ALA A 1 69  ? 8.975   9.979   14.032  1.00 43.88  ? 69  ALA A O   1 
ATOM 465  C CB  . ALA A 1 69  ? 10.138  11.613  16.732  1.00 27.15  ? 69  ALA A CB  1 
ATOM 466  N N   . LEU A 1 70  ? 10.251  8.813   15.485  1.00 27.14  ? 70  LEU A N   1 
ATOM 467  C CA  . LEU A 1 70  ? 10.728  7.902   14.451  1.00 27.39  ? 70  LEU A CA  1 
ATOM 468  C C   . LEU A 1 70  ? 9.589   7.056   13.862  1.00 27.91  ? 70  LEU A C   1 
ATOM 469  O O   . LEU A 1 70  ? 9.554   6.798   12.645  1.00 29.04  ? 70  LEU A O   1 
ATOM 470  C CB  . LEU A 1 70  ? 11.832  7.013   15.023  1.00 34.10  ? 70  LEU A CB  1 
ATOM 471  C CG  . LEU A 1 70  ? 13.028  7.806   15.572  1.00 33.30  ? 70  LEU A CG  1 
ATOM 472  C CD1 . LEU A 1 70  ? 14.006  6.888   16.273  1.00 34.15  ? 70  LEU A CD1 1 
ATOM 473  C CD2 . LEU A 1 70  ? 13.733  8.589   14.465  1.00 33.70  ? 70  LEU A CD2 1 
ATOM 474  N N   . ILE A 1 71  ? 8.660   6.635   14.720  1.00 34.82  ? 71  ILE A N   1 
ATOM 475  C CA  . ILE A 1 71  ? 7.451   5.951   14.268  1.00 35.05  ? 71  ILE A CA  1 
ATOM 476  C C   . ILE A 1 71  ? 6.738   6.818   13.240  1.00 34.85  ? 71  ILE A C   1 
ATOM 477  O O   . ILE A 1 71  ? 6.432   6.359   12.128  1.00 35.96  ? 71  ILE A O   1 
ATOM 478  C CB  . ILE A 1 71  ? 6.496   5.636   15.443  1.00 28.24  ? 71  ILE A CB  1 
ATOM 479  C CG1 . ILE A 1 71  ? 7.067   4.505   16.291  1.00 28.05  ? 71  ILE A CG1 1 
ATOM 480  C CG2 . ILE A 1 71  ? 5.112   5.208   14.947  1.00 30.22  ? 71  ILE A CG2 1 
ATOM 481  C CD1 . ILE A 1 71  ? 6.375   4.335   17.612  1.00 25.90  ? 71  ILE A CD1 1 
ATOM 482  N N   . ARG A 1 72  ? 6.482   8.069   13.620  1.00 35.29  ? 72  ARG A N   1 
ATOM 483  C CA  . ARG A 1 72  ? 5.859   9.032   12.714  1.00 34.71  ? 72  ARG A CA  1 
ATOM 484  C C   . ARG A 1 72  ? 6.587   9.052   11.372  1.00 36.02  ? 72  ARG A C   1 
ATOM 485  O O   . ARG A 1 72  ? 5.964   8.906   10.312  1.00 37.84  ? 72  ARG A O   1 
ATOM 486  C CB  . ARG A 1 72  ? 5.856   10.434  13.328  1.00 46.46  ? 72  ARG A CB  1 
ATOM 487  C CG  . ARG A 1 72  ? 5.179   11.498  12.467  1.00 47.88  ? 72  ARG A CG  1 
ATOM 488  C CD  . ARG A 1 72  ? 3.827   11.906  13.012  1.00 46.68  ? 72  ARG A CD  1 
ATOM 489  N NE  . ARG A 1 72  ? 2.810   11.920  11.966  1.00 50.87  ? 72  ARG A NE  1 
ATOM 490  C CZ  . ARG A 1 72  ? 1.506   12.018  12.202  1.00 54.10  ? 72  ARG A CZ  1 
ATOM 491  N NH1 . ARG A 1 72  ? 1.066   12.112  13.451  1.00 48.05  ? 72  ARG A NH1 1 
ATOM 492  N NH2 . ARG A 1 72  ? 0.643   12.020  11.193  1.00 56.46  ? 72  ARG A NH2 1 
ATOM 493  N N   . ALA A 1 73  ? 7.906   9.228   11.427  1.00 27.22  ? 73  ALA A N   1 
ATOM 494  C CA  . ALA A 1 73  ? 8.720   9.249   10.211  1.00 27.94  ? 73  ALA A CA  1 
ATOM 495  C C   . ALA A 1 73  ? 8.475   8.029   9.318   1.00 28.42  ? 73  ALA A C   1 
ATOM 496  O O   . ALA A 1 73  ? 8.253   8.154   8.094   1.00 28.54  ? 73  ALA A O   1 
ATOM 497  C CB  . ALA A 1 73  ? 10.186  9.340   10.573  1.00 16.80  ? 73  ALA A CB  1 
ATOM 498  N N   . GLN A 1 74  ? 8.521   6.849   9.930   1.00 46.77  ? 74  GLN A N   1 
ATOM 499  C CA  . GLN A 1 74  ? 8.265   5.616   9.194   1.00 47.09  ? 74  GLN A CA  1 
ATOM 500  C C   . GLN A 1 74  ? 6.870   5.621   8.557   1.00 47.49  ? 74  GLN A C   1 
ATOM 501  O O   . GLN A 1 74  ? 6.711   5.260   7.380   1.00 48.28  ? 74  GLN A O   1 
ATOM 502  C CB  . GLN A 1 74  ? 8.417   4.409   10.116  1.00 66.46  ? 74  GLN A CB  1 
ATOM 503  C CG  . GLN A 1 74  ? 8.536   3.087   9.383   1.00 66.48  ? 74  GLN A CG  1 
ATOM 504  C CD  . GLN A 1 74  ? 9.805   2.990   8.560   1.00 66.42  ? 74  GLN A CD  1 
ATOM 505  O OE1 . GLN A 1 74  ? 10.737  3.776   8.738   1.00 67.71  ? 74  GLN A OE1 1 
ATOM 506  N NE2 . GLN A 1 74  ? 9.845   2.024   7.650   1.00 69.30  ? 74  GLN A NE2 1 
ATOM 507  N N   . LEU A 1 75  ? 5.865   6.028   9.332   1.00 46.64  ? 75  LEU A N   1 
ATOM 508  C CA  . LEU A 1 75  ? 4.504   6.142   8.805   1.00 46.06  ? 75  LEU A CA  1 
ATOM 509  C C   . LEU A 1 75  ? 4.477   7.021   7.562   1.00 45.53  ? 75  LEU A C   1 
ATOM 510  O O   . LEU A 1 75  ? 3.890   6.653   6.540   1.00 47.41  ? 75  LEU A O   1 
ATOM 511  C CB  . LEU A 1 75  ? 3.548   6.713   9.858   1.00 72.14  ? 75  LEU A CB  1 
ATOM 512  C CG  . LEU A 1 75  ? 2.172   7.145   9.331   1.00 74.60  ? 75  LEU A CG  1 
ATOM 513  C CD1 . LEU A 1 75  ? 1.418   5.955   8.762   1.00 73.06  ? 75  LEU A CD1 1 
ATOM 514  C CD2 . LEU A 1 75  ? 1.359   7.827   10.417  1.00 72.14  ? 75  LEU A CD2 1 
ATOM 515  N N   . GLN A 1 76  ? 5.105   8.189   7.664   1.00 45.49  ? 76  GLN A N   1 
ATOM 516  C CA  . GLN A 1 76  ? 5.181   9.110   6.537   1.00 46.65  ? 76  GLN A CA  1 
ATOM 517  C C   . GLN A 1 76  ? 5.774   8.418   5.311   1.00 46.41  ? 76  GLN A C   1 
ATOM 518  O O   . GLN A 1 76  ? 5.216   8.498   4.201   1.00 47.07  ? 76  GLN A O   1 
ATOM 519  C CB  . GLN A 1 76  ? 6.005   10.337  6.912   1.00 80.97  ? 76  GLN A CB  1 
ATOM 520  C CG  . GLN A 1 76  ? 5.373   11.171  8.017   1.00 82.71  ? 76  GLN A CG  1 
ATOM 521  C CD  . GLN A 1 76  ? 6.341   12.155  8.648   1.00 84.87  ? 76  GLN A CD  1 
ATOM 522  O OE1 . GLN A 1 76  ? 7.516   12.213  8.286   1.00 92.34  ? 76  GLN A OE1 1 
ATOM 523  N NE2 . GLN A 1 76  ? 5.847   12.936  9.602   1.00 87.84  ? 76  GLN A NE2 1 
ATOM 524  N N   . LYS A 1 77  ? 6.898   7.735   5.512   1.00 40.64  ? 77  LYS A N   1 
ATOM 525  C CA  . LYS A 1 77  ? 7.509   6.973   4.423   1.00 41.19  ? 77  LYS A CA  1 
ATOM 526  C C   . LYS A 1 77  ? 6.499   6.010   3.787   1.00 42.10  ? 77  LYS A C   1 
ATOM 527  O O   . LYS A 1 77  ? 6.285   6.033   2.565   1.00 43.01  ? 77  LYS A O   1 
ATOM 528  C CB  . LYS A 1 77  ? 8.731   6.200   4.932   1.00 50.88  ? 77  LYS A CB  1 
ATOM 529  C CG  . LYS A 1 77  ? 9.577   5.555   3.844   1.00 51.54  ? 77  LYS A CG  1 
ATOM 530  C CD  . LYS A 1 77  ? 10.764  4.813   4.442   1.00 51.58  ? 77  LYS A CD  1 
ATOM 531  C CE  . LYS A 1 77  ? 11.690  4.278   3.360   1.00 58.94  ? 77  LYS A CE  1 
ATOM 532  N NZ  . LYS A 1 77  ? 12.881  3.572   3.913   1.00 58.09  ? 77  LYS A NZ  1 
ATOM 533  N N   . ILE A 1 78  ? 5.871   5.179   4.617   1.00 36.88  ? 78  ILE A N   1 
ATOM 534  C CA  . ILE A 1 78  ? 4.909   4.193   4.121   1.00 36.36  ? 78  ILE A CA  1 
ATOM 535  C C   . ILE A 1 78  ? 3.789   4.854   3.323   1.00 36.07  ? 78  ILE A C   1 
ATOM 536  O O   . ILE A 1 78  ? 3.409   4.372   2.250   1.00 38.31  ? 78  ILE A O   1 
ATOM 537  C CB  . ILE A 1 78  ? 4.292   3.387   5.274   1.00 43.10  ? 78  ILE A CB  1 
ATOM 538  C CG1 . ILE A 1 78  ? 5.376   2.584   5.991   1.00 42.81  ? 78  ILE A CG1 1 
ATOM 539  C CG2 . ILE A 1 78  ? 3.211   2.435   4.755   1.00 45.18  ? 78  ILE A CG2 1 
ATOM 540  C CD1 . ILE A 1 78  ? 4.930   2.026   7.318   1.00 42.93  ? 78  ILE A CD1 1 
ATOM 541  N N   . GLU A 1 79  ? 3.257   5.949   3.853   1.00 48.49  ? 79  GLU A N   1 
ATOM 542  C CA  . GLU A 1 79  ? 2.234   6.710   3.151   1.00 48.27  ? 79  GLU A CA  1 
ATOM 543  C C   . GLU A 1 79  ? 2.717   7.123   1.765   1.00 49.51  ? 79  GLU A C   1 
ATOM 544  O O   . GLU A 1 79  ? 2.025   6.894   0.764   1.00 51.80  ? 79  GLU A O   1 
ATOM 545  C CB  . GLU A 1 79  ? 1.839   7.941   3.960   1.00 61.95  ? 79  GLU A CB  1 
ATOM 546  C CG  . GLU A 1 79  ? 0.995   7.619   5.177   1.00 61.53  ? 79  GLU A CG  1 
ATOM 547  C CD  . GLU A 1 79  ? 0.527   8.860   5.906   1.00 63.72  ? 79  GLU A CD  1 
ATOM 548  O OE1 . GLU A 1 79  ? 1.379   9.693   6.287   1.00 61.90  ? 79  GLU A OE1 1 
ATOM 549  O OE2 . GLU A 1 79  ? -0.699  9.005   6.092   1.00 67.76  ? 79  GLU A OE2 1 
ATOM 550  N N   . SER A 1 80  ? 3.906   7.720   1.710   1.00 37.50  ? 80  SER A N   1 
ATOM 551  C CA  . SER A 1 80  ? 4.504   8.102   0.430   1.00 37.48  ? 80  SER A CA  1 
ATOM 552  C C   . SER A 1 80  ? 4.560   6.922   -0.543  1.00 38.81  ? 80  SER A C   1 
ATOM 553  O O   . SER A 1 80  ? 4.040   6.998   -1.673  1.00 40.43  ? 80  SER A O   1 
ATOM 554  C CB  . SER A 1 80  ? 5.909   8.656   0.645   1.00 72.59  ? 80  SER A CB  1 
ATOM 555  O OG  . SER A 1 80  ? 6.788   7.633   1.078   1.00 73.43  ? 80  SER A OG  1 
ATOM 556  N N   . GLU A 1 81  ? 5.189   5.831   -0.105  1.00 54.05  ? 81  GLU A N   1 
ATOM 557  C CA  . GLU A 1 81  ? 5.272   4.623   -0.928  1.00 54.32  ? 81  GLU A CA  1 
ATOM 558  C C   . GLU A 1 81  ? 3.891   4.231   -1.456  1.00 53.91  ? 81  GLU A C   1 
ATOM 559  O O   . GLU A 1 81  ? 3.707   3.978   -2.653  1.00 54.50  ? 81  GLU A O   1 
ATOM 560  C CB  . GLU A 1 81  ? 5.880   3.465   -0.130  1.00 105.24 ? 81  GLU A CB  1 
ATOM 561  C CG  . GLU A 1 81  ? 7.331   3.692   0.280   1.00 109.02 ? 81  GLU A CG  1 
ATOM 562  C CD  . GLU A 1 81  ? 7.923   2.519   1.045   1.00 112.64 ? 81  GLU A CD  1 
ATOM 563  O OE1 . GLU A 1 81  ? 9.062   2.651   1.544   1.00 111.33 ? 81  GLU A OE1 1 
ATOM 564  O OE2 . GLU A 1 81  ? 7.255   1.468   1.143   1.00 112.15 ? 81  GLU A OE2 1 
ATOM 565  N N   . THR A 1 82  ? 2.914   4.212   -0.556  1.00 52.88  ? 82  THR A N   1 
ATOM 566  C CA  . THR A 1 82  ? 1.557   3.821   -0.911  1.00 53.25  ? 82  THR A CA  1 
ATOM 567  C C   . THR A 1 82  ? 0.957   4.746   -1.964  1.00 53.18  ? 82  THR A C   1 
ATOM 568  O O   . THR A 1 82  ? 0.254   4.289   -2.870  1.00 54.78  ? 82  THR A O   1 
ATOM 569  C CB  . THR A 1 82  ? 0.658   3.808   0.324   1.00 53.01  ? 82  THR A CB  1 
ATOM 570  O OG1 . THR A 1 82  ? 1.341   3.137   1.389   1.00 52.09  ? 82  THR A OG1 1 
ATOM 571  C CG2 . THR A 1 82  ? -0.656  3.093   0.029   1.00 54.15  ? 82  THR A CG2 1 
ATOM 572  N N   . LEU A 1 83  ? 1.218   6.044   -1.842  1.00 51.58  ? 83  LEU A N   1 
ATOM 573  C CA  . LEU A 1 83  ? 0.824   6.980   -2.892  1.00 52.91  ? 83  LEU A CA  1 
ATOM 574  C C   . LEU A 1 83  ? 1.433   6.569   -4.228  1.00 55.99  ? 83  LEU A C   1 
ATOM 575  O O   . LEU A 1 83  ? 0.728   6.517   -5.254  1.00 57.52  ? 83  LEU A O   1 
ATOM 576  C CB  . LEU A 1 83  ? 1.244   8.403   -2.540  1.00 64.91  ? 83  LEU A CB  1 
ATOM 577  C CG  . LEU A 1 83  ? 0.330   9.113   -1.546  1.00 63.53  ? 83  LEU A CG  1 
ATOM 578  C CD1 . LEU A 1 83  ? 1.082   10.228  -0.843  1.00 64.80  ? 83  LEU A CD1 1 
ATOM 579  C CD2 . LEU A 1 83  ? -0.900  9.656   -2.259  1.00 65.27  ? 83  LEU A CD2 1 
ATOM 580  N N   . GLN A 1 84  ? 2.736   6.283   -4.214  1.00 69.95  ? 84  GLN A N   1 
ATOM 581  C CA  . GLN A 1 84  ? 3.398   5.802   -5.429  1.00 70.04  ? 84  GLN A CA  1 
ATOM 582  C C   . GLN A 1 84  ? 2.631   4.610   -6.006  1.00 71.92  ? 84  GLN A C   1 
ATOM 583  O O   . GLN A 1 84  ? 2.250   4.614   -7.184  1.00 73.91  ? 84  GLN A O   1 
ATOM 584  C CB  . GLN A 1 84  ? 4.854   5.404   -5.158  1.00 89.35  ? 84  GLN A CB  1 
ATOM 585  C CG  . GLN A 1 84  ? 5.714   6.502   -4.552  1.00 91.83  ? 84  GLN A CG  1 
ATOM 586  C CD  . GLN A 1 84  ? 5.950   7.654   -5.507  1.00 94.64  ? 84  GLN A CD  1 
ATOM 587  O OE1 . GLN A 1 84  ? 5.622   7.572   -6.691  1.00 95.58  ? 84  GLN A OE1 1 
ATOM 588  N NE2 . GLN A 1 84  ? 6.521   8.739   -4.995  1.00 95.34  ? 84  GLN A NE2 1 
ATOM 589  N N   . LEU A 1 85  ? 2.392   3.604   -5.168  1.00 65.40  ? 85  LEU A N   1 
ATOM 590  C CA  . LEU A 1 85  ? 1.684   2.399   -5.605  1.00 65.47  ? 85  LEU A CA  1 
ATOM 591  C C   . LEU A 1 85  ? 0.295   2.704   -6.168  1.00 65.74  ? 85  LEU A C   1 
ATOM 592  O O   . LEU A 1 85  ? -0.119  2.113   -7.167  1.00 67.88  ? 85  LEU A O   1 
ATOM 593  C CB  . LEU A 1 85  ? 1.557   1.404   -4.450  1.00 67.23  ? 85  LEU A CB  1 
ATOM 594  C CG  . LEU A 1 85  ? 2.860   0.921   -3.804  1.00 67.77  ? 85  LEU A CG  1 
ATOM 595  C CD1 . LEU A 1 85  ? 2.571   -0.231  -2.857  1.00 66.05  ? 85  LEU A CD1 1 
ATOM 596  C CD2 . LEU A 1 85  ? 3.899   0.512   -4.844  1.00 68.34  ? 85  LEU A CD2 1 
ATOM 597  N N   . LEU A 1 86  ? -0.427  3.615   -5.524  1.00 53.94  ? 86  LEU A N   1 
ATOM 598  C CA  . LEU A 1 86  ? -1.725  4.049   -6.032  1.00 54.20  ? 86  LEU A CA  1 
ATOM 599  C C   . LEU A 1 86  ? -1.598  4.617   -7.445  1.00 56.88  ? 86  LEU A C   1 
ATOM 600  O O   . LEU A 1 86  ? -2.333  4.217   -8.361  1.00 59.83  ? 86  LEU A O   1 
ATOM 601  C CB  . LEU A 1 86  ? -2.341  5.097   -5.102  1.00 48.58  ? 86  LEU A CB  1 
ATOM 602  C CG  . LEU A 1 86  ? -2.980  4.576   -3.812  1.00 45.96  ? 86  LEU A CG  1 
ATOM 603  C CD1 . LEU A 1 86  ? -3.049  5.669   -2.767  1.00 45.41  ? 86  LEU A CD1 1 
ATOM 604  C CD2 . LEU A 1 86  ? -4.370  4.038   -4.089  1.00 45.88  ? 86  LEU A CD2 1 
ATOM 605  N N   . HIS A 1 87  ? -0.667  5.549   -7.625  1.00 63.40  ? 87  HIS A N   1 
ATOM 606  C CA  . HIS A 1 87  ? -0.465  6.147   -8.942  1.00 64.55  ? 87  HIS A CA  1 
ATOM 607  C C   . HIS A 1 87  ? -0.100  5.098   -9.997  1.00 65.49  ? 87  HIS A C   1 
ATOM 608  O O   . HIS A 1 87  ? -0.644  5.100   -11.111 1.00 68.57  ? 87  HIS A O   1 
ATOM 609  C CB  . HIS A 1 87  ? 0.613   7.228   -8.868  1.00 93.09  ? 87  HIS A CB  1 
ATOM 610  C CG  . HIS A 1 87  ? 0.227   8.398   -8.019  1.00 93.48  ? 87  HIS A CG  1 
ATOM 611  N ND1 . HIS A 1 87  ? 1.062   9.471   -7.800  1.00 94.57  ? 87  HIS A ND1 1 
ATOM 612  C CD2 . HIS A 1 87  ? -0.913  8.662   -7.335  1.00 94.42  ? 87  HIS A CD2 1 
ATOM 613  C CE1 . HIS A 1 87  ? 0.455   10.347  -7.017  1.00 94.85  ? 87  HIS A CE1 1 
ATOM 614  N NE2 . HIS A 1 87  ? -0.744  9.879   -6.721  1.00 94.32  ? 87  HIS A NE2 1 
ATOM 615  N N   . GLN A 1 88  ? 0.812   4.194   -9.653  1.00 62.22  ? 88  GLN A N   1 
ATOM 616  C CA  . GLN A 1 88  ? 1.185   3.141   -10.591 1.00 64.14  ? 88  GLN A CA  1 
ATOM 617  C C   . GLN A 1 88  ? 0.018   2.191   -10.869 1.00 64.87  ? 88  GLN A C   1 
ATOM 618  O O   . GLN A 1 88  ? -0.103  1.651   -11.977 1.00 66.44  ? 88  GLN A O   1 
ATOM 619  C CB  . GLN A 1 88  ? 2.392   2.360   -10.079 1.00 95.83  ? 88  GLN A CB  1 
ATOM 620  C CG  . GLN A 1 88  ? 3.724   2.908   -10.579 1.00 99.03  ? 88  GLN A CG  1 
ATOM 621  C CD  . GLN A 1 88  ? 3.853   2.850   -12.097 1.00 101.50 ? 88  GLN A CD  1 
ATOM 622  O OE1 . GLN A 1 88  ? 3.375   1.911   -12.738 1.00 100.84 ? 88  GLN A OE1 1 
ATOM 623  N NE2 . GLN A 1 88  ? 4.495   3.861   -12.676 1.00 104.15 ? 88  GLN A NE2 1 
ATOM 624  N N   . GLN A 1 89  ? -0.844  1.985   -9.876  1.00 68.05  ? 89  GLN A N   1 
ATOM 625  C CA  . GLN A 1 89  ? -2.069  1.226   -10.109 1.00 68.97  ? 89  GLN A CA  1 
ATOM 626  C C   . GLN A 1 89  ? -2.930  1.935   -11.144 1.00 70.35  ? 89  GLN A C   1 
ATOM 627  O O   . GLN A 1 89  ? -3.423  1.307   -12.089 1.00 71.72  ? 89  GLN A O   1 
ATOM 628  C CB  . GLN A 1 89  ? -2.862  1.037   -8.817  1.00 80.00  ? 89  GLN A CB  1 
ATOM 629  C CG  . GLN A 1 89  ? -2.576  -0.265  -8.093  1.00 80.25  ? 89  GLN A CG  1 
ATOM 630  C CD  . GLN A 1 89  ? -2.882  -1.489  -8.934  1.00 80.65  ? 89  GLN A CD  1 
ATOM 631  O OE1 . GLN A 1 89  ? -1.976  -2.174  -9.410  1.00 80.64  ? 89  GLN A OE1 1 
ATOM 632  N NE2 . GLN A 1 89  ? -4.166  -1.770  -9.121  1.00 79.53  ? 89  GLN A NE2 1 
ATOM 633  N N   . ALA A 1 90  ? -3.112  3.241   -10.960 1.00 61.36  ? 90  ALA A N   1 
ATOM 634  C CA  . ALA A 1 90  ? -3.835  4.043   -11.944 1.00 61.80  ? 90  ALA A CA  1 
ATOM 635  C C   . ALA A 1 90  ? -3.244  3.850   -13.343 1.00 62.89  ? 90  ALA A C   1 
ATOM 636  O O   . ALA A 1 90  ? -3.979  3.559   -14.291 1.00 64.78  ? 90  ALA A O   1 
ATOM 637  C CB  . ALA A 1 90  ? -3.818  5.512   -11.555 1.00 42.20  ? 90  ALA A CB  1 
ATOM 638  N N   . GLU A 1 91  ? -1.925  3.994   -13.470 1.00 67.11  ? 91  GLU A N   1 
ATOM 639  C CA  . GLU A 1 91  ? -1.261  3.745   -14.756 1.00 68.48  ? 91  GLU A CA  1 
ATOM 640  C C   . GLU A 1 91  ? -1.604  2.368   -15.335 1.00 67.67  ? 91  GLU A C   1 
ATOM 641  O O   . GLU A 1 91  ? -2.019  2.252   -16.498 1.00 69.19  ? 91  GLU A O   1 
ATOM 642  C CB  . GLU A 1 91  ? 0.256   3.868   -14.610 1.00 131.94 ? 91  GLU A CB  1 
ATOM 643  C CG  . GLU A 1 91  ? 0.759   5.297   -14.502 1.00 134.43 ? 91  GLU A CG  1 
ATOM 644  C CD  . GLU A 1 91  ? 2.266   5.392   -14.631 1.00 137.29 ? 91  GLU A CD  1 
ATOM 645  O OE1 . GLU A 1 91  ? 2.913   4.344   -14.833 1.00 138.03 ? 91  GLU A OE1 1 
ATOM 646  O OE2 . GLU A 1 91  ? 2.802   6.517   -14.535 1.00 139.71 ? 91  GLU A OE2 1 
ATOM 647  N N   . ILE A 1 92  ? -1.427  1.329   -14.523 1.00 64.00  ? 92  ILE A N   1 
ATOM 648  C CA  . ILE A 1 92  ? -1.745  -0.031  -14.949 1.00 64.65  ? 92  ILE A CA  1 
ATOM 649  C C   . ILE A 1 92  ? -3.189  -0.154  -15.435 1.00 63.41  ? 92  ILE A C   1 
ATOM 650  O O   . ILE A 1 92  ? -3.462  -0.800  -16.451 1.00 65.09  ? 92  ILE A O   1 
ATOM 651  C CB  . ILE A 1 92  ? -1.518  -1.042  -13.812 1.00 79.33  ? 92  ILE A CB  1 
ATOM 652  C CG1 . ILE A 1 92  ? -0.050  -1.030  -13.383 1.00 77.63  ? 92  ILE A CG1 1 
ATOM 653  C CG2 . ILE A 1 92  ? -1.944  -2.440  -14.249 1.00 76.51  ? 92  ILE A CG2 1 
ATOM 654  C CD1 . ILE A 1 92  ? 0.306   -2.106  -12.389 1.00 77.07  ? 92  ILE A CD1 1 
ATOM 655  N N   . GLU A 1 93  ? -4.109  0.471   -14.707 1.00 50.55  ? 93  GLU A N   1 
ATOM 656  C CA  . GLU A 1 93  ? -5.522  0.437   -15.072 1.00 51.93  ? 93  GLU A CA  1 
ATOM 657  C C   . GLU A 1 93  ? -5.795  1.192   -16.373 1.00 51.70  ? 93  GLU A C   1 
ATOM 658  O O   . GLU A 1 93  ? -6.618  0.757   -17.185 1.00 51.04  ? 93  GLU A O   1 
ATOM 659  C CB  . GLU A 1 93  ? -6.371  1.010   -13.937 1.00 115.13 ? 93  GLU A CB  1 
ATOM 660  C CG  . GLU A 1 93  ? -6.372  0.139   -12.692 1.00 113.82 ? 93  GLU A CG  1 
ATOM 661  C CD  . GLU A 1 93  ? -7.195  0.724   -11.564 1.00 117.19 ? 93  GLU A CD  1 
ATOM 662  O OE1 . GLU A 1 93  ? -7.409  1.954   -11.556 1.00 125.21 ? 93  GLU A OE1 1 
ATOM 663  O OE2 . GLU A 1 93  ? -7.630  -0.049  -10.684 1.00 116.45 ? 93  GLU A OE2 1 
ATOM 664  N N   . ARG A 1 94  ? -5.110  2.318   -16.567 1.00 55.55  ? 94  ARG A N   1 
ATOM 665  C CA  . ARG A 1 94  ? -5.172  3.039   -17.839 1.00 55.70  ? 94  ARG A CA  1 
ATOM 666  C C   . ARG A 1 94  ? -4.767  2.108   -18.975 1.00 55.10  ? 94  ARG A C   1 
ATOM 667  O O   . ARG A 1 94  ? -5.508  1.936   -19.953 1.00 54.62  ? 94  ARG A O   1 
ATOM 668  C CB  . ARG A 1 94  ? -4.260  4.269   -17.823 1.00 123.84 ? 94  ARG A CB  1 
ATOM 669  C CG  . ARG A 1 94  ? -4.513  5.250   -16.688 1.00 125.40 ? 94  ARG A CG  1 
ATOM 670  C CD  . ARG A 1 94  ? -3.381  6.269   -16.593 1.00 125.61 ? 94  ARG A CD  1 
ATOM 671  N NE  . ARG A 1 94  ? -3.390  7.005   -15.331 1.00 126.09 ? 94  ARG A NE  1 
ATOM 672  C CZ  . ARG A 1 94  ? -2.421  7.827   -14.937 1.00 126.46 ? 94  ARG A CZ  1 
ATOM 673  N NH1 . ARG A 1 94  ? -1.359  8.020   -15.707 1.00 128.42 ? 94  ARG A NH1 1 
ATOM 674  N NH2 . ARG A 1 94  ? -2.512  8.455   -13.772 1.00 126.87 ? 94  ARG A NH2 1 
ATOM 675  N N   . GLU A 1 95  ? -3.590  1.502   -18.833 1.00 70.02  ? 95  GLU A N   1 
ATOM 676  C CA  . GLU A 1 95  ? -3.102  0.539   -19.817 1.00 68.83  ? 95  GLU A CA  1 
ATOM 677  C C   . GLU A 1 95  ? -4.115  -0.575  -20.066 1.00 70.08  ? 95  GLU A C   1 
ATOM 678  O O   . GLU A 1 95  ? -4.387  -0.941  -21.216 1.00 72.83  ? 95  GLU A O   1 
ATOM 679  C CB  . GLU A 1 95  ? -1.774  -0.051  -19.356 1.00 82.58  ? 95  GLU A CB  1 
ATOM 680  C CG  . GLU A 1 95  ? -0.633  0.942   -19.402 1.00 85.89  ? 95  GLU A CG  1 
ATOM 681  C CD  . GLU A 1 95  ? 0.589   0.455   -18.659 1.00 86.73  ? 95  GLU A CD  1 
ATOM 682  O OE1 . GLU A 1 95  ? 1.584   0.092   -19.322 1.00 86.30  ? 95  GLU A OE1 1 
ATOM 683  O OE2 . GLU A 1 95  ? 0.555   0.441   -17.411 1.00 86.37  ? 95  GLU A OE2 1 
ATOM 684  N N   . LEU A 1 96  ? -4.675  -1.108  -18.986 1.00 82.04  ? 96  LEU A N   1 
ATOM 685  C CA  . LEU A 1 96  ? -5.715  -2.121  -19.093 1.00 83.49  ? 96  LEU A CA  1 
ATOM 686  C C   . LEU A 1 96  ? -6.883  -1.634  -19.952 1.00 86.67  ? 96  LEU A C   1 
ATOM 687  O O   . LEU A 1 96  ? -7.303  -2.330  -20.878 1.00 86.78  ? 96  LEU A O   1 
ATOM 688  C CB  . LEU A 1 96  ? -6.220  -2.514  -17.708 1.00 64.52  ? 96  LEU A CB  1 
ATOM 689  C CG  . LEU A 1 96  ? -7.362  -3.527  -17.720 1.00 64.50  ? 96  LEU A CG  1 
ATOM 690  C CD1 . LEU A 1 96  ? -6.890  -4.872  -18.261 1.00 64.52  ? 96  LEU A CD1 1 
ATOM 691  C CD2 . LEU A 1 96  ? -7.953  -3.669  -16.327 1.00 64.49  ? 96  LEU A CD2 1 
ATOM 692  N N   . ASN A 1 97  ? -7.403  -0.445  -19.647 1.00 95.62  ? 97  ASN A N   1 
ATOM 693  C CA  . ASN A 1 97  ? -8.480  0.150   -20.442 1.00 93.53  ? 97  ASN A CA  1 
ATOM 694  C C   . ASN A 1 97  ? -8.114  0.286   -21.918 1.00 94.95  ? 97  ASN A C   1 
ATOM 695  O O   . ASN A 1 97  ? -8.902  -0.079  -22.797 1.00 94.49  ? 97  ASN A O   1 
ATOM 696  C CB  . ASN A 1 97  ? -8.860  1.525   -19.886 1.00 105.66 ? 97  ASN A CB  1 
ATOM 697  C CG  . ASN A 1 97  ? -9.705  1.436   -18.630 1.00 105.84 ? 97  ASN A CG  1 
ATOM 698  O OD1 . ASN A 1 97  ? -10.492 0.505   -18.462 1.00 107.65 ? 97  ASN A OD1 1 
ATOM 699  N ND2 . ASN A 1 97  ? -9.546  2.409   -17.738 1.00 105.69 ? 97  ASN A ND2 1 
ATOM 700  N N   . ASN A 1 98  ? -6.926  0.819   -22.186 1.00 85.88  ? 98  ASN A N   1 
ATOM 701  C CA  . ASN A 1 98  ? -6.438  0.924   -23.559 1.00 84.63  ? 98  ASN A CA  1 
ATOM 702  C C   . ASN A 1 98  ? -6.414  -0.430  -24.259 1.00 86.31  ? 98  ASN A C   1 
ATOM 703  O O   . ASN A 1 98  ? -6.785  -0.538  -25.431 1.00 87.44  ? 98  ASN A O   1 
ATOM 704  C CB  . ASN A 1 98  ? -5.043  1.543   -23.582 1.00 105.85 ? 98  ASN A CB  1 
ATOM 705  C CG  . ASN A 1 98  ? -5.063  3.020   -23.261 1.00 107.08 ? 98  ASN A CG  1 
ATOM 706  O OD1 . ASN A 1 98  ? -5.982  3.514   -22.606 1.00 107.29 ? 98  ASN A OD1 1 
ATOM 707  N ND2 . ASN A 1 98  ? -4.049  3.741   -23.728 1.00 106.17 ? 98  ASN A ND2 1 
ATOM 708  N N   . GLN A 1 99  ? -5.972  -1.460  -23.541 1.00 78.66  ? 99  GLN A N   1 
ATOM 709  C CA  . GLN A 1 99  ? -6.003  -2.822  -24.070 1.00 79.75  ? 99  GLN A CA  1 
ATOM 710  C C   . GLN A 1 99  ? -7.431  -3.304  -24.336 1.00 80.53  ? 99  GLN A C   1 
ATOM 711  O O   . GLN A 1 99  ? -7.702  -3.932  -25.365 1.00 80.47  ? 99  GLN A O   1 
ATOM 712  C CB  . GLN A 1 99  ? -5.297  -3.784  -23.111 1.00 86.19  ? 99  GLN A CB  1 
ATOM 713  C CG  . GLN A 1 99  ? -3.809  -3.526  -22.967 1.00 86.90  ? 99  GLN A CG  1 
ATOM 714  C CD  . GLN A 1 99  ? -3.078  -4.695  -22.343 1.00 87.56  ? 99  GLN A CD  1 
ATOM 715  O OE1 . GLN A 1 99  ? -3.691  -5.691  -21.958 1.00 86.94  ? 99  GLN A OE1 1 
ATOM 716  N NE2 . GLN A 1 99  ? -1.759  -4.584  -22.247 1.00 87.90  ? 99  GLN A NE2 1 
ATOM 717  N N   . GLU A 1 100 ? -8.336  -3.018  -23.401 1.00 67.88  ? 100 GLU A N   1 
ATOM 718  C CA  . GLU A 1 100 ? -9.754  -3.329  -23.578 1.00 67.78  ? 100 GLU A CA  1 
ATOM 719  C C   . GLU A 1 100 ? -10.265 -2.723  -24.881 1.00 68.54  ? 100 GLU A C   1 
ATOM 720  O O   . GLU A 1 100 ? -10.880 -3.407  -25.703 1.00 68.50  ? 100 GLU A O   1 
ATOM 721  C CB  . GLU A 1 100 ? -10.585 -2.802  -22.402 1.00 143.91 ? 100 GLU A CB  1 
ATOM 722  C CG  . GLU A 1 100 ? -10.081 -3.188  -21.016 1.00 143.28 ? 100 GLU A CG  1 
ATOM 723  C CD  . GLU A 1 100 ? -10.374 -4.630  -20.653 1.00 142.93 ? 100 GLU A CD  1 
ATOM 724  O OE1 . GLU A 1 100 ? -10.697 -5.422  -21.564 1.00 143.05 ? 100 GLU A OE1 1 
ATOM 725  O OE2 . GLU A 1 100 ? -10.286 -4.970  -19.454 1.00 143.09 ? 100 GLU A OE2 1 
ATOM 726  N N   . GLN A 1 101 ? -9.998  -1.432  -25.059 1.00 161.67 ? 101 GLN A N   1 
ATOM 727  C CA  . GLN A 1 101 ? -10.405 -0.722  -26.270 1.00 161.54 ? 101 GLN A CA  1 
ATOM 728  C C   . GLN A 1 101 ? -9.788  -1.345  -27.519 1.00 162.69 ? 101 GLN A C   1 
ATOM 729  O O   . GLN A 1 101 ? -10.487 -1.615  -28.494 1.00 163.10 ? 101 GLN A O   1 
ATOM 730  C CB  . GLN A 1 101 ? -10.018 0.757   -26.182 1.00 134.59 ? 101 GLN A CB  1 
ATOM 731  C CG  . GLN A 1 101 ? -10.412 1.445   -24.881 1.00 134.73 ? 101 GLN A CG  1 
ATOM 732  C CD  . GLN A 1 101 ? -11.913 1.498   -24.663 1.00 134.16 ? 101 GLN A CD  1 
ATOM 733  O OE1 . GLN A 1 101 ? -12.687 0.887   -25.401 1.00 134.09 ? 101 GLN A OE1 1 
ATOM 734  N NE2 . GLN A 1 101 ? -12.333 2.236   -23.642 1.00 134.65 ? 101 GLN A NE2 1 
ATOM 735  N N   . GLU A 1 102 ? -8.477  -1.564  -27.485 1.00 86.71  ? 102 GLU A N   1 
ATOM 736  C CA  . GLU A 1 102 ? -7.763  -2.144  -28.619 1.00 85.95  ? 102 GLU A CA  1 
ATOM 737  C C   . GLU A 1 102 ? -8.309  -3.518  -29.008 1.00 85.97  ? 102 GLU A C   1 
ATOM 738  O O   . GLU A 1 102 ? -8.455  -3.818  -30.192 1.00 87.23  ? 102 GLU A O   1 
ATOM 739  C CB  . GLU A 1 102 ? -6.268  -2.247  -28.310 1.00 97.65  ? 102 GLU A CB  1 
ATOM 740  N N   . ILE A 1 103 ? -8.604  -4.351  -28.015 1.00 91.96  ? 103 ILE A N   1 
ATOM 741  C CA  . ILE A 1 103 ? -9.160  -5.675  -28.283 1.00 94.42  ? 103 ILE A CA  1 
ATOM 742  C C   . ILE A 1 103 ? -10.615 -5.584  -28.739 1.00 94.90  ? 103 ILE A C   1 
ATOM 743  O O   . ILE A 1 103 ? -11.063 -6.372  -29.573 1.00 93.65  ? 103 ILE A O   1 
ATOM 744  C CB  . ILE A 1 103 ? -9.069  -6.590  -27.046 1.00 85.57  ? 103 ILE A CB  1 
ATOM 745  C CG1 . ILE A 1 103 ? -7.602  -6.892  -26.728 1.00 84.07  ? 103 ILE A CG1 1 
ATOM 746  C CG2 . ILE A 1 103 ? -9.849  -7.881  -27.272 1.00 85.26  ? 103 ILE A CG2 1 
ATOM 747  C CD1 . ILE A 1 103 ? -7.404  -7.896  -25.618 1.00 84.73  ? 103 ILE A CD1 1 
ATOM 748  N N   . GLY A 1 104 ? -11.346 -4.618  -28.191 1.00 121.44 ? 104 GLY A N   1 
ATOM 749  C CA  . GLY A 1 104 ? -12.721 -4.388  -28.598 1.00 121.49 ? 104 GLY A CA  1 
ATOM 750  C C   . GLY A 1 104 ? -12.840 -4.068  -30.078 1.00 119.75 ? 104 GLY A C   1 
ATOM 751  O O   . GLY A 1 104 ? -13.570 -4.740  -30.809 1.00 120.62 ? 104 GLY A O   1 
ATOM 752  N N   . SER A 1 105 ? -12.113 -3.045  -30.518 1.00 111.35 ? 105 SER A N   1 
ATOM 753  C CA  . SER A 1 105 ? -12.129 -2.623  -31.916 1.00 113.35 ? 105 SER A CA  1 
ATOM 754  C C   . SER A 1 105 ? -11.402 -3.610  -32.822 1.00 113.25 ? 105 SER A C   1 
ATOM 755  O O   . SER A 1 105 ? -11.412 -3.467  -34.044 1.00 113.40 ? 105 SER A O   1 
ATOM 756  C CB  . SER A 1 105 ? -11.503 -1.234  -32.065 1.00 136.13 ? 105 SER A CB  1 
ATOM 757  O OG  . SER A 1 105 ? -12.256 -0.254  -31.374 1.00 136.54 ? 105 SER A OG  1 
ATOM 758  N N   . LEU A 1 106 ? -10.760 -4.605  -32.221 1.00 120.75 ? 106 LEU A N   1 
ATOM 759  C CA  . LEU A 1 106 ? -10.100 -5.647  -32.992 1.00 120.95 ? 106 LEU A CA  1 
ATOM 760  C C   . LEU A 1 106 ? -11.010 -6.864  -33.093 1.00 121.12 ? 106 LEU A C   1 
ATOM 761  O O   . LEU A 1 106 ? -10.554 -7.973  -33.369 1.00 121.38 ? 106 LEU A O   1 
ATOM 762  C CB  . LEU A 1 106 ? -8.757  -6.024  -32.363 1.00 75.29  ? 106 LEU A CB  1 
ATOM 763  C CG  . LEU A 1 106 ? -7.619  -6.316  -33.344 1.00 75.25  ? 106 LEU A CG  1 
ATOM 764  C CD1 . LEU A 1 106 ? -7.335  -5.096  -34.210 1.00 74.75  ? 106 LEU A CD1 1 
ATOM 765  C CD2 . LEU A 1 106 ? -6.367  -6.749  -32.601 1.00 74.43  ? 106 LEU A CD2 1 
ATOM 766  N N   . LYS A 1 107 ? -12.302 -6.651  -32.860 1.00 132.26 ? 107 LYS A N   1 
ATOM 767  C CA  . LYS A 1 107 ? -13.288 -7.709  -33.028 1.00 134.79 ? 107 LYS A CA  1 
ATOM 768  C C   . LYS A 1 107 ? -13.965 -7.616  -34.395 1.00 136.27 ? 107 LYS A C   1 
ATOM 769  O O   . LYS A 1 107 ? -15.072 -8.120  -34.591 1.00 136.83 ? 107 LYS A O   1 
ATOM 770  C CB  . LYS A 1 107 ? -14.333 -7.661  -31.911 1.00 94.42  ? 107 LYS A CB  1 
ATOM 771  C CG  . LYS A 1 107 ? -13.882 -8.320  -30.617 1.00 93.36  ? 107 LYS A CG  1 
ATOM 772  C CD  . LYS A 1 107 ? -15.031 -9.070  -29.966 1.00 91.85  ? 107 LYS A CD  1 
ATOM 773  C CE  . LYS A 1 107 ? -14.584 -9.814  -28.719 1.00 92.17  ? 107 LYS A CE  1 
ATOM 774  N NZ  . LYS A 1 107 ? -15.689 -10.630 -28.137 1.00 89.95  ? 107 LYS A NZ  1 
ATOM 775  N N   . GLN A 1 108 ? -13.288 -6.967  -35.336 1.00 148.88 ? 108 GLN A N   1 
ATOM 776  C CA  . GLN A 1 108 ? -13.751 -6.907  -36.717 1.00 149.69 ? 108 GLN A CA  1 
ATOM 777  C C   . GLN A 1 108 ? -12.735 -7.592  -37.620 1.00 149.74 ? 108 GLN A C   1 
ATOM 778  O O   . GLN A 1 108 ? -12.995 -7.840  -38.797 1.00 150.38 ? 108 GLN A O   1 
ATOM 779  C CB  . GLN A 1 108 ? -13.968 -5.460  -37.158 1.00 52.16  ? 108 GLN A CB  1 
ATOM 780  N N   . ARG A 1 109 ? -11.574 -7.895  -37.050 1.00 101.16 ? 109 ARG A N   1 
ATOM 781  C CA  . ARG A 1 109 ? -10.487 -8.533  -37.783 1.00 100.54 ? 109 ARG A CA  1 
ATOM 782  C C   . ARG A 1 109 ? -9.914  -9.709  -37.000 1.00 99.06  ? 109 ARG A C   1 
ATOM 783  O O   . ARG A 1 109 ? -8.941  -9.560  -36.261 1.00 95.94  ? 109 ARG A O   1 
ATOM 784  C CB  . ARG A 1 109 ? -9.382  -7.518  -38.091 1.00 63.98  ? 109 ARG A CB  1 
ATOM 785  N N   . GLY A 1 119 ? -10.048 -18.344 -27.458 1.00 72.47  ? 119 GLY A N   1 
ATOM 786  C CA  . GLY A 1 119 ? -9.602  -16.970 -27.613 1.00 71.93  ? 119 GLY A CA  1 
ATOM 787  C C   . GLY A 1 119 ? -8.634  -16.543 -26.524 1.00 73.10  ? 119 GLY A C   1 
ATOM 788  O O   . GLY A 1 119 ? -8.474  -17.232 -25.512 1.00 72.09  ? 119 GLY A O   1 
ATOM 789  N N   . ILE A 1 120 ? -7.991  -15.398 -26.736 1.00 130.40 ? 120 ILE A N   1 
ATOM 790  C CA  . ILE A 1 120 ? -7.018  -14.863 -25.784 1.00 130.24 ? 120 ILE A CA  1 
ATOM 791  C C   . ILE A 1 120 ? -7.643  -13.878 -24.799 1.00 131.70 ? 120 ILE A C   1 
ATOM 792  O O   . ILE A 1 120 ? -6.946  -13.310 -23.963 1.00 130.23 ? 120 ILE A O   1 
ATOM 793  C CB  . ILE A 1 120 ? -5.853  -14.156 -26.511 1.00 81.05  ? 120 ILE A CB  1 
ATOM 794  C CG1 . ILE A 1 120 ? -6.357  -12.945 -27.310 1.00 81.58  ? 120 ILE A CG1 1 
ATOM 795  C CG2 . ILE A 1 120 ? -5.131  -15.138 -27.423 1.00 80.42  ? 120 ILE A CG2 1 
ATOM 796  C CD1 . ILE A 1 120 ? -6.216  -11.610 -26.595 1.00 80.77  ? 120 ILE A CD1 1 
ATOM 797  N N   . ASP A 1 121 ? -8.951  -13.669 -24.905 1.00 132.55 ? 121 ASP A N   1 
ATOM 798  C CA  . ASP A 1 121 ? -9.667  -12.792 -23.978 1.00 131.49 ? 121 ASP A CA  1 
ATOM 799  C C   . ASP A 1 121 ? -9.458  -13.224 -22.525 1.00 131.62 ? 121 ASP A C   1 
ATOM 800  O O   . ASP A 1 121 ? -9.544  -12.407 -21.598 1.00 132.52 ? 121 ASP A O   1 
ATOM 801  C CB  . ASP A 1 121 ? -11.162 -12.768 -24.313 1.00 111.19 ? 121 ASP A CB  1 
ATOM 802  C CG  . ASP A 1 121 ? -11.695 -14.129 -24.725 1.00 109.73 ? 121 ASP A CG  1 
ATOM 803  O OD1 . ASP A 1 121 ? -11.167 -15.150 -24.237 1.00 110.22 ? 121 ASP A OD1 1 
ATOM 804  O OD2 . ASP A 1 121 ? -12.638 -14.174 -25.542 1.00 109.65 ? 121 ASP A OD2 1 
ATOM 805  N N   . GLN A 1 122 ? -9.178  -14.510 -22.334 1.00 119.07 ? 122 GLN A N   1 
ATOM 806  C CA  . GLN A 1 122 ? -8.837  -15.033 -21.017 1.00 119.96 ? 122 GLN A CA  1 
ATOM 807  C C   . GLN A 1 122 ? -7.618  -14.308 -20.450 1.00 119.56 ? 122 GLN A C   1 
ATOM 808  O O   . GLN A 1 122 ? -7.467  -14.187 -19.235 1.00 119.74 ? 122 GLN A O   1 
ATOM 809  C CB  . GLN A 1 122 ? -8.571  -16.541 -21.090 1.00 107.23 ? 122 GLN A CB  1 
ATOM 810  C CG  . GLN A 1 122 ? -7.486  -16.939 -22.087 1.00 106.58 ? 122 GLN A CG  1 
ATOM 811  C CD  . GLN A 1 122 ? -6.984  -18.358 -21.878 1.00 106.01 ? 122 GLN A CD  1 
ATOM 812  O OE1 . GLN A 1 122 ? -5.786  -18.624 -21.983 1.00 104.39 ? 122 GLN A OE1 1 
ATOM 813  N NE2 . GLN A 1 122 ? -7.899  -19.277 -21.583 1.00 106.88 ? 122 GLN A NE2 1 
ATOM 814  N N   . ARG A 1 123 ? -6.753  -13.823 -21.337 1.00 101.43 ? 123 ARG A N   1 
ATOM 815  C CA  . ARG A 1 123 ? -5.567  -13.084 -20.926 1.00 100.93 ? 123 ARG A CA  1 
ATOM 816  C C   . ARG A 1 123 ? -5.972  -11.815 -20.182 1.00 101.52 ? 123 ARG A C   1 
ATOM 817  O O   . ARG A 1 123 ? -5.650  -11.641 -19.006 1.00 101.74 ? 123 ARG A O   1 
ATOM 818  C CB  . ARG A 1 123 ? -4.700  -12.735 -22.139 1.00 91.54  ? 123 ARG A CB  1 
ATOM 819  C CG  . ARG A 1 123 ? -3.218  -12.613 -21.837 1.00 90.83  ? 123 ARG A CG  1 
ATOM 820  C CD  . ARG A 1 123 ? -2.587  -13.988 -21.691 1.00 90.77  ? 123 ARG A CD  1 
ATOM 821  N NE  . ARG A 1 123 ? -2.670  -14.757 -22.933 1.00 91.47  ? 123 ARG A NE  1 
ATOM 822  C CZ  . ARG A 1 123 ? -2.809  -16.080 -23.003 1.00 90.61  ? 123 ARG A CZ  1 
ATOM 823  N NH1 . ARG A 1 123 ? -2.891  -16.816 -21.900 1.00 90.52  ? 123 ARG A NH1 1 
ATOM 824  N NH2 . ARG A 1 123 ? -2.873  -16.672 -24.187 1.00 89.26  ? 123 ARG A NH2 1 
ATOM 825  N N   . GLN A 1 124 ? -6.692  -10.935 -20.871 1.00 102.39 ? 124 GLN A N   1 
ATOM 826  C CA  . GLN A 1 124 ? -7.134  -9.686  -20.267 1.00 101.85 ? 124 GLN A CA  1 
ATOM 827  C C   . GLN A 1 124 ? -8.134  -9.948  -19.147 1.00 101.61 ? 124 GLN A C   1 
ATOM 828  O O   . GLN A 1 124 ? -8.314  -9.107  -18.264 1.00 102.81 ? 124 GLN A O   1 
ATOM 829  C CB  . GLN A 1 124 ? -7.745  -8.764  -21.319 1.00 106.06 ? 124 GLN A CB  1 
ATOM 830  C CG  . GLN A 1 124 ? -8.963  -9.329  -22.011 1.00 108.14 ? 124 GLN A CG  1 
ATOM 831  C CD  . GLN A 1 124 ? -9.558  -8.349  -22.993 1.00 108.31 ? 124 GLN A CD  1 
ATOM 832  O OE1 . GLN A 1 124 ? -9.079  -7.221  -23.125 1.00 108.59 ? 124 GLN A OE1 1 
ATOM 833  N NE2 . GLN A 1 124 ? -10.605 -8.769  -23.693 1.00 107.85 ? 124 GLN A NE2 1 
ATOM 834  N N   . ASN A 1 125 ? -8.793  -11.103 -19.188 1.00 95.00  ? 125 ASN A N   1 
ATOM 835  C CA  . ASN A 1 125 ? -9.592  -11.547 -18.047 1.00 97.56  ? 125 ASN A CA  1 
ATOM 836  C C   . ASN A 1 125 ? -8.697  -11.722 -16.818 1.00 96.53  ? 125 ASN A C   1 
ATOM 837  O O   . ASN A 1 125 ? -8.967  -11.160 -15.751 1.00 96.86  ? 125 ASN A O   1 
ATOM 838  C CB  . ASN A 1 125 ? -10.322 -12.855 -18.370 1.00 112.71 ? 125 ASN A CB  1 
ATOM 839  C CG  . ASN A 1 125 ? -11.428 -13.172 -17.377 1.00 114.00 ? 125 ASN A CG  1 
ATOM 840  O OD1 . ASN A 1 125 ? -11.420 -12.698 -16.241 1.00 114.33 ? 125 ASN A OD1 1 
ATOM 841  N ND2 . ASN A 1 125 ? -12.389 -13.985 -17.806 1.00 114.23 ? 125 ASN A ND2 1 
ATOM 842  N N   . ASN A 1 126 ? -7.629  -12.498 -16.978 1.00 67.78  ? 126 ASN A N   1 
ATOM 843  C CA  . ASN A 1 126 ? -6.662  -12.706 -15.905 1.00 67.89  ? 126 ASN A CA  1 
ATOM 844  C C   . ASN A 1 126 ? -6.034  -11.396 -15.444 1.00 63.77  ? 126 ASN A C   1 
ATOM 845  O O   . ASN A 1 126 ? -5.856  -11.171 -14.244 1.00 64.44  ? 126 ASN A O   1 
ATOM 846  C CB  . ASN A 1 126 ? -5.564  -13.670 -16.354 1.00 105.75 ? 126 ASN A CB  1 
ATOM 847  C CG  . ASN A 1 126 ? -6.106  -15.023 -16.765 1.00 105.22 ? 126 ASN A CG  1 
ATOM 848  O OD1 . ASN A 1 126 ? -7.237  -15.382 -16.431 1.00 105.71 ? 126 ASN A OD1 1 
ATOM 849  N ND2 . ASN A 1 126 ? -5.300  -15.785 -17.496 1.00 105.16 ? 126 ASN A ND2 1 
ATOM 850  N N   . LEU A 1 127 ? -5.694  -10.537 -16.401 1.00 58.77  ? 127 LEU A N   1 
ATOM 851  C CA  . LEU A 1 127 ? -5.165  -9.214  -16.084 1.00 60.30  ? 127 LEU A CA  1 
ATOM 852  C C   . LEU A 1 127 ? -6.174  -8.406  -15.273 1.00 58.94  ? 127 LEU A C   1 
ATOM 853  O O   . LEU A 1 127 ? -5.819  -7.765  -14.280 1.00 58.65  ? 127 LEU A O   1 
ATOM 854  C CB  . LEU A 1 127 ? -4.795  -8.459  -17.362 1.00 81.33  ? 127 LEU A CB  1 
ATOM 855  C CG  . LEU A 1 127 ? -3.683  -9.077  -18.217 1.00 80.74  ? 127 LEU A CG  1 
ATOM 856  C CD1 . LEU A 1 127 ? -3.504  -8.294  -19.504 1.00 81.66  ? 127 LEU A CD1 1 
ATOM 857  C CD2 . LEU A 1 127 ? -2.372  -9.140  -17.453 1.00 80.83  ? 127 LEU A CD2 1 
ATOM 858  N N   . LYS A 1 128 ? -7.434  -8.438  -15.701 1.00 77.58  ? 128 LYS A N   1 
ATOM 859  C CA  . LYS A 1 128 ? -8.496  -7.749  -14.981 1.00 77.51  ? 128 LYS A CA  1 
ATOM 860  C C   . LYS A 1 128 ? -8.558  -8.253  -13.542 1.00 77.18  ? 128 LYS A C   1 
ATOM 861  O O   . LYS A 1 128 ? -8.479  -7.463  -12.602 1.00 78.24  ? 128 LYS A O   1 
ATOM 862  C CB  . LYS A 1 128 ? -9.850  -7.950  -15.674 1.00 91.36  ? 128 LYS A CB  1 
ATOM 863  C CG  . LYS A 1 128 ? -11.019 -7.235  -14.988 1.00 92.31  ? 128 LYS A CG  1 
ATOM 864  C CD  . LYS A 1 128 ? -12.360 -7.879  -15.317 1.00 94.29  ? 128 LYS A CD  1 
ATOM 865  C CE  . LYS A 1 128 ? -13.420 -7.516  -14.280 1.00 94.73  ? 128 LYS A CE  1 
ATOM 866  N NZ  . LYS A 1 128 ? -13.136 -8.112  -12.939 1.00 90.84  ? 128 LYS A NZ  1 
ATOM 867  N N   . ARG A 1 129 ? -8.691  -9.567  -13.379 1.00 45.28  ? 129 ARG A N   1 
ATOM 868  C CA  . ARG A 1 129 ? -8.805  -10.171 -12.050 1.00 43.54  ? 129 ARG A CA  1 
ATOM 869  C C   . ARG A 1 129 ? -7.596  -9.834  -11.177 1.00 42.84  ? 129 ARG A C   1 
ATOM 870  O O   . ARG A 1 129 ? -7.735  -9.540  -9.979  1.00 42.91  ? 129 ARG A O   1 
ATOM 871  C CB  . ARG A 1 129 ? -8.967  -11.686 -12.176 1.00 124.96 ? 129 ARG A CB  1 
ATOM 872  C CG  . ARG A 1 129 ? -10.255 -12.100 -12.876 1.00 127.93 ? 129 ARG A CG  1 
ATOM 873  C CD  . ARG A 1 129 ? -10.185 -13.521 -13.407 1.00 131.82 ? 129 ARG A CD  1 
ATOM 874  N NE  . ARG A 1 129 ? -10.083 -14.510 -12.339 1.00 136.12 ? 129 ARG A NE  1 
ATOM 875  C CZ  . ARG A 1 129 ? -11.108 -14.925 -11.601 1.00 140.99 ? 129 ARG A CZ  1 
ATOM 876  N NH1 . ARG A 1 129 ? -12.324 -14.432 -11.801 1.00 141.80 ? 129 ARG A NH1 1 
ATOM 877  N NH2 . ARG A 1 129 ? -10.916 -15.831 -10.653 1.00 144.26 ? 129 ARG A NH2 1 
ATOM 878  N N   . ALA A 1 130 ? -6.415  -9.866  -11.786 1.00 61.05  ? 130 ALA A N   1 
ATOM 879  C CA  . ALA A 1 130 ? -5.186  -9.478  -11.104 1.00 60.53  ? 130 ALA A CA  1 
ATOM 880  C C   . ALA A 1 130 ? -5.248  -8.036  -10.600 1.00 59.35  ? 130 ALA A C   1 
ATOM 881  O O   . ALA A 1 130 ? -5.035  -7.775  -9.412  1.00 59.80  ? 130 ALA A O   1 
ATOM 882  C CB  . ALA A 1 130 ? -3.997  -9.656  -12.030 1.00 46.05  ? 130 ALA A CB  1 
ATOM 883  N N   . ILE A 1 131 ? -5.539  -7.104  -11.506 1.00 91.18  ? 131 ILE A N   1 
ATOM 884  C CA  . ILE A 1 131 ? -5.625  -5.690  -11.144 1.00 91.10  ? 131 ILE A CA  1 
ATOM 885  C C   . ILE A 1 131 ? -6.711  -5.436  -10.098 1.00 90.87  ? 131 ILE A C   1 
ATOM 886  O O   . ILE A 1 131 ? -6.530  -4.623  -9.197  1.00 90.84  ? 131 ILE A O   1 
ATOM 887  C CB  . ILE A 1 131 ? -5.897  -4.811  -12.379 1.00 46.55  ? 131 ILE A CB  1 
ATOM 888  C CG1 . ILE A 1 131 ? -4.703  -4.875  -13.330 1.00 47.00  ? 131 ILE A CG1 1 
ATOM 889  C CG2 . ILE A 1 131 ? -6.147  -3.357  -11.971 1.00 48.44  ? 131 ILE A CG2 1 
ATOM 890  C CD1 . ILE A 1 131 ? -4.934  -4.198  -14.665 1.00 48.57  ? 131 ILE A CD1 1 
ATOM 891  N N   . GLU A 1 132 ? -7.840  -6.126  -10.231 1.00 71.51  ? 132 GLU A N   1 
ATOM 892  C CA  . GLU A 1 132 ? -8.930  -6.008  -9.267  1.00 70.75  ? 132 GLU A CA  1 
ATOM 893  C C   . GLU A 1 132 ? -8.473  -6.427  -7.874  1.00 70.63  ? 132 GLU A C   1 
ATOM 894  O O   . GLU A 1 132 ? -8.661  -5.691  -6.893  1.00 70.60  ? 132 GLU A O   1 
ATOM 895  C CB  . GLU A 1 132 ? -10.120 -6.864  -9.696  1.00 126.33 ? 132 GLU A CB  1 
ATOM 896  C CG  . GLU A 1 132 ? -11.216 -6.951  -8.648  1.00 127.48 ? 132 GLU A CG  1 
ATOM 897  C CD  . GLU A 1 132 ? -11.886 -8.310  -8.619  1.00 128.11 ? 132 GLU A CD  1 
ATOM 898  O OE1 . GLU A 1 132 ? -11.315 -9.268  -9.184  1.00 127.59 ? 132 GLU A OE1 1 
ATOM 899  O OE2 . GLU A 1 132 ? -12.982 -8.421  -8.030  1.00 127.87 ? 132 GLU A OE2 1 
ATOM 900  N N   . ALA A 1 133 ? -7.882  -7.615  -7.789  1.00 75.30  ? 133 ALA A N   1 
ATOM 901  C CA  . ALA A 1 133 ? -7.341  -8.093  -6.522  1.00 75.26  ? 133 ALA A CA  1 
ATOM 902  C C   . ALA A 1 133 ? -6.314  -7.110  -5.960  1.00 73.87  ? 133 ALA A C   1 
ATOM 903  O O   . ALA A 1 133 ? -6.317  -6.805  -4.760  1.00 73.64  ? 133 ALA A O   1 
ATOM 904  C CB  . ALA A 1 133 ? -6.719  -9.454  -6.704  1.00 47.40  ? 133 ALA A CB  1 
ATOM 905  N N   . GLN A 1 134 ? -5.443  -6.620  -6.839  1.00 52.29  ? 134 GLN A N   1 
ATOM 906  C CA  . GLN A 1 134 ? -4.445  -5.619  -6.472  1.00 51.13  ? 134 GLN A CA  1 
ATOM 907  C C   . GLN A 1 134 ? -5.117  -4.393  -5.863  1.00 51.51  ? 134 GLN A C   1 
ATOM 908  O O   . GLN A 1 134 ? -4.718  -3.911  -4.800  1.00 51.23  ? 134 GLN A O   1 
ATOM 909  C CB  . GLN A 1 134 ? -3.625  -5.210  -7.697  1.00 94.04  ? 134 GLN A CB  1 
ATOM 910  C CG  . GLN A 1 134 ? -2.236  -4.676  -7.379  1.00 93.17  ? 134 GLN A CG  1 
ATOM 911  C CD  . GLN A 1 134 ? -1.272  -5.760  -6.937  1.00 94.86  ? 134 GLN A CD  1 
ATOM 912  O OE1 . GLN A 1 134 ? -1.415  -6.925  -7.305  1.00 96.52  ? 134 GLN A OE1 1 
ATOM 913  N NE2 . GLN A 1 134 ? -0.282  -5.377  -6.142  1.00 94.52  ? 134 GLN A NE2 1 
ATOM 914  N N   . LYS A 1 135 ? -6.144  -3.901  -6.548  1.00 59.03  ? 135 LYS A N   1 
ATOM 915  C CA  . LYS A 1 135 ? -6.874  -2.723  -6.106  1.00 58.20  ? 135 LYS A CA  1 
ATOM 916  C C   . LYS A 1 135 ? -7.449  -2.954  -4.715  1.00 57.30  ? 135 LYS A C   1 
ATOM 917  O O   . LYS A 1 135 ? -7.223  -2.151  -3.804  1.00 57.74  ? 135 LYS A O   1 
ATOM 918  C CB  . LYS A 1 135 ? -7.986  -2.372  -7.102  1.00 86.58  ? 135 LYS A CB  1 
ATOM 919  C CG  . LYS A 1 135 ? -8.723  -1.074  -6.786  1.00 91.15  ? 135 LYS A CG  1 
ATOM 920  C CD  . LYS A 1 135 ? -9.635  -0.634  -7.930  1.00 93.46  ? 135 LYS A CD  1 
ATOM 921  C CE  . LYS A 1 135 ? -10.312 0.701   -7.621  1.00 94.43  ? 135 LYS A CE  1 
ATOM 922  N NZ  . LYS A 1 135 ? -11.060 1.261   -8.784  1.00 95.55  ? 135 LYS A NZ  1 
ATOM 923  N N   . HIS A 1 136 ? -8.175  -4.057  -4.548  1.00 53.00  ? 136 HIS A N   1 
ATOM 924  C CA  . HIS A 1 136 ? -8.766  -4.374  -3.250  1.00 52.04  ? 136 HIS A CA  1 
ATOM 925  C C   . HIS A 1 136 ? -7.703  -4.421  -2.149  1.00 52.59  ? 136 HIS A C   1 
ATOM 926  O O   . HIS A 1 136 ? -7.839  -3.771  -1.094  1.00 54.00  ? 136 HIS A O   1 
ATOM 927  C CB  . HIS A 1 136 ? -9.512  -5.705  -3.315  1.00 89.76  ? 136 HIS A CB  1 
ATOM 928  C CG  . HIS A 1 136 ? -10.072 -6.146  -1.996  1.00 93.62  ? 136 HIS A CG  1 
ATOM 929  N ND1 . HIS A 1 136 ? -9.593  -7.239  -1.316  1.00 91.86  ? 136 HIS A ND1 1 
ATOM 930  C CD2 . HIS A 1 136 ? -11.068 -5.627  -1.238  1.00 96.36  ? 136 HIS A CD2 1 
ATOM 931  C CE1 . HIS A 1 136 ? -10.274 -7.384  -0.187  1.00 92.45  ? 136 HIS A CE1 1 
ATOM 932  N NE2 . HIS A 1 136 ? -11.170 -6.421  -0.118  1.00 92.32  ? 136 HIS A NE2 1 
ATOM 933  N N   . LEU A 1 137 ? -6.639  -5.178  -2.399  1.00 46.20  ? 137 LEU A N   1 
ATOM 934  C CA  . LEU A 1 137 ? -5.560  -5.296  -1.427  1.00 44.55  ? 137 LEU A CA  1 
ATOM 935  C C   . LEU A 1 137 ? -4.982  -3.922  -1.093  1.00 43.18  ? 137 LEU A C   1 
ATOM 936  O O   . LEU A 1 137 ? -4.705  -3.614  0.071   1.00 44.10  ? 137 LEU A O   1 
ATOM 937  C CB  . LEU A 1 137 ? -4.469  -6.224  -1.955  1.00 71.91  ? 137 LEU A CB  1 
ATOM 938  C CG  . LEU A 1 137 ? -3.320  -6.551  -1.001  1.00 71.58  ? 137 LEU A CG  1 
ATOM 939  C CD1 . LEU A 1 137 ? -3.832  -7.074  0.332   1.00 73.10  ? 137 LEU A CD1 1 
ATOM 940  C CD2 . LEU A 1 137 ? -2.402  -7.576  -1.636  1.00 70.45  ? 137 LEU A CD2 1 
ATOM 941  N N   . LEU A 1 138 ? -4.825  -3.087  -2.113  1.00 31.49  ? 138 LEU A N   1 
ATOM 942  C CA  . LEU A 1 138 ? -4.319  -1.735  -1.910  1.00 31.35  ? 138 LEU A CA  1 
ATOM 943  C C   . LEU A 1 138 ? -5.284  -0.884  -1.072  1.00 29.37  ? 138 LEU A C   1 
ATOM 944  O O   . LEU A 1 138 ? -4.857  -0.078  -0.236  1.00 29.82  ? 138 LEU A O   1 
ATOM 945  C CB  . LEU A 1 138 ? -4.061  -1.070  -3.260  1.00 49.56  ? 138 LEU A CB  1 
ATOM 946  C CG  . LEU A 1 138 ? -3.086  0.105   -3.246  1.00 49.49  ? 138 LEU A CG  1 
ATOM 947  C CD1 . LEU A 1 138 ? -1.683  -0.359  -2.899  1.00 51.80  ? 138 LEU A CD1 1 
ATOM 948  C CD2 . LEU A 1 138 ? -3.088  0.787   -4.592  1.00 53.16  ? 138 LEU A CD2 1 
ATOM 949  N N   . GLN A 1 139 ? -6.583  -1.051  -1.295  1.00 50.98  ? 139 GLN A N   1 
ATOM 950  C CA  . GLN A 1 139 ? -7.572  -0.357  -0.479  1.00 50.82  ? 139 GLN A CA  1 
ATOM 951  C C   . GLN A 1 139 ? -7.428  -0.770  0.981   1.00 50.09  ? 139 GLN A C   1 
ATOM 952  O O   . GLN A 1 139 ? -7.368  0.085   1.873   1.00 49.20  ? 139 GLN A O   1 
ATOM 953  C CB  . GLN A 1 139 ? -8.987  -0.644  -0.975  1.00 95.22  ? 139 GLN A CB  1 
ATOM 954  C CG  . GLN A 1 139 ? -9.310  0.024   -2.298  1.00 98.77  ? 139 GLN A CG  1 
ATOM 955  C CD  . GLN A 1 139 ? -10.643 -0.419  -2.864  1.00 101.95 ? 139 GLN A CD  1 
ATOM 956  O OE1 . GLN A 1 139 ? -11.211 -1.424  -2.436  1.00 104.50 ? 139 GLN A OE1 1 
ATOM 957  N NE2 . GLN A 1 139 ? -11.152 0.334   -3.832  1.00 103.68 ? 139 GLN A NE2 1 
ATOM 958  N N   . LEU A 1 140 ? -7.360  -2.077  1.224   1.00 57.15  ? 140 LEU A N   1 
ATOM 959  C CA  . LEU A 1 140 ? -7.134  -2.570  2.584   1.00 56.19  ? 140 LEU A CA  1 
ATOM 960  C C   . LEU A 1 140 ? -5.857  -1.977  3.187   1.00 55.82  ? 140 LEU A C   1 
ATOM 961  O O   . LEU A 1 140 ? -5.843  -1.566  4.355   1.00 56.12  ? 140 LEU A O   1 
ATOM 962  C CB  . LEU A 1 140 ? -7.054  -4.100  2.604   1.00 59.37  ? 140 LEU A CB  1 
ATOM 963  C CG  . LEU A 1 140 ? -8.349  -4.885  2.361   1.00 61.18  ? 140 LEU A CG  1 
ATOM 964  C CD1 . LEU A 1 140 ? -8.069  -6.378  2.371   1.00 61.27  ? 140 LEU A CD1 1 
ATOM 965  C CD2 . LEU A 1 140 ? -9.417  -4.545  3.392   1.00 60.72  ? 140 LEU A CD2 1 
ATOM 966  N N   . THR A 1 141 ? -4.785  -1.943  2.393   1.00 44.33  ? 141 THR A N   1 
ATOM 967  C CA  . THR A 1 141 ? -3.541  -1.303  2.816   1.00 43.20  ? 141 THR A CA  1 
ATOM 968  C C   . THR A 1 141 ? -3.811  0.116   3.310   1.00 43.10  ? 141 THR A C   1 
ATOM 969  O O   . THR A 1 141 ? -3.519  0.451   4.469   1.00 42.79  ? 141 THR A O   1 
ATOM 970  C CB  . THR A 1 141 ? -2.502  -1.262  1.664   1.00 55.58  ? 141 THR A CB  1 
ATOM 971  O OG1 . THR A 1 141 ? -2.095  -2.596  1.337   1.00 57.83  ? 141 THR A OG1 1 
ATOM 972  C CG2 . THR A 1 141 ? -1.269  -0.454  2.053   1.00 56.12  ? 141 THR A CG2 1 
ATOM 973  N N   . VAL A 1 142 ? -4.383  0.939   2.434   1.00 28.08  ? 142 VAL A N   1 
ATOM 974  C CA  . VAL A 1 142 ? -4.674  2.329   2.775   1.00 28.85  ? 142 VAL A CA  1 
ATOM 975  C C   . VAL A 1 142 ? -5.536  2.436   4.047   1.00 27.18  ? 142 VAL A C   1 
ATOM 976  O O   . VAL A 1 142 ? -5.302  3.302   4.907   1.00 29.86  ? 142 VAL A O   1 
ATOM 977  C CB  . VAL A 1 142 ? -5.362  3.034   1.593   1.00 30.01  ? 142 VAL A CB  1 
ATOM 978  C CG1 . VAL A 1 142 ? -5.829  4.435   1.965   1.00 31.68  ? 142 VAL A CG1 1 
ATOM 979  C CG2 . VAL A 1 142 ? -4.402  3.120   0.425   1.00 31.42  ? 142 VAL A CG2 1 
ATOM 980  N N   . TRP A 1 143 ? -6.514  1.548   4.176   1.00 48.12  ? 143 TRP A N   1 
ATOM 981  C CA  . TRP A 1 143 ? -7.307  1.476   5.397   1.00 47.50  ? 143 TRP A CA  1 
ATOM 982  C C   . TRP A 1 143 ? -6.424  1.265   6.635   1.00 47.56  ? 143 TRP A C   1 
ATOM 983  O O   . TRP A 1 143 ? -6.505  2.022   7.622   1.00 49.86  ? 143 TRP A O   1 
ATOM 984  C CB  . TRP A 1 143 ? -8.322  0.347   5.278   1.00 64.23  ? 143 TRP A CB  1 
ATOM 985  C CG  . TRP A 1 143 ? -9.429  0.408   6.264   1.00 65.45  ? 143 TRP A CG  1 
ATOM 986  C CD1 . TRP A 1 143 ? -9.652  1.370   7.203   1.00 65.00  ? 143 TRP A CD1 1 
ATOM 987  C CD2 . TRP A 1 143 ? -10.483 -0.546  6.407   1.00 67.12  ? 143 TRP A CD2 1 
ATOM 988  N NE1 . TRP A 1 143 ? -10.782 1.072   7.925   1.00 64.86  ? 143 TRP A NE1 1 
ATOM 989  C CE2 . TRP A 1 143 ? -11.312 -0.102  7.453   1.00 66.06  ? 143 TRP A CE2 1 
ATOM 990  C CE3 . TRP A 1 143 ? -10.807 -1.737  5.748   1.00 66.88  ? 143 TRP A CE3 1 
ATOM 991  C CZ2 . TRP A 1 143 ? -12.442 -0.805  7.859   1.00 66.37  ? 143 TRP A CZ2 1 
ATOM 992  C CZ3 . TRP A 1 143 ? -11.930 -2.434  6.151   1.00 65.60  ? 143 TRP A CZ3 1 
ATOM 993  C CH2 . TRP A 1 143 ? -12.735 -1.967  7.195   1.00 64.91  ? 143 TRP A CH2 1 
ATOM 994  N N   . GLY A 1 144 ? -5.582  0.235   6.578   1.00 54.04  ? 144 GLY A N   1 
ATOM 995  C CA  . GLY A 1 144 ? -4.656  -0.043  7.663   1.00 53.54  ? 144 GLY A CA  1 
ATOM 996  C C   . GLY A 1 144 ? -3.816  1.169   8.008   1.00 52.99  ? 144 GLY A C   1 
ATOM 997  O O   . GLY A 1 144 ? -3.654  1.531   9.189   1.00 53.61  ? 144 GLY A O   1 
ATOM 998  N N   . ILE A 1 145 ? -3.293  1.814   6.969   1.00 25.63  ? 145 ILE A N   1 
ATOM 999  C CA  . ILE A 1 145 ? -2.504  3.024   7.162   1.00 25.80  ? 145 ILE A CA  1 
ATOM 1000 C C   . ILE A 1 145 ? -3.297  4.066   7.942   1.00 24.10  ? 145 ILE A C   1 
ATOM 1001 O O   . ILE A 1 145 ? -2.803  4.608   8.933   1.00 25.08  ? 145 ILE A O   1 
ATOM 1002 C CB  . ILE A 1 145 ? -2.046  3.608   5.822   1.00 36.36  ? 145 ILE A CB  1 
ATOM 1003 C CG1 . ILE A 1 145 ? -1.096  2.618   5.156   1.00 36.58  ? 145 ILE A CG1 1 
ATOM 1004 C CG2 . ILE A 1 145 ? -1.335  4.953   6.025   1.00 36.27  ? 145 ILE A CG2 1 
ATOM 1005 C CD1 . ILE A 1 145 ? -0.821  2.906   3.728   1.00 36.82  ? 145 ILE A CD1 1 
ATOM 1006 N N   . LYS A 1 146 ? -4.524  4.336   7.503   1.00 27.34  ? 146 LYS A N   1 
ATOM 1007 C CA  . LYS A 1 146 ? -5.389  5.269   8.221   1.00 27.70  ? 146 LYS A CA  1 
ATOM 1008 C C   . LYS A 1 146 ? -5.512  4.891   9.700   1.00 28.22  ? 146 LYS A C   1 
ATOM 1009 O O   . LYS A 1 146 ? -5.442  5.760   10.591  1.00 28.34  ? 146 LYS A O   1 
ATOM 1010 C CB  . LYS A 1 146 ? -6.777  5.313   7.584   1.00 54.74  ? 146 LYS A CB  1 
ATOM 1011 C CG  . LYS A 1 146 ? -6.832  5.969   6.214   1.00 54.51  ? 146 LYS A CG  1 
ATOM 1012 C CD  . LYS A 1 146 ? -8.215  5.798   5.595   1.00 56.62  ? 146 LYS A CD  1 
ATOM 1013 C CE  . LYS A 1 146 ? -8.498  6.831   4.513   1.00 55.44  ? 146 LYS A CE  1 
ATOM 1014 N NZ  . LYS A 1 146 ? -7.584  6.699   3.353   1.00 54.40  ? 146 LYS A NZ  1 
ATOM 1015 N N   . GLN A 1 147 ? -5.702  3.599   9.960   1.00 37.40  ? 147 GLN A N   1 
ATOM 1016 C CA  . GLN A 1 147 ? -5.800  3.127   11.344  1.00 38.36  ? 147 GLN A CA  1 
ATOM 1017 C C   . GLN A 1 147 ? -4.538  3.399   12.186  1.00 36.92  ? 147 GLN A C   1 
ATOM 1018 O O   . GLN A 1 147 ? -4.628  3.900   13.328  1.00 36.51  ? 147 GLN A O   1 
ATOM 1019 C CB  . GLN A 1 147 ? -6.116  1.634   11.362  1.00 96.70  ? 147 GLN A CB  1 
ATOM 1020 C CG  . GLN A 1 147 ? -7.490  1.293   10.808  1.00 96.68  ? 147 GLN A CG  1 
ATOM 1021 C CD  . GLN A 1 147 ? -8.613  1.949   11.590  1.00 100.51 ? 147 GLN A CD  1 
ATOM 1022 O OE1 . GLN A 1 147 ? -8.549  2.070   12.815  1.00 101.95 ? 147 GLN A OE1 1 
ATOM 1023 N NE2 . GLN A 1 147 ? -9.644  2.388   10.879  1.00 98.72  ? 147 GLN A NE2 1 
ATOM 1024 N N   . LEU A 1 148 ? -3.365  3.068   11.645  1.00 60.70  ? 148 LEU A N   1 
ATOM 1025 C CA  . LEU A 1 148 ? -2.122  3.372   12.359  1.00 60.21  ? 148 LEU A CA  1 
ATOM 1026 C C   . LEU A 1 148 ? -1.973  4.869   12.583  1.00 60.79  ? 148 LEU A C   1 
ATOM 1027 O O   . LEU A 1 148 ? -1.601  5.312   13.672  1.00 58.18  ? 148 LEU A O   1 
ATOM 1028 C CB  . LEU A 1 148 ? -0.910  2.845   11.597  1.00 78.17  ? 148 LEU A CB  1 
ATOM 1029 C CG  . LEU A 1 148 ? -0.933  1.344   11.326  1.00 80.90  ? 148 LEU A CG  1 
ATOM 1030 C CD1 . LEU A 1 148 ? 0.436   0.882   10.858  1.00 80.10  ? 148 LEU A CD1 1 
ATOM 1031 C CD2 . LEU A 1 148 ? -1.397  0.542   12.550  1.00 84.18  ? 148 LEU A CD2 1 
ATOM 1032 N N   . GLN A 1 149 ? -2.255  5.636   11.536  1.00 34.33  ? 149 GLN A N   1 
ATOM 1033 C CA  . GLN A 1 149 ? -2.297  7.086   11.619  1.00 35.42  ? 149 GLN A CA  1 
ATOM 1034 C C   . GLN A 1 149 ? -3.061  7.518   12.868  1.00 33.82  ? 149 GLN A C   1 
ATOM 1035 O O   . GLN A 1 149 ? -2.514  8.205   13.746  1.00 34.54  ? 149 GLN A O   1 
ATOM 1036 C CB  . GLN A 1 149 ? -2.964  7.656   10.369  1.00 49.11  ? 149 GLN A CB  1 
ATOM 1037 C CG  . GLN A 1 149 ? -2.438  8.987   9.888   1.00 51.46  ? 149 GLN A CG  1 
ATOM 1038 C CD  . GLN A 1 149 ? -3.292  9.541   8.765   1.00 51.10  ? 149 GLN A CD  1 
ATOM 1039 O OE1 . GLN A 1 149 ? -4.523  9.494   8.826   1.00 50.33  ? 149 GLN A OE1 1 
ATOM 1040 N NE2 . GLN A 1 149 ? -2.645  10.049  7.721   1.00 51.84  ? 149 GLN A NE2 1 
ATOM 1041 N N   . ALA A 1 150 ? -4.321  7.096   12.944  1.00 37.43  ? 150 ALA A N   1 
ATOM 1042 C CA  . ALA A 1 150 ? -5.167  7.439   14.084  1.00 35.34  ? 150 ALA A CA  1 
ATOM 1043 C C   . ALA A 1 150 ? -4.521  7.059   15.414  1.00 34.72  ? 150 ALA A C   1 
ATOM 1044 O O   . ALA A 1 150 ? -4.474  7.876   16.353  1.00 37.32  ? 150 ALA A O   1 
ATOM 1045 C CB  . ALA A 1 150 ? -6.511  6.764   13.956  1.00 12.99  ? 150 ALA A CB  1 
ATOM 1046 N N   . ARG A 1 151 ? -4.033  5.822   15.500  1.00 30.39  ? 151 ARG A N   1 
ATOM 1047 C CA  . ARG A 1 151 ? -3.391  5.364   16.735  1.00 30.66  ? 151 ARG A CA  1 
ATOM 1048 C C   . ARG A 1 151 ? -2.234  6.265   17.159  1.00 25.60  ? 151 ARG A C   1 
ATOM 1049 O O   . ARG A 1 151 ? -2.168  6.736   18.308  1.00 29.63  ? 151 ARG A O   1 
ATOM 1050 C CB  . ARG A 1 151 ? -2.891  3.929   16.569  1.00 42.67  ? 151 ARG A CB  1 
ATOM 1051 C CG  . ARG A 1 151 ? -4.012  2.907   16.580  1.00 43.77  ? 151 ARG A CG  1 
ATOM 1052 C CD  . ARG A 1 151 ? -3.536  1.536   16.139  1.00 45.24  ? 151 ARG A CD  1 
ATOM 1053 N NE  . ARG A 1 151 ? -2.660  0.904   17.121  1.00 43.15  ? 151 ARG A NE  1 
ATOM 1054 C CZ  . ARG A 1 151 ? -2.100  -0.290  16.956  1.00 43.96  ? 151 ARG A CZ  1 
ATOM 1055 N NH1 . ARG A 1 151 ? -2.325  -0.988  15.846  1.00 46.54  ? 151 ARG A NH1 1 
ATOM 1056 N NH2 . ARG A 1 151 ? -1.315  -0.790  17.899  1.00 42.53  ? 151 ARG A NH2 1 
ATOM 1057 N N   . ILE A 1 152 ? -1.320  6.501   16.228  1.00 37.68  ? 152 ILE A N   1 
ATOM 1058 C CA  . ILE A 1 152 ? -0.165  7.327   16.515  1.00 31.70  ? 152 ILE A CA  1 
ATOM 1059 C C   . ILE A 1 152 ? -0.644  8.701   16.979  1.00 31.86  ? 152 ILE A C   1 
ATOM 1060 O O   . ILE A 1 152 ? -0.148  9.222   17.977  1.00 35.32  ? 152 ILE A O   1 
ATOM 1061 C CB  . ILE A 1 152 ? 0.760   7.438   15.284  1.00 28.93  ? 152 ILE A CB  1 
ATOM 1062 C CG1 . ILE A 1 152 ? 1.328   6.058   14.961  1.00 28.66  ? 152 ILE A CG1 1 
ATOM 1063 C CG2 . ILE A 1 152 ? 1.917   8.398   15.544  1.00 31.09  ? 152 ILE A CG2 1 
ATOM 1064 C CD1 . ILE A 1 152 ? 1.900   5.945   13.588  1.00 30.51  ? 152 ILE A CD1 1 
ATOM 1065 N N   . LEU A 1 153 ? -1.631  9.263   16.281  1.00 16.78  ? 153 LEU A N   1 
ATOM 1066 C CA  . LEU A 1 153 ? -2.160  10.575  16.648  1.00 14.75  ? 153 LEU A CA  1 
ATOM 1067 C C   . LEU A 1 153 ? -2.668  10.594  18.087  1.00 13.40  ? 153 LEU A C   1 
ATOM 1068 O O   . LEU A 1 153 ? -2.379  11.529  18.849  1.00 14.95  ? 153 LEU A O   1 
ATOM 1069 C CB  . LEU A 1 153 ? -3.280  10.983  15.693  1.00 25.64  ? 153 LEU A CB  1 
ATOM 1070 C CG  . LEU A 1 153 ? -2.807  11.389  14.299  1.00 25.86  ? 153 LEU A CG  1 
ATOM 1071 C CD1 . LEU A 1 153 ? -3.944  11.296  13.295  1.00 26.36  ? 153 LEU A CD1 1 
ATOM 1072 C CD2 . LEU A 1 153 ? -2.231  12.803  14.328  1.00 26.63  ? 153 LEU A CD2 1 
ATOM 1073 N N   . ALA A 1 154 ? -3.427  9.564   18.453  1.00 39.14  ? 154 ALA A N   1 
ATOM 1074 C CA  . ALA A 1 154 ? -3.914  9.423   19.826  1.00 39.34  ? 154 ALA A CA  1 
ATOM 1075 C C   . ALA A 1 154 ? -2.772  9.377   20.839  1.00 39.56  ? 154 ALA A C   1 
ATOM 1076 O O   . ALA A 1 154 ? -2.789  10.095  21.846  1.00 40.96  ? 154 ALA A O   1 
ATOM 1077 C CB  . ALA A 1 154 ? -4.757  8.182   19.950  1.00 48.00  ? 154 ALA A CB  1 
ATOM 1078 N N   . VAL A 1 155 ? -1.786  8.522   20.579  1.00 32.36  ? 155 VAL A N   1 
ATOM 1079 C CA  . VAL A 1 155 ? -0.612  8.452   21.445  1.00 31.70  ? 155 VAL A CA  1 
ATOM 1080 C C   . VAL A 1 155 ? 0.083   9.812   21.501  1.00 28.04  ? 155 VAL A C   1 
ATOM 1081 O O   . VAL A 1 155 ? 0.567   10.236  22.555  1.00 33.85  ? 155 VAL A O   1 
ATOM 1082 C CB  . VAL A 1 155 ? 0.383   7.379   20.959  1.00 33.58  ? 155 VAL A CB  1 
ATOM 1083 C CG1 . VAL A 1 155 ? 1.726   7.509   21.674  1.00 34.92  ? 155 VAL A CG1 1 
ATOM 1084 C CG2 . VAL A 1 155 ? -0.191  5.996   21.180  1.00 32.90  ? 155 VAL A CG2 1 
ATOM 1085 N N   . GLU A 1 156 ? 0.109   10.495  20.362  1.00 16.32  ? 156 GLU A N   1 
ATOM 1086 C CA  . GLU A 1 156 ? 0.802   11.774  20.242  1.00 15.25  ? 156 GLU A CA  1 
ATOM 1087 C C   . GLU A 1 156 ? 0.111   12.848  21.066  1.00 13.54  ? 156 GLU A C   1 
ATOM 1088 O O   . GLU A 1 156 ? 0.776   13.660  21.710  1.00 14.58  ? 156 GLU A O   1 
ATOM 1089 C CB  . GLU A 1 156 ? 0.885   12.218  18.778  1.00 63.54  ? 156 GLU A CB  1 
ATOM 1090 C CG  . GLU A 1 156 ? 2.080   11.660  18.010  1.00 63.11  ? 156 GLU A CG  1 
ATOM 1091 C CD  . GLU A 1 156 ? 2.130   12.145  16.570  1.00 64.69  ? 156 GLU A CD  1 
ATOM 1092 O OE1 . GLU A 1 156 ? 1.054   12.285  15.949  1.00 63.27  ? 156 GLU A OE1 1 
ATOM 1093 O OE2 . GLU A 1 156 ? 3.245   12.392  16.059  1.00 68.69  ? 156 GLU A OE2 1 
ATOM 1094 N N   . ARG A 1 157 ? -1.216  12.870  21.047  1.00 36.96  ? 157 ARG A N   1 
ATOM 1095 C CA  . ARG A 1 157 ? -1.918  13.844  21.872  1.00 40.47  ? 157 ARG A CA  1 
ATOM 1096 C C   . ARG A 1 157 ? -1.864  13.434  23.341  1.00 39.23  ? 157 ARG A C   1 
ATOM 1097 O O   . ARG A 1 157 ? -1.863  14.297  24.218  1.00 42.96  ? 157 ARG A O   1 
ATOM 1098 C CB  . ARG A 1 157 ? -3.367  14.029  21.415  1.00 54.76  ? 157 ARG A CB  1 
ATOM 1099 C CG  . ARG A 1 157 ? -4.312  12.890  21.729  1.00 54.38  ? 157 ARG A CG  1 
ATOM 1100 C CD  . ARG A 1 157 ? -5.752  13.323  21.504  1.00 54.40  ? 157 ARG A CD  1 
ATOM 1101 N NE  . ARG A 1 157 ? -6.648  12.176  21.393  1.00 54.30  ? 157 ARG A NE  1 
ATOM 1102 C CZ  . ARG A 1 157 ? -6.871  11.504  20.266  1.00 54.20  ? 157 ARG A CZ  1 
ATOM 1103 N NH1 . ARG A 1 157 ? -6.267  11.863  19.139  1.00 55.60  ? 157 ARG A NH1 1 
ATOM 1104 N NH2 . ARG A 1 157 ? -7.702  10.472  20.264  1.00 52.88  ? 157 ARG A NH2 1 
ATOM 1105 N N   . TYR A 1 158 ? -1.817  12.135  23.620  1.00 30.13  ? 158 TYR A N   1 
ATOM 1106 C CA  . TYR A 1 158 ? -1.653  11.702  25.005  1.00 30.18  ? 158 TYR A CA  1 
ATOM 1107 C C   . TYR A 1 158 ? -0.317  12.197  25.550  1.00 28.43  ? 158 TYR A C   1 
ATOM 1108 O O   . TYR A 1 158 ? -0.269  12.797  26.623  1.00 33.86  ? 158 TYR A O   1 
ATOM 1109 C CB  . TYR A 1 158 ? -1.748  10.181  25.131  1.00 56.07  ? 158 TYR A CB  1 
ATOM 1110 C CG  . TYR A 1 158 ? -1.797  9.688   26.563  1.00 56.26  ? 158 TYR A CG  1 
ATOM 1111 C CD1 . TYR A 1 158 ? -0.641  9.295   27.222  1.00 55.61  ? 158 TYR A CD1 1 
ATOM 1112 C CD2 . TYR A 1 158 ? -3.001  9.615   27.255  1.00 57.31  ? 158 TYR A CD2 1 
ATOM 1113 C CE1 . TYR A 1 158 ? -0.677  8.844   28.532  1.00 56.68  ? 158 TYR A CE1 1 
ATOM 1114 C CE2 . TYR A 1 158 ? -3.050  9.165   28.567  1.00 58.56  ? 158 TYR A CE2 1 
ATOM 1115 C CZ  . TYR A 1 158 ? -1.882  8.781   29.201  1.00 58.12  ? 158 TYR A CZ  1 
ATOM 1116 O OH  . TYR A 1 158 ? -1.909  8.330   30.505  1.00 57.56  ? 158 TYR A OH  1 
ATOM 1117 N N   . LEU A 1 159 ? 0.761   11.959  24.808  1.00 29.74  ? 159 LEU A N   1 
ATOM 1118 C CA  . LEU A 1 159 ? 2.086   12.382  25.259  1.00 29.78  ? 159 LEU A CA  1 
ATOM 1119 C C   . LEU A 1 159 ? 2.208   13.898  25.322  1.00 32.83  ? 159 LEU A C   1 
ATOM 1120 O O   . LEU A 1 159 ? 3.063   14.433  26.029  1.00 34.69  ? 159 LEU A O   1 
ATOM 1121 C CB  . LEU A 1 159 ? 3.174   11.831  24.343  1.00 54.66  ? 159 LEU A CB  1 
ATOM 1122 C CG  . LEU A 1 159 ? 3.399   10.321  24.374  1.00 55.47  ? 159 LEU A CG  1 
ATOM 1123 C CD1 . LEU A 1 159 ? 4.522   9.965   23.423  1.00 56.78  ? 159 LEU A CD1 1 
ATOM 1124 C CD2 . LEU A 1 159 ? 3.713   9.825   25.778  1.00 57.06  ? 159 LEU A CD2 1 
ATOM 1125 N N   . LYS A 1 160 ? 1.356   14.594  24.578  1.00 50.97  ? 160 LYS A N   1 
ATOM 1126 C CA  . LYS A 1 160 ? 1.402   16.048  24.547  1.00 52.50  ? 160 LYS A CA  1 
ATOM 1127 C C   . LYS A 1 160 ? 0.939   16.649  25.881  1.00 53.45  ? 160 LYS A C   1 
ATOM 1128 O O   . LYS A 1 160 ? 1.133   17.839  26.136  1.00 55.33  ? 160 LYS A O   1 
ATOM 1129 C CB  . LYS A 1 160 ? 0.546   16.570  23.391  1.00 41.50  ? 160 LYS A CB  1 
ATOM 1130 C CG  . LYS A 1 160 ? 0.665   18.065  23.149  1.00 42.10  ? 160 LYS A CG  1 
ATOM 1131 C CD  . LYS A 1 160 ? -0.578  18.801  23.612  1.00 44.59  ? 160 LYS A CD  1 
ATOM 1132 C CE  . LYS A 1 160 ? -1.759  18.546  22.685  1.00 44.79  ? 160 LYS A CE  1 
ATOM 1133 N NZ  . LYS A 1 160 ? -3.033  19.106  23.221  1.00 45.56  ? 160 LYS A NZ  1 
ATOM 1134 N N   . ASP A 1 161 ? 0.342   15.813  26.730  1.00 43.67  ? 161 ASP A N   1 
ATOM 1135 C CA  . ASP A 1 161 ? -0.156  16.238  28.036  1.00 40.37  ? 161 ASP A CA  1 
ATOM 1136 C C   . ASP A 1 161 ? 0.783   15.791  29.151  1.00 41.38  ? 161 ASP A C   1 
ATOM 1137 O O   . ASP A 1 161 ? 1.757   15.074  28.910  1.00 40.28  ? 161 ASP A O   1 
ATOM 1138 C CB  . ASP A 1 161 ? -1.561  15.676  28.276  1.00 60.97  ? 161 ASP A CB  1 
ATOM 1139 C CG  . ASP A 1 161 ? -2.578  16.198  27.275  1.00 62.25  ? 161 ASP A CG  1 
ATOM 1140 O OD1 . ASP A 1 161 ? -3.789  15.960  27.473  1.00 60.66  ? 161 ASP A OD1 1 
ATOM 1141 O OD2 . ASP A 1 161 ? -2.169  16.852  26.292  1.00 63.74  ? 161 ASP A OD2 1 
# 
loop_
_pdbx_poly_seq_scheme.asym_id 
_pdbx_poly_seq_scheme.entity_id 
_pdbx_poly_seq_scheme.seq_id 
_pdbx_poly_seq_scheme.mon_id 
_pdbx_poly_seq_scheme.ndb_seq_num 
_pdbx_poly_seq_scheme.pdb_seq_num 
_pdbx_poly_seq_scheme.auth_seq_num 
_pdbx_poly_seq_scheme.pdb_mon_id 
_pdbx_poly_seq_scheme.auth_mon_id 
_pdbx_poly_seq_scheme.pdb_strand_id 
_pdbx_poly_seq_scheme.pdb_ins_code 
_pdbx_poly_seq_scheme.hetero 
A 1 1   MET 1   1   ?   ?   ?   A . n 
A 1 2   ALA 2   2   ?   ?   ?   A . n 
A 1 3   ARG 3   3   ?   ?   ?   A . n 
A 1 4   GLN 4   4   ?   ?   ?   A . n 
A 1 5   GLU 5   5   ?   ?   ?   A . n 
A 1 6   LEU 6   6   ?   ?   ?   A . n 
A 1 7   SER 7   7   ?   ?   ?   A . n 
A 1 8   GLY 8   8   8   GLY GLY A . n 
A 1 9   ILE 9   9   9   ILE ILE A . n 
A 1 10  GLU 10  10  10  GLU GLU A . n 
A 1 11  GLN 11  11  11  GLN GLN A . n 
A 1 12  LYS 12  12  12  LYS LYS A . n 
A 1 13  GLN 13  13  13  GLN GLN A . n 
A 1 14  ASN 14  14  14  ASN ASN A . n 
A 1 15  ASN 15  15  15  ASN ASN A . n 
A 1 16  LEU 16  16  16  LEU LEU A . n 
A 1 17  LEU 17  17  17  LEU LEU A . n 
A 1 18  ARG 18  18  18  ARG ARG A . n 
A 1 19  GLN 19  19  19  GLN GLN A . n 
A 1 20  ILE 20  20  20  ILE ILE A . n 
A 1 21  GLU 21  21  21  GLU GLU A . n 
A 1 22  ALA 22  22  22  ALA ALA A . n 
A 1 23  GLN 23  23  23  GLN GLN A . n 
A 1 24  GLN 24  24  24  GLN GLN A . n 
A 1 25  HIS 25  25  25  HIS HIS A . n 
A 1 26  LEU 26  26  26  LEU LEU A . n 
A 1 27  LEU 27  27  27  LEU LEU A . n 
A 1 28  GLN 28  28  28  GLN GLN A . n 
A 1 29  LEU 29  29  29  LEU LEU A . n 
A 1 30  THR 30  30  30  THR THR A . n 
A 1 31  VAL 31  31  31  VAL VAL A . n 
A 1 32  SER 32  32  32  SER SER A . n 
A 1 33  LYS 33  33  33  LYS LYS A . n 
A 1 34  ILE 34  34  34  ILE ILE A . n 
A 1 35  LYS 35  35  35  LYS LYS A . n 
A 1 36  GLN 36  36  36  GLN GLN A . n 
A 1 37  LEU 37  37  37  LEU LEU A . n 
A 1 38  GLN 38  38  38  GLN GLN A . n 
A 1 39  ALA 39  39  39  ALA ALA A . n 
A 1 40  ARG 40  40  40  ARG ARG A . n 
A 1 41  ILE 41  41  41  ILE ILE A . n 
A 1 42  LEU 42  42  42  LEU LEU A . n 
A 1 43  ALA 43  43  43  ALA ALA A . n 
A 1 44  VAL 44  44  44  VAL VAL A . n 
A 1 45  GLU 45  45  45  GLU GLU A . n 
A 1 46  ARG 46  46  46  ARG ARG A . n 
A 1 47  TYR 47  47  47  TYR TYR A . n 
A 1 48  LEU 48  48  48  LEU LEU A . n 
A 1 49  LYS 49  49  49  LYS LYS A . n 
A 1 50  ASP 50  50  50  ASP ASP A . n 
A 1 51  GLN 51  51  51  GLN GLN A . n 
A 1 52  GLN 52  52  52  GLN GLN A . n 
A 1 53  LEU 53  53  ?   ?   ?   A . n 
A 1 54  GLY 54  54  ?   ?   ?   A . n 
A 1 55  LYS 55  55  ?   ?   ?   A . n 
A 1 56  GLY 56  56  ?   ?   ?   A . n 
A 1 57  ASN 57  57  ?   ?   ?   A . n 
A 1 58  GLN 58  58  58  GLN GLN A . n 
A 1 59  PRO 59  59  59  PRO PRO A . n 
A 1 60  GLN 60  60  60  GLN GLN A . n 
A 1 61  GLN 61  61  61  GLN GLN A . n 
A 1 62  ASP 62  62  62  ASP ASP A . n 
A 1 63  LYS 63  63  63  LYS LYS A . n 
A 1 64  LEU 64  64  64  LEU LEU A . n 
A 1 65  TYR 65  65  65  TYR TYR A . n 
A 1 66  ARG 66  66  66  ARG ARG A . n 
A 1 67  GLU 67  67  67  GLU GLU A . n 
A 1 68  VAL 68  68  68  VAL VAL A . n 
A 1 69  ALA 69  69  69  ALA ALA A . n 
A 1 70  LEU 70  70  70  LEU LEU A . n 
A 1 71  ILE 71  71  71  ILE ILE A . n 
A 1 72  ARG 72  72  72  ARG ARG A . n 
A 1 73  ALA 73  73  73  ALA ALA A . n 
A 1 74  GLN 74  74  74  GLN GLN A . n 
A 1 75  LEU 75  75  75  LEU LEU A . n 
A 1 76  GLN 76  76  76  GLN GLN A . n 
A 1 77  LYS 77  77  77  LYS LYS A . n 
A 1 78  ILE 78  78  78  ILE ILE A . n 
A 1 79  GLU 79  79  79  GLU GLU A . n 
A 1 80  SER 80  80  80  SER SER A . n 
A 1 81  GLU 81  81  81  GLU GLU A . n 
A 1 82  THR 82  82  82  THR THR A . n 
A 1 83  LEU 83  83  83  LEU LEU A . n 
A 1 84  GLN 84  84  84  GLN GLN A . n 
A 1 85  LEU 85  85  85  LEU LEU A . n 
A 1 86  LEU 86  86  86  LEU LEU A . n 
A 1 87  HIS 87  87  87  HIS HIS A . n 
A 1 88  GLN 88  88  88  GLN GLN A . n 
A 1 89  GLN 89  89  89  GLN GLN A . n 
A 1 90  ALA 90  90  90  ALA ALA A . n 
A 1 91  GLU 91  91  91  GLU GLU A . n 
A 1 92  ILE 92  92  92  ILE ILE A . n 
A 1 93  GLU 93  93  93  GLU GLU A . n 
A 1 94  ARG 94  94  94  ARG ARG A . n 
A 1 95  GLU 95  95  95  GLU GLU A . n 
A 1 96  LEU 96  96  96  LEU LEU A . n 
A 1 97  ASN 97  97  97  ASN ASN A . n 
A 1 98  ASN 98  98  98  ASN ASN A . n 
A 1 99  GLN 99  99  99  GLN GLN A . n 
A 1 100 GLU 100 100 100 GLU GLU A . n 
A 1 101 GLN 101 101 101 GLN GLN A . n 
A 1 102 GLU 102 102 102 GLU GLU A . n 
A 1 103 ILE 103 103 103 ILE ILE A . n 
A 1 104 GLY 104 104 104 GLY GLY A . n 
A 1 105 SER 105 105 105 SER SER A . n 
A 1 106 LEU 106 106 106 LEU LEU A . n 
A 1 107 LYS 107 107 107 LYS LYS A . n 
A 1 108 GLN 108 108 108 GLN GLN A . n 
A 1 109 ARG 109 109 109 ARG ARG A . n 
A 1 110 GLY 110 110 ?   ?   ?   A . n 
A 1 111 LEU 111 111 ?   ?   ?   A . n 
A 1 112 ILE 112 112 ?   ?   ?   A . n 
A 1 113 ASP 113 113 ?   ?   ?   A . n 
A 1 114 GLY 114 114 ?   ?   ?   A . n 
A 1 115 PRO 115 115 ?   ?   ?   A . n 
A 1 116 LEU 116 116 ?   ?   ?   A . n 
A 1 117 LEU 117 117 ?   ?   ?   A . n 
A 1 118 SER 118 118 ?   ?   ?   A . n 
A 1 119 GLY 119 119 119 GLY GLY A . n 
A 1 120 ILE 120 120 120 ILE ILE A . n 
A 1 121 ASP 121 121 121 ASP ASP A . n 
A 1 122 GLN 122 122 122 GLN GLN A . n 
A 1 123 ARG 123 123 123 ARG ARG A . n 
A 1 124 GLN 124 124 124 GLN GLN A . n 
A 1 125 ASN 125 125 125 ASN ASN A . n 
A 1 126 ASN 126 126 126 ASN ASN A . n 
A 1 127 LEU 127 127 127 LEU LEU A . n 
A 1 128 LYS 128 128 128 LYS LYS A . n 
A 1 129 ARG 129 129 129 ARG ARG A . n 
A 1 130 ALA 130 130 130 ALA ALA A . n 
A 1 131 ILE 131 131 131 ILE ILE A . n 
A 1 132 GLU 132 132 132 GLU GLU A . n 
A 1 133 ALA 133 133 133 ALA ALA A . n 
A 1 134 GLN 134 134 134 GLN GLN A . n 
A 1 135 LYS 135 135 135 LYS LYS A . n 
A 1 136 HIS 136 136 136 HIS HIS A . n 
A 1 137 LEU 137 137 137 LEU LEU A . n 
A 1 138 LEU 138 138 138 LEU LEU A . n 
A 1 139 GLN 139 139 139 GLN GLN A . n 
A 1 140 LEU 140 140 140 LEU LEU A . n 
A 1 141 THR 141 141 141 THR THR A . n 
A 1 142 VAL 142 142 142 VAL VAL A . n 
A 1 143 TRP 143 143 143 TRP TRP A . n 
A 1 144 GLY 144 144 144 GLY GLY A . n 
A 1 145 ILE 145 145 145 ILE ILE A . n 
A 1 146 LYS 146 146 146 LYS LYS A . n 
A 1 147 GLN 147 147 147 GLN GLN A . n 
A 1 148 LEU 148 148 148 LEU LEU A . n 
A 1 149 GLN 149 149 149 GLN GLN A . n 
A 1 150 ALA 150 150 150 ALA ALA A . n 
A 1 151 ARG 151 151 151 ARG ARG A . n 
A 1 152 ILE 152 152 152 ILE ILE A . n 
A 1 153 LEU 153 153 153 LEU LEU A . n 
A 1 154 ALA 154 154 154 ALA ALA A . n 
A 1 155 VAL 155 155 155 VAL VAL A . n 
A 1 156 GLU 156 156 156 GLU GLU A . n 
A 1 157 ARG 157 157 157 ARG ARG A . n 
A 1 158 TYR 158 158 158 TYR TYR A . n 
A 1 159 LEU 159 159 159 LEU LEU A . n 
A 1 160 LYS 160 160 160 LYS LYS A . n 
A 1 161 ASP 161 161 161 ASP ASP A . n 
A 1 162 GLN 162 162 ?   ?   ?   A . n 
A 1 163 GLN 163 163 ?   ?   ?   A . n 
A 1 164 LEU 164 164 ?   ?   ?   A . n 
A 1 165 GLY 165 165 ?   ?   ?   A . n 
A 1 166 GLY 166 166 ?   ?   ?   A . n 
A 1 167 GLY 167 167 ?   ?   ?   A . n 
A 1 168 GLY 168 168 ?   ?   ?   A . n 
A 1 169 SER 169 169 ?   ?   ?   A . n 
A 1 170 HIS 170 170 ?   ?   ?   A . n 
A 1 171 HIS 171 171 ?   ?   ?   A . n 
A 1 172 HIS 172 172 ?   ?   ?   A . n 
A 1 173 HIS 173 173 ?   ?   ?   A . n 
A 1 174 HIS 174 174 ?   ?   ?   A . n 
A 1 175 HIS 175 175 ?   ?   ?   A . n 
# 
_pdbx_struct_assembly.id                   1 
_pdbx_struct_assembly.details              author_and_software_defined_assembly 
_pdbx_struct_assembly.method_details       PISA 
_pdbx_struct_assembly.oligomeric_details   monomeric 
_pdbx_struct_assembly.oligomeric_count     1 
# 
_pdbx_struct_assembly_gen.assembly_id       1 
_pdbx_struct_assembly_gen.oper_expression   1 
_pdbx_struct_assembly_gen.asym_id_list      A 
# 
_pdbx_struct_oper_list.id                   1 
_pdbx_struct_oper_list.type                 'identity operation' 
_pdbx_struct_oper_list.name                 1_555 
_pdbx_struct_oper_list.symmetry_operation   x,y,z 
_pdbx_struct_oper_list.matrix[1][1]         1.0000000000 
_pdbx_struct_oper_list.matrix[1][2]         0.0000000000 
_pdbx_struct_oper_list.matrix[1][3]         0.0000000000 
_pdbx_struct_oper_list.vector[1]            0.0000000000 
_pdbx_struct_oper_list.matrix[2][1]         0.0000000000 
_pdbx_struct_oper_list.matrix[2][2]         1.0000000000 
_pdbx_struct_oper_list.matrix[2][3]         0.0000000000 
_pdbx_struct_oper_list.vector[2]            0.0000000000 
_pdbx_struct_oper_list.matrix[3][1]         0.0000000000 
_pdbx_struct_oper_list.matrix[3][2]         0.0000000000 
_pdbx_struct_oper_list.matrix[3][3]         1.0000000000 
_pdbx_struct_oper_list.vector[3]            0.0000000000 
# 
loop_
_pdbx_audit_revision_history.ordinal 
_pdbx_audit_revision_history.data_content_type 
_pdbx_audit_revision_history.major_revision 
_pdbx_audit_revision_history.minor_revision 
_pdbx_audit_revision_history.revision_date 
1 'Structure model' 1 0 2014-12-10 
2 'Structure model' 1 1 2014-12-24 
3 'Structure model' 1 2 2015-01-14 
4 'Structure model' 1 3 2023-09-20 
# 
_pdbx_audit_revision_details.ordinal             1 
_pdbx_audit_revision_details.revision_ordinal    1 
_pdbx_audit_revision_details.data_content_type   'Structure model' 
_pdbx_audit_revision_details.provider            repository 
_pdbx_audit_revision_details.type                'Initial release' 
_pdbx_audit_revision_details.description         ? 
_pdbx_audit_revision_details.details             ? 
# 
loop_
_pdbx_audit_revision_group.ordinal 
_pdbx_audit_revision_group.revision_ordinal 
_pdbx_audit_revision_group.data_content_type 
_pdbx_audit_revision_group.group 
1 2 'Structure model' 'Database references'    
2 3 'Structure model' 'Database references'    
3 4 'Structure model' 'Data collection'        
4 4 'Structure model' 'Database references'    
5 4 'Structure model' 'Refinement description' 
# 
loop_
_pdbx_audit_revision_category.ordinal 
_pdbx_audit_revision_category.revision_ordinal 
_pdbx_audit_revision_category.data_content_type 
_pdbx_audit_revision_category.category 
1 4 'Structure model' chem_comp_atom                
2 4 'Structure model' chem_comp_bond                
3 4 'Structure model' database_2                    
4 4 'Structure model' pdbx_initial_refinement_model 
# 
loop_
_pdbx_audit_revision_item.ordinal 
_pdbx_audit_revision_item.revision_ordinal 
_pdbx_audit_revision_item.data_content_type 
_pdbx_audit_revision_item.item 
1 4 'Structure model' '_database_2.pdbx_DOI'                
2 4 'Structure model' '_database_2.pdbx_database_accession' 
# 
_diffrn_reflns.diffrn_id                   1 
_diffrn_reflns.pdbx_d_res_high             3.100 
_diffrn_reflns.pdbx_d_res_low              19.800 
_diffrn_reflns.pdbx_number_obs             3278 
_diffrn_reflns.pdbx_Rmerge_I_obs           0.090 
_diffrn_reflns.pdbx_Rsym_value             ? 
_diffrn_reflns.pdbx_chi_squared            ? 
_diffrn_reflns.pdbx_redundancy             8.60 
_diffrn_reflns.pdbx_rejects                634 
_diffrn_reflns.pdbx_percent_possible_obs   99.60 
_diffrn_reflns.pdbx_observed_criterion     ? 
_diffrn_reflns.number                      28217 
_diffrn_reflns.limit_h_max                 ? 
_diffrn_reflns.limit_h_min                 ? 
_diffrn_reflns.limit_k_max                 ? 
_diffrn_reflns.limit_k_min                 ? 
_diffrn_reflns.limit_l_max                 ? 
_diffrn_reflns.limit_l_min                 ? 
# 
loop_
_pdbx_diffrn_reflns_shell.diffrn_id 
_pdbx_diffrn_reflns_shell.d_res_high 
_pdbx_diffrn_reflns_shell.d_res_low 
_pdbx_diffrn_reflns_shell.number_obs 
_pdbx_diffrn_reflns_shell.rejects 
_pdbx_diffrn_reflns_shell.Rmerge_I_obs 
_pdbx_diffrn_reflns_shell.Rsym_value 
_pdbx_diffrn_reflns_shell.chi_squared 
_pdbx_diffrn_reflns_shell.redundancy 
_pdbx_diffrn_reflns_shell.percent_possible_obs 
1 3.10 3.31  ? ? 0.327 ? ? 8.00 ? 
1 8.77 19.80 ? ? 0.024 ? ? 9.10 ? 
# 
_phasing.method   MR 
# 
loop_
_software.pdbx_ordinal 
_software.name 
_software.version 
_software.date 
_software.type 
_software.contact_author 
_software.contact_author_email 
_software.classification 
_software.location 
_software.language 
_software.citation_id 
1 Aimless     0.2.17     07/01/14         program 'Phil Evans'    ?                           'data scaling'    
http://www.mrc-lmb.cam.ac.uk/harry/pre/aimless.html ?   ? 
2 PHASER      .          ?                program 'Randy J. Read' cimr-phaser@lists.cam.ac.uk phasing           
http://www-structmed.cimr.cam.ac.uk/phaser/         ?   ? 
3 PHENIX      1.8.4_1496 ?                package 'Paul D. Adams' PDAdams@lbl.gov             refinement        
http://www.phenix-online.org/                       C++ ? 
4 PDB_EXTRACT 3.15       'July. 29, 2014' package PDB             deposit@deposit.rcsb.org    'data extraction' 
http://sw-tools.pdb.org/apps/PDB_EXTRACT/           C++ ? 
5 BsxCuBE     .          ?                ?       ?               ?                           'data collection' ? ?   ? 
6 XDS         .          ?                ?       ?               ?                           'data reduction'  ? ?   ? 
# 
loop_
_pdbx_unobs_or_zero_occ_atoms.id 
_pdbx_unobs_or_zero_occ_atoms.PDB_model_num 
_pdbx_unobs_or_zero_occ_atoms.polymer_flag 
_pdbx_unobs_or_zero_occ_atoms.occupancy_flag 
_pdbx_unobs_or_zero_occ_atoms.auth_asym_id 
_pdbx_unobs_or_zero_occ_atoms.auth_comp_id 
_pdbx_unobs_or_zero_occ_atoms.auth_seq_id 
_pdbx_unobs_or_zero_occ_atoms.PDB_ins_code 
_pdbx_unobs_or_zero_occ_atoms.auth_atom_id 
_pdbx_unobs_or_zero_occ_atoms.label_alt_id 
_pdbx_unobs_or_zero_occ_atoms.label_asym_id 
_pdbx_unobs_or_zero_occ_atoms.label_comp_id 
_pdbx_unobs_or_zero_occ_atoms.label_seq_id 
_pdbx_unobs_or_zero_occ_atoms.label_atom_id 
1  1 Y 1 A GLU 10  ? CG  ? A GLU 10  CG  
2  1 Y 1 A GLU 10  ? CD  ? A GLU 10  CD  
3  1 Y 1 A GLU 10  ? OE1 ? A GLU 10  OE1 
4  1 Y 1 A GLU 10  ? OE2 ? A GLU 10  OE2 
5  1 Y 1 A GLN 11  ? CG  ? A GLN 11  CG  
6  1 Y 1 A GLN 11  ? CD  ? A GLN 11  CD  
7  1 Y 1 A GLN 11  ? OE1 ? A GLN 11  OE1 
8  1 Y 1 A GLN 11  ? NE2 ? A GLN 11  NE2 
9  1 Y 1 A LYS 12  ? CG  ? A LYS 12  CG  
10 1 Y 1 A LYS 12  ? CD  ? A LYS 12  CD  
11 1 Y 1 A LYS 12  ? CE  ? A LYS 12  CE  
12 1 Y 1 A LYS 12  ? NZ  ? A LYS 12  NZ  
13 1 Y 1 A GLU 102 ? CG  ? A GLU 102 CG  
14 1 Y 1 A GLU 102 ? CD  ? A GLU 102 CD  
15 1 Y 1 A GLU 102 ? OE1 ? A GLU 102 OE1 
16 1 Y 1 A GLU 102 ? OE2 ? A GLU 102 OE2 
17 1 Y 1 A GLN 108 ? CG  ? A GLN 108 CG  
18 1 Y 1 A GLN 108 ? CD  ? A GLN 108 CD  
19 1 Y 1 A GLN 108 ? OE1 ? A GLN 108 OE1 
20 1 Y 1 A GLN 108 ? NE2 ? A GLN 108 NE2 
21 1 Y 1 A ARG 109 ? CG  ? A ARG 109 CG  
22 1 Y 1 A ARG 109 ? CD  ? A ARG 109 CD  
23 1 Y 1 A ARG 109 ? NE  ? A ARG 109 NE  
24 1 Y 1 A ARG 109 ? CZ  ? A ARG 109 CZ  
25 1 Y 1 A ARG 109 ? NH1 ? A ARG 109 NH1 
26 1 Y 1 A ARG 109 ? NH2 ? A ARG 109 NH2 
# 
loop_
_pdbx_unobs_or_zero_occ_residues.id 
_pdbx_unobs_or_zero_occ_residues.PDB_model_num 
_pdbx_unobs_or_zero_occ_residues.polymer_flag 
_pdbx_unobs_or_zero_occ_residues.occupancy_flag 
_pdbx_unobs_or_zero_occ_residues.auth_asym_id 
_pdbx_unobs_or_zero_occ_residues.auth_comp_id 
_pdbx_unobs_or_zero_occ_residues.auth_seq_id 
_pdbx_unobs_or_zero_occ_residues.PDB_ins_code 
_pdbx_unobs_or_zero_occ_residues.label_asym_id 
_pdbx_unobs_or_zero_occ_residues.label_comp_id 
_pdbx_unobs_or_zero_occ_residues.label_seq_id 
1  1 Y 1 A MET 1   ? A MET 1   
2  1 Y 1 A ALA 2   ? A ALA 2   
3  1 Y 1 A ARG 3   ? A ARG 3   
4  1 Y 1 A GLN 4   ? A GLN 4   
5  1 Y 1 A GLU 5   ? A GLU 5   
6  1 Y 1 A LEU 6   ? A LEU 6   
7  1 Y 1 A SER 7   ? A SER 7   
8  1 Y 1 A LEU 53  ? A LEU 53  
9  1 Y 1 A GLY 54  ? A GLY 54  
10 1 Y 1 A LYS 55  ? A LYS 55  
11 1 Y 1 A GLY 56  ? A GLY 56  
12 1 Y 1 A ASN 57  ? A ASN 57  
13 1 Y 1 A GLY 110 ? A GLY 110 
14 1 Y 1 A LEU 111 ? A LEU 111 
15 1 Y 1 A ILE 112 ? A ILE 112 
16 1 Y 1 A ASP 113 ? A ASP 113 
17 1 Y 1 A GLY 114 ? A GLY 114 
18 1 Y 1 A PRO 115 ? A PRO 115 
19 1 Y 1 A LEU 116 ? A LEU 116 
20 1 Y 1 A LEU 117 ? A LEU 117 
21 1 Y 1 A SER 118 ? A SER 118 
22 1 Y 1 A GLN 162 ? A GLN 162 
23 1 Y 1 A GLN 163 ? A GLN 163 
24 1 Y 1 A LEU 164 ? A LEU 164 
25 1 Y 1 A GLY 165 ? A GLY 165 
26 1 Y 1 A GLY 166 ? A GLY 166 
27 1 Y 1 A GLY 167 ? A GLY 167 
28 1 Y 1 A GLY 168 ? A GLY 168 
29 1 Y 1 A SER 169 ? A SER 169 
30 1 Y 1 A HIS 170 ? A HIS 170 
31 1 Y 1 A HIS 171 ? A HIS 171 
32 1 Y 1 A HIS 172 ? A HIS 172 
33 1 Y 1 A HIS 173 ? A HIS 173 
34 1 Y 1 A HIS 174 ? A HIS 174 
35 1 Y 1 A HIS 175 ? A HIS 175 
# 
loop_
_chem_comp_atom.comp_id 
_chem_comp_atom.atom_id 
_chem_comp_atom.type_symbol 
_chem_comp_atom.pdbx_aromatic_flag 
_chem_comp_atom.pdbx_stereo_config 
_chem_comp_atom.pdbx_ordinal 
ALA N    N N N 1   
ALA CA   C N S 2   
ALA C    C N N 3   
ALA O    O N N 4   
ALA CB   C N N 5   
ALA OXT  O N N 6   
ALA H    H N N 7   
ALA H2   H N N 8   
ALA HA   H N N 9   
ALA HB1  H N N 10  
ALA HB2  H N N 11  
ALA HB3  H N N 12  
ALA HXT  H N N 13  
ARG N    N N N 14  
ARG CA   C N S 15  
ARG C    C N N 16  
ARG O    O N N 17  
ARG CB   C N N 18  
ARG CG   C N N 19  
ARG CD   C N N 20  
ARG NE   N N N 21  
ARG CZ   C N N 22  
ARG NH1  N N N 23  
ARG NH2  N N N 24  
ARG OXT  O N N 25  
ARG H    H N N 26  
ARG H2   H N N 27  
ARG HA   H N N 28  
ARG HB2  H N N 29  
ARG HB3  H N N 30  
ARG HG2  H N N 31  
ARG HG3  H N N 32  
ARG HD2  H N N 33  
ARG HD3  H N N 34  
ARG HE   H N N 35  
ARG HH11 H N N 36  
ARG HH12 H N N 37  
ARG HH21 H N N 38  
ARG HH22 H N N 39  
ARG HXT  H N N 40  
ASN N    N N N 41  
ASN CA   C N S 42  
ASN C    C N N 43  
ASN O    O N N 44  
ASN CB   C N N 45  
ASN CG   C N N 46  
ASN OD1  O N N 47  
ASN ND2  N N N 48  
ASN OXT  O N N 49  
ASN H    H N N 50  
ASN H2   H N N 51  
ASN HA   H N N 52  
ASN HB2  H N N 53  
ASN HB3  H N N 54  
ASN HD21 H N N 55  
ASN HD22 H N N 56  
ASN HXT  H N N 57  
ASP N    N N N 58  
ASP CA   C N S 59  
ASP C    C N N 60  
ASP O    O N N 61  
ASP CB   C N N 62  
ASP CG   C N N 63  
ASP OD1  O N N 64  
ASP OD2  O N N 65  
ASP OXT  O N N 66  
ASP H    H N N 67  
ASP H2   H N N 68  
ASP HA   H N N 69  
ASP HB2  H N N 70  
ASP HB3  H N N 71  
ASP HD2  H N N 72  
ASP HXT  H N N 73  
GLN N    N N N 74  
GLN CA   C N S 75  
GLN C    C N N 76  
GLN O    O N N 77  
GLN CB   C N N 78  
GLN CG   C N N 79  
GLN CD   C N N 80  
GLN OE1  O N N 81  
GLN NE2  N N N 82  
GLN OXT  O N N 83  
GLN H    H N N 84  
GLN H2   H N N 85  
GLN HA   H N N 86  
GLN HB2  H N N 87  
GLN HB3  H N N 88  
GLN HG2  H N N 89  
GLN HG3  H N N 90  
GLN HE21 H N N 91  
GLN HE22 H N N 92  
GLN HXT  H N N 93  
GLU N    N N N 94  
GLU CA   C N S 95  
GLU C    C N N 96  
GLU O    O N N 97  
GLU CB   C N N 98  
GLU CG   C N N 99  
GLU CD   C N N 100 
GLU OE1  O N N 101 
GLU OE2  O N N 102 
GLU OXT  O N N 103 
GLU H    H N N 104 
GLU H2   H N N 105 
GLU HA   H N N 106 
GLU HB2  H N N 107 
GLU HB3  H N N 108 
GLU HG2  H N N 109 
GLU HG3  H N N 110 
GLU HE2  H N N 111 
GLU HXT  H N N 112 
GLY N    N N N 113 
GLY CA   C N N 114 
GLY C    C N N 115 
GLY O    O N N 116 
GLY OXT  O N N 117 
GLY H    H N N 118 
GLY H2   H N N 119 
GLY HA2  H N N 120 
GLY HA3  H N N 121 
GLY HXT  H N N 122 
HIS N    N N N 123 
HIS CA   C N S 124 
HIS C    C N N 125 
HIS O    O N N 126 
HIS CB   C N N 127 
HIS CG   C Y N 128 
HIS ND1  N Y N 129 
HIS CD2  C Y N 130 
HIS CE1  C Y N 131 
HIS NE2  N Y N 132 
HIS OXT  O N N 133 
HIS H    H N N 134 
HIS H2   H N N 135 
HIS HA   H N N 136 
HIS HB2  H N N 137 
HIS HB3  H N N 138 
HIS HD1  H N N 139 
HIS HD2  H N N 140 
HIS HE1  H N N 141 
HIS HE2  H N N 142 
HIS HXT  H N N 143 
ILE N    N N N 144 
ILE CA   C N S 145 
ILE C    C N N 146 
ILE O    O N N 147 
ILE CB   C N S 148 
ILE CG1  C N N 149 
ILE CG2  C N N 150 
ILE CD1  C N N 151 
ILE OXT  O N N 152 
ILE H    H N N 153 
ILE H2   H N N 154 
ILE HA   H N N 155 
ILE HB   H N N 156 
ILE HG12 H N N 157 
ILE HG13 H N N 158 
ILE HG21 H N N 159 
ILE HG22 H N N 160 
ILE HG23 H N N 161 
ILE HD11 H N N 162 
ILE HD12 H N N 163 
ILE HD13 H N N 164 
ILE HXT  H N N 165 
LEU N    N N N 166 
LEU CA   C N S 167 
LEU C    C N N 168 
LEU O    O N N 169 
LEU CB   C N N 170 
LEU CG   C N N 171 
LEU CD1  C N N 172 
LEU CD2  C N N 173 
LEU OXT  O N N 174 
LEU H    H N N 175 
LEU H2   H N N 176 
LEU HA   H N N 177 
LEU HB2  H N N 178 
LEU HB3  H N N 179 
LEU HG   H N N 180 
LEU HD11 H N N 181 
LEU HD12 H N N 182 
LEU HD13 H N N 183 
LEU HD21 H N N 184 
LEU HD22 H N N 185 
LEU HD23 H N N 186 
LEU HXT  H N N 187 
LYS N    N N N 188 
LYS CA   C N S 189 
LYS C    C N N 190 
LYS O    O N N 191 
LYS CB   C N N 192 
LYS CG   C N N 193 
LYS CD   C N N 194 
LYS CE   C N N 195 
LYS NZ   N N N 196 
LYS OXT  O N N 197 
LYS H    H N N 198 
LYS H2   H N N 199 
LYS HA   H N N 200 
LYS HB2  H N N 201 
LYS HB3  H N N 202 
LYS HG2  H N N 203 
LYS HG3  H N N 204 
LYS HD2  H N N 205 
LYS HD3  H N N 206 
LYS HE2  H N N 207 
LYS HE3  H N N 208 
LYS HZ1  H N N 209 
LYS HZ2  H N N 210 
LYS HZ3  H N N 211 
LYS HXT  H N N 212 
MET N    N N N 213 
MET CA   C N S 214 
MET C    C N N 215 
MET O    O N N 216 
MET CB   C N N 217 
MET CG   C N N 218 
MET SD   S N N 219 
MET CE   C N N 220 
MET OXT  O N N 221 
MET H    H N N 222 
MET H2   H N N 223 
MET HA   H N N 224 
MET HB2  H N N 225 
MET HB3  H N N 226 
MET HG2  H N N 227 
MET HG3  H N N 228 
MET HE1  H N N 229 
MET HE2  H N N 230 
MET HE3  H N N 231 
MET HXT  H N N 232 
PRO N    N N N 233 
PRO CA   C N S 234 
PRO C    C N N 235 
PRO O    O N N 236 
PRO CB   C N N 237 
PRO CG   C N N 238 
PRO CD   C N N 239 
PRO OXT  O N N 240 
PRO H    H N N 241 
PRO HA   H N N 242 
PRO HB2  H N N 243 
PRO HB3  H N N 244 
PRO HG2  H N N 245 
PRO HG3  H N N 246 
PRO HD2  H N N 247 
PRO HD3  H N N 248 
PRO HXT  H N N 249 
SER N    N N N 250 
SER CA   C N S 251 
SER C    C N N 252 
SER O    O N N 253 
SER CB   C N N 254 
SER OG   O N N 255 
SER OXT  O N N 256 
SER H    H N N 257 
SER H2   H N N 258 
SER HA   H N N 259 
SER HB2  H N N 260 
SER HB3  H N N 261 
SER HG   H N N 262 
SER HXT  H N N 263 
THR N    N N N 264 
THR CA   C N S 265 
THR C    C N N 266 
THR O    O N N 267 
THR CB   C N R 268 
THR OG1  O N N 269 
THR CG2  C N N 270 
THR OXT  O N N 271 
THR H    H N N 272 
THR H2   H N N 273 
THR HA   H N N 274 
THR HB   H N N 275 
THR HG1  H N N 276 
THR HG21 H N N 277 
THR HG22 H N N 278 
THR HG23 H N N 279 
THR HXT  H N N 280 
TRP N    N N N 281 
TRP CA   C N S 282 
TRP C    C N N 283 
TRP O    O N N 284 
TRP CB   C N N 285 
TRP CG   C Y N 286 
TRP CD1  C Y N 287 
TRP CD2  C Y N 288 
TRP NE1  N Y N 289 
TRP CE2  C Y N 290 
TRP CE3  C Y N 291 
TRP CZ2  C Y N 292 
TRP CZ3  C Y N 293 
TRP CH2  C Y N 294 
TRP OXT  O N N 295 
TRP H    H N N 296 
TRP H2   H N N 297 
TRP HA   H N N 298 
TRP HB2  H N N 299 
TRP HB3  H N N 300 
TRP HD1  H N N 301 
TRP HE1  H N N 302 
TRP HE3  H N N 303 
TRP HZ2  H N N 304 
TRP HZ3  H N N 305 
TRP HH2  H N N 306 
TRP HXT  H N N 307 
TYR N    N N N 308 
TYR CA   C N S 309 
TYR C    C N N 310 
TYR O    O N N 311 
TYR CB   C N N 312 
TYR CG   C Y N 313 
TYR CD1  C Y N 314 
TYR CD2  C Y N 315 
TYR CE1  C Y N 316 
TYR CE2  C Y N 317 
TYR CZ   C Y N 318 
TYR OH   O N N 319 
TYR OXT  O N N 320 
TYR H    H N N 321 
TYR H2   H N N 322 
TYR HA   H N N 323 
TYR HB2  H N N 324 
TYR HB3  H N N 325 
TYR HD1  H N N 326 
TYR HD2  H N N 327 
TYR HE1  H N N 328 
TYR HE2  H N N 329 
TYR HH   H N N 330 
TYR HXT  H N N 331 
VAL N    N N N 332 
VAL CA   C N S 333 
VAL C    C N N 334 
VAL O    O N N 335 
VAL CB   C N N 336 
VAL CG1  C N N 337 
VAL CG2  C N N 338 
VAL OXT  O N N 339 
VAL H    H N N 340 
VAL H2   H N N 341 
VAL HA   H N N 342 
VAL HB   H N N 343 
VAL HG11 H N N 344 
VAL HG12 H N N 345 
VAL HG13 H N N 346 
VAL HG21 H N N 347 
VAL HG22 H N N 348 
VAL HG23 H N N 349 
VAL HXT  H N N 350 
# 
loop_
_chem_comp_bond.comp_id 
_chem_comp_bond.atom_id_1 
_chem_comp_bond.atom_id_2 
_chem_comp_bond.value_order 
_chem_comp_bond.pdbx_aromatic_flag 
_chem_comp_bond.pdbx_stereo_config 
_chem_comp_bond.pdbx_ordinal 
ALA N   CA   sing N N 1   
ALA N   H    sing N N 2   
ALA N   H2   sing N N 3   
ALA CA  C    sing N N 4   
ALA CA  CB   sing N N 5   
ALA CA  HA   sing N N 6   
ALA C   O    doub N N 7   
ALA C   OXT  sing N N 8   
ALA CB  HB1  sing N N 9   
ALA CB  HB2  sing N N 10  
ALA CB  HB3  sing N N 11  
ALA OXT HXT  sing N N 12  
ARG N   CA   sing N N 13  
ARG N   H    sing N N 14  
ARG N   H2   sing N N 15  
ARG CA  C    sing N N 16  
ARG CA  CB   sing N N 17  
ARG CA  HA   sing N N 18  
ARG C   O    doub N N 19  
ARG C   OXT  sing N N 20  
ARG CB  CG   sing N N 21  
ARG CB  HB2  sing N N 22  
ARG CB  HB3  sing N N 23  
ARG CG  CD   sing N N 24  
ARG CG  HG2  sing N N 25  
ARG CG  HG3  sing N N 26  
ARG CD  NE   sing N N 27  
ARG CD  HD2  sing N N 28  
ARG CD  HD3  sing N N 29  
ARG NE  CZ   sing N N 30  
ARG NE  HE   sing N N 31  
ARG CZ  NH1  sing N N 32  
ARG CZ  NH2  doub N N 33  
ARG NH1 HH11 sing N N 34  
ARG NH1 HH12 sing N N 35  
ARG NH2 HH21 sing N N 36  
ARG NH2 HH22 sing N N 37  
ARG OXT HXT  sing N N 38  
ASN N   CA   sing N N 39  
ASN N   H    sing N N 40  
ASN N   H2   sing N N 41  
ASN CA  C    sing N N 42  
ASN CA  CB   sing N N 43  
ASN CA  HA   sing N N 44  
ASN C   O    doub N N 45  
ASN C   OXT  sing N N 46  
ASN CB  CG   sing N N 47  
ASN CB  HB2  sing N N 48  
ASN CB  HB3  sing N N 49  
ASN CG  OD1  doub N N 50  
ASN CG  ND2  sing N N 51  
ASN ND2 HD21 sing N N 52  
ASN ND2 HD22 sing N N 53  
ASN OXT HXT  sing N N 54  
ASP N   CA   sing N N 55  
ASP N   H    sing N N 56  
ASP N   H2   sing N N 57  
ASP CA  C    sing N N 58  
ASP CA  CB   sing N N 59  
ASP CA  HA   sing N N 60  
ASP C   O    doub N N 61  
ASP C   OXT  sing N N 62  
ASP CB  CG   sing N N 63  
ASP CB  HB2  sing N N 64  
ASP CB  HB3  sing N N 65  
ASP CG  OD1  doub N N 66  
ASP CG  OD2  sing N N 67  
ASP OD2 HD2  sing N N 68  
ASP OXT HXT  sing N N 69  
GLN N   CA   sing N N 70  
GLN N   H    sing N N 71  
GLN N   H2   sing N N 72  
GLN CA  C    sing N N 73  
GLN CA  CB   sing N N 74  
GLN CA  HA   sing N N 75  
GLN C   O    doub N N 76  
GLN C   OXT  sing N N 77  
GLN CB  CG   sing N N 78  
GLN CB  HB2  sing N N 79  
GLN CB  HB3  sing N N 80  
GLN CG  CD   sing N N 81  
GLN CG  HG2  sing N N 82  
GLN CG  HG3  sing N N 83  
GLN CD  OE1  doub N N 84  
GLN CD  NE2  sing N N 85  
GLN NE2 HE21 sing N N 86  
GLN NE2 HE22 sing N N 87  
GLN OXT HXT  sing N N 88  
GLU N   CA   sing N N 89  
GLU N   H    sing N N 90  
GLU N   H2   sing N N 91  
GLU CA  C    sing N N 92  
GLU CA  CB   sing N N 93  
GLU CA  HA   sing N N 94  
GLU C   O    doub N N 95  
GLU C   OXT  sing N N 96  
GLU CB  CG   sing N N 97  
GLU CB  HB2  sing N N 98  
GLU CB  HB3  sing N N 99  
GLU CG  CD   sing N N 100 
GLU CG  HG2  sing N N 101 
GLU CG  HG3  sing N N 102 
GLU CD  OE1  doub N N 103 
GLU CD  OE2  sing N N 104 
GLU OE2 HE2  sing N N 105 
GLU OXT HXT  sing N N 106 
GLY N   CA   sing N N 107 
GLY N   H    sing N N 108 
GLY N   H2   sing N N 109 
GLY CA  C    sing N N 110 
GLY CA  HA2  sing N N 111 
GLY CA  HA3  sing N N 112 
GLY C   O    doub N N 113 
GLY C   OXT  sing N N 114 
GLY OXT HXT  sing N N 115 
HIS N   CA   sing N N 116 
HIS N   H    sing N N 117 
HIS N   H2   sing N N 118 
HIS CA  C    sing N N 119 
HIS CA  CB   sing N N 120 
HIS CA  HA   sing N N 121 
HIS C   O    doub N N 122 
HIS C   OXT  sing N N 123 
HIS CB  CG   sing N N 124 
HIS CB  HB2  sing N N 125 
HIS CB  HB3  sing N N 126 
HIS CG  ND1  sing Y N 127 
HIS CG  CD2  doub Y N 128 
HIS ND1 CE1  doub Y N 129 
HIS ND1 HD1  sing N N 130 
HIS CD2 NE2  sing Y N 131 
HIS CD2 HD2  sing N N 132 
HIS CE1 NE2  sing Y N 133 
HIS CE1 HE1  sing N N 134 
HIS NE2 HE2  sing N N 135 
HIS OXT HXT  sing N N 136 
ILE N   CA   sing N N 137 
ILE N   H    sing N N 138 
ILE N   H2   sing N N 139 
ILE CA  C    sing N N 140 
ILE CA  CB   sing N N 141 
ILE CA  HA   sing N N 142 
ILE C   O    doub N N 143 
ILE C   OXT  sing N N 144 
ILE CB  CG1  sing N N 145 
ILE CB  CG2  sing N N 146 
ILE CB  HB   sing N N 147 
ILE CG1 CD1  sing N N 148 
ILE CG1 HG12 sing N N 149 
ILE CG1 HG13 sing N N 150 
ILE CG2 HG21 sing N N 151 
ILE CG2 HG22 sing N N 152 
ILE CG2 HG23 sing N N 153 
ILE CD1 HD11 sing N N 154 
ILE CD1 HD12 sing N N 155 
ILE CD1 HD13 sing N N 156 
ILE OXT HXT  sing N N 157 
LEU N   CA   sing N N 158 
LEU N   H    sing N N 159 
LEU N   H2   sing N N 160 
LEU CA  C    sing N N 161 
LEU CA  CB   sing N N 162 
LEU CA  HA   sing N N 163 
LEU C   O    doub N N 164 
LEU C   OXT  sing N N 165 
LEU CB  CG   sing N N 166 
LEU CB  HB2  sing N N 167 
LEU CB  HB3  sing N N 168 
LEU CG  CD1  sing N N 169 
LEU CG  CD2  sing N N 170 
LEU CG  HG   sing N N 171 
LEU CD1 HD11 sing N N 172 
LEU CD1 HD12 sing N N 173 
LEU CD1 HD13 sing N N 174 
LEU CD2 HD21 sing N N 175 
LEU CD2 HD22 sing N N 176 
LEU CD2 HD23 sing N N 177 
LEU OXT HXT  sing N N 178 
LYS N   CA   sing N N 179 
LYS N   H    sing N N 180 
LYS N   H2   sing N N 181 
LYS CA  C    sing N N 182 
LYS CA  CB   sing N N 183 
LYS CA  HA   sing N N 184 
LYS C   O    doub N N 185 
LYS C   OXT  sing N N 186 
LYS CB  CG   sing N N 187 
LYS CB  HB2  sing N N 188 
LYS CB  HB3  sing N N 189 
LYS CG  CD   sing N N 190 
LYS CG  HG2  sing N N 191 
LYS CG  HG3  sing N N 192 
LYS CD  CE   sing N N 193 
LYS CD  HD2  sing N N 194 
LYS CD  HD3  sing N N 195 
LYS CE  NZ   sing N N 196 
LYS CE  HE2  sing N N 197 
LYS CE  HE3  sing N N 198 
LYS NZ  HZ1  sing N N 199 
LYS NZ  HZ2  sing N N 200 
LYS NZ  HZ3  sing N N 201 
LYS OXT HXT  sing N N 202 
MET N   CA   sing N N 203 
MET N   H    sing N N 204 
MET N   H2   sing N N 205 
MET CA  C    sing N N 206 
MET CA  CB   sing N N 207 
MET CA  HA   sing N N 208 
MET C   O    doub N N 209 
MET C   OXT  sing N N 210 
MET CB  CG   sing N N 211 
MET CB  HB2  sing N N 212 
MET CB  HB3  sing N N 213 
MET CG  SD   sing N N 214 
MET CG  HG2  sing N N 215 
MET CG  HG3  sing N N 216 
MET SD  CE   sing N N 217 
MET CE  HE1  sing N N 218 
MET CE  HE2  sing N N 219 
MET CE  HE3  sing N N 220 
MET OXT HXT  sing N N 221 
PRO N   CA   sing N N 222 
PRO N   CD   sing N N 223 
PRO N   H    sing N N 224 
PRO CA  C    sing N N 225 
PRO CA  CB   sing N N 226 
PRO CA  HA   sing N N 227 
PRO C   O    doub N N 228 
PRO C   OXT  sing N N 229 
PRO CB  CG   sing N N 230 
PRO CB  HB2  sing N N 231 
PRO CB  HB3  sing N N 232 
PRO CG  CD   sing N N 233 
PRO CG  HG2  sing N N 234 
PRO CG  HG3  sing N N 235 
PRO CD  HD2  sing N N 236 
PRO CD  HD3  sing N N 237 
PRO OXT HXT  sing N N 238 
SER N   CA   sing N N 239 
SER N   H    sing N N 240 
SER N   H2   sing N N 241 
SER CA  C    sing N N 242 
SER CA  CB   sing N N 243 
SER CA  HA   sing N N 244 
SER C   O    doub N N 245 
SER C   OXT  sing N N 246 
SER CB  OG   sing N N 247 
SER CB  HB2  sing N N 248 
SER CB  HB3  sing N N 249 
SER OG  HG   sing N N 250 
SER OXT HXT  sing N N 251 
THR N   CA   sing N N 252 
THR N   H    sing N N 253 
THR N   H2   sing N N 254 
THR CA  C    sing N N 255 
THR CA  CB   sing N N 256 
THR CA  HA   sing N N 257 
THR C   O    doub N N 258 
THR C   OXT  sing N N 259 
THR CB  OG1  sing N N 260 
THR CB  CG2  sing N N 261 
THR CB  HB   sing N N 262 
THR OG1 HG1  sing N N 263 
THR CG2 HG21 sing N N 264 
THR CG2 HG22 sing N N 265 
THR CG2 HG23 sing N N 266 
THR OXT HXT  sing N N 267 
TRP N   CA   sing N N 268 
TRP N   H    sing N N 269 
TRP N   H2   sing N N 270 
TRP CA  C    sing N N 271 
TRP CA  CB   sing N N 272 
TRP CA  HA   sing N N 273 
TRP C   O    doub N N 274 
TRP C   OXT  sing N N 275 
TRP CB  CG   sing N N 276 
TRP CB  HB2  sing N N 277 
TRP CB  HB3  sing N N 278 
TRP CG  CD1  doub Y N 279 
TRP CG  CD2  sing Y N 280 
TRP CD1 NE1  sing Y N 281 
TRP CD1 HD1  sing N N 282 
TRP CD2 CE2  doub Y N 283 
TRP CD2 CE3  sing Y N 284 
TRP NE1 CE2  sing Y N 285 
TRP NE1 HE1  sing N N 286 
TRP CE2 CZ2  sing Y N 287 
TRP CE3 CZ3  doub Y N 288 
TRP CE3 HE3  sing N N 289 
TRP CZ2 CH2  doub Y N 290 
TRP CZ2 HZ2  sing N N 291 
TRP CZ3 CH2  sing Y N 292 
TRP CZ3 HZ3  sing N N 293 
TRP CH2 HH2  sing N N 294 
TRP OXT HXT  sing N N 295 
TYR N   CA   sing N N 296 
TYR N   H    sing N N 297 
TYR N   H2   sing N N 298 
TYR CA  C    sing N N 299 
TYR CA  CB   sing N N 300 
TYR CA  HA   sing N N 301 
TYR C   O    doub N N 302 
TYR C   OXT  sing N N 303 
TYR CB  CG   sing N N 304 
TYR CB  HB2  sing N N 305 
TYR CB  HB3  sing N N 306 
TYR CG  CD1  doub Y N 307 
TYR CG  CD2  sing Y N 308 
TYR CD1 CE1  sing Y N 309 
TYR CD1 HD1  sing N N 310 
TYR CD2 CE2  doub Y N 311 
TYR CD2 HD2  sing N N 312 
TYR CE1 CZ   doub Y N 313 
TYR CE1 HE1  sing N N 314 
TYR CE2 CZ   sing Y N 315 
TYR CE2 HE2  sing N N 316 
TYR CZ  OH   sing N N 317 
TYR OH  HH   sing N N 318 
TYR OXT HXT  sing N N 319 
VAL N   CA   sing N N 320 
VAL N   H    sing N N 321 
VAL N   H2   sing N N 322 
VAL CA  C    sing N N 323 
VAL CA  CB   sing N N 324 
VAL CA  HA   sing N N 325 
VAL C   O    doub N N 326 
VAL C   OXT  sing N N 327 
VAL CB  CG1  sing N N 328 
VAL CB  CG2  sing N N 329 
VAL CB  HB   sing N N 330 
VAL CG1 HG11 sing N N 331 
VAL CG1 HG12 sing N N 332 
VAL CG1 HG13 sing N N 333 
VAL CG2 HG21 sing N N 334 
VAL CG2 HG22 sing N N 335 
VAL CG2 HG23 sing N N 336 
VAL OXT HXT  sing N N 337 
# 
_pdbx_initial_refinement_model.id               1 
_pdbx_initial_refinement_model.entity_id_list   ? 
_pdbx_initial_refinement_model.type             'experimental model' 
_pdbx_initial_refinement_model.source_name      PDB 
_pdbx_initial_refinement_model.accession_code   2XRA 
_pdbx_initial_refinement_model.details          'PDB ENTRY 2XRA' 
# 
